data_1WYR
#
_entry.id   1WYR
#
_entity_poly.entity_id   1
_entity_poly.type   'polypeptide(L)'
_entity_poly.pdbx_seq_one_letter_code
;GSSGSSGEEQIVTWLISLGVLESPKKTICDPEEFLKSSLKNGVVLCKLINRLMPGSVEKFCLDPQTEADCINNINDFLKG
CATLQVEIFDPDDLYSGVNFSKVLSTLLAVNKATESGPSSG
;
_entity_poly.pdbx_strand_id   A
#
# COMPACT_ATOMS: atom_id res chain seq x y z
N GLY A 1 -19.77 16.76 8.32
CA GLY A 1 -18.70 15.82 8.55
C GLY A 1 -18.17 15.20 7.26
N SER A 2 -17.26 14.24 7.40
CA SER A 2 -16.68 13.59 6.24
C SER A 2 -16.48 14.58 5.09
N SER A 3 -15.87 15.72 5.40
CA SER A 3 -15.63 16.74 4.39
C SER A 3 -14.15 16.80 4.02
N GLY A 4 -13.82 16.30 2.84
CA GLY A 4 -12.45 16.31 2.38
C GLY A 4 -11.85 14.91 2.32
N SER A 5 -11.53 14.47 1.11
CA SER A 5 -10.95 13.15 0.91
C SER A 5 -9.58 13.04 1.56
N SER A 6 -9.56 12.59 2.81
CA SER A 6 -8.31 12.45 3.55
C SER A 6 -7.31 11.59 2.78
N GLY A 7 -7.73 10.37 2.43
CA GLY A 7 -6.87 9.47 1.69
C GLY A 7 -7.07 8.03 2.08
N GLU A 8 -7.13 7.76 3.38
CA GLU A 8 -7.33 6.41 3.88
C GLU A 8 -8.33 5.65 3.02
N GLU A 9 -9.55 6.18 2.95
CA GLU A 9 -10.61 5.55 2.17
C GLU A 9 -10.18 5.40 0.71
N GLN A 10 -9.59 6.44 0.15
CA GLN A 10 -9.13 6.41 -1.24
C GLN A 10 -8.21 5.22 -1.49
N ILE A 11 -7.34 4.94 -0.53
CA ILE A 11 -6.42 3.82 -0.64
C ILE A 11 -7.13 2.49 -0.45
N VAL A 12 -7.99 2.43 0.56
CA VAL A 12 -8.74 1.21 0.85
C VAL A 12 -9.50 0.72 -0.39
N THR A 13 -10.12 1.66 -1.10
CA THR A 13 -10.87 1.32 -2.30
C THR A 13 -9.95 1.19 -3.51
N TRP A 14 -8.87 1.96 -3.51
CA TRP A 14 -7.91 1.93 -4.61
C TRP A 14 -7.27 0.54 -4.73
N LEU A 15 -6.68 0.07 -3.65
CA LEU A 15 -6.05 -1.25 -3.64
C LEU A 15 -7.01 -2.33 -4.12
N ILE A 16 -8.17 -2.41 -3.47
CA ILE A 16 -9.18 -3.39 -3.83
C ILE A 16 -9.51 -3.32 -5.32
N SER A 17 -9.95 -2.15 -5.77
CA SER A 17 -10.30 -1.96 -7.17
C SER A 17 -9.27 -2.61 -8.09
N LEU A 18 -8.00 -2.49 -7.72
CA LEU A 18 -6.92 -3.07 -8.51
C LEU A 18 -6.95 -4.59 -8.44
N GLY A 19 -7.12 -5.11 -7.23
CA GLY A 19 -7.17 -6.56 -7.05
C GLY A 19 -6.05 -7.07 -6.17
N VAL A 20 -5.65 -6.26 -5.19
CA VAL A 20 -4.58 -6.64 -4.28
C VAL A 20 -5.09 -6.77 -2.85
N LEU A 21 -6.16 -6.05 -2.54
CA LEU A 21 -6.75 -6.08 -1.20
C LEU A 21 -8.14 -6.70 -1.24
N GLU A 22 -8.58 -7.23 -0.11
CA GLU A 22 -9.89 -7.86 -0.01
C GLU A 22 -10.99 -6.81 -0.10
N SER A 23 -12.16 -7.24 -0.59
CA SER A 23 -13.30 -6.34 -0.73
C SER A 23 -14.40 -6.68 0.27
N PRO A 24 -14.22 -6.21 1.51
CA PRO A 24 -15.18 -6.44 2.59
C PRO A 24 -16.49 -5.69 2.38
N LYS A 25 -17.58 -6.43 2.24
CA LYS A 25 -18.89 -5.83 2.04
C LYS A 25 -19.21 -4.82 3.15
N LYS A 26 -18.77 -5.13 4.36
CA LYS A 26 -19.01 -4.26 5.50
C LYS A 26 -18.19 -2.97 5.38
N THR A 27 -18.76 -1.87 5.86
CA THR A 27 -18.08 -0.58 5.81
C THR A 27 -17.09 -0.42 6.96
N ILE A 28 -15.95 0.17 6.66
CA ILE A 28 -14.91 0.39 7.67
C ILE A 28 -14.93 1.81 8.19
N CYS A 29 -15.39 1.99 9.41
CA CYS A 29 -15.46 3.31 10.03
C CYS A 29 -14.06 3.87 10.29
N ASP A 30 -13.20 3.02 10.84
CA ASP A 30 -11.84 3.43 11.14
C ASP A 30 -10.84 2.75 10.20
N PRO A 31 -10.72 3.31 8.98
CA PRO A 31 -9.81 2.78 7.96
C PRO A 31 -8.34 2.98 8.32
N GLU A 32 -8.09 3.90 9.26
CA GLU A 32 -6.73 4.19 9.68
C GLU A 32 -6.04 2.93 10.22
N GLU A 33 -6.74 2.20 11.07
CA GLU A 33 -6.21 0.97 11.66
C GLU A 33 -6.24 -0.17 10.64
N PHE A 34 -7.39 -0.35 10.00
CA PHE A 34 -7.55 -1.40 9.01
C PHE A 34 -6.44 -1.36 7.97
N LEU A 35 -6.04 -0.15 7.61
CA LEU A 35 -4.98 0.04 6.62
C LEU A 35 -3.62 -0.33 7.19
N LYS A 36 -3.20 0.39 8.23
CA LYS A 36 -1.91 0.13 8.88
C LYS A 36 -1.72 -1.36 9.10
N SER A 37 -2.75 -2.02 9.61
CA SER A 37 -2.68 -3.45 9.88
C SER A 37 -2.61 -4.25 8.58
N SER A 38 -3.35 -3.78 7.57
CA SER A 38 -3.38 -4.44 6.28
C SER A 38 -2.00 -4.42 5.62
N LEU A 39 -1.43 -3.23 5.52
CA LEU A 39 -0.12 -3.04 4.91
C LEU A 39 0.98 -3.60 5.81
N LYS A 40 0.71 -3.64 7.10
CA LYS A 40 1.67 -4.15 8.08
C LYS A 40 2.47 -5.31 7.50
N ASN A 41 1.80 -6.46 7.33
CA ASN A 41 2.45 -7.64 6.78
C ASN A 41 3.44 -7.26 5.68
N GLY A 42 2.97 -6.52 4.69
CA GLY A 42 3.83 -6.10 3.60
C GLY A 42 3.49 -6.80 2.29
N VAL A 43 2.94 -8.01 2.40
CA VAL A 43 2.57 -8.78 1.22
C VAL A 43 1.55 -8.03 0.37
N VAL A 44 0.73 -7.22 1.03
CA VAL A 44 -0.30 -6.45 0.33
C VAL A 44 0.33 -5.36 -0.54
N LEU A 45 1.44 -4.82 -0.08
CA LEU A 45 2.13 -3.76 -0.81
C LEU A 45 2.90 -4.35 -2.00
N CYS A 46 3.63 -5.43 -1.76
CA CYS A 46 4.41 -6.09 -2.80
C CYS A 46 3.53 -6.40 -4.01
N LYS A 47 2.33 -6.90 -3.75
CA LYS A 47 1.39 -7.24 -4.81
C LYS A 47 0.90 -6.00 -5.53
N LEU A 48 0.69 -4.93 -4.77
CA LEU A 48 0.22 -3.67 -5.33
C LEU A 48 1.12 -3.20 -6.47
N ILE A 49 2.34 -2.78 -6.13
CA ILE A 49 3.30 -2.33 -7.12
C ILE A 49 3.40 -3.30 -8.28
N ASN A 50 3.45 -4.59 -7.96
CA ASN A 50 3.56 -5.63 -8.97
C ASN A 50 2.50 -5.43 -10.06
N ARG A 51 1.31 -5.00 -9.65
CA ARG A 51 0.21 -4.77 -10.58
C ARG A 51 0.39 -3.43 -11.30
N LEU A 52 0.83 -2.42 -10.57
CA LEU A 52 1.04 -1.10 -11.13
C LEU A 52 2.06 -1.14 -12.26
N MET A 53 3.17 -1.83 -12.01
CA MET A 53 4.24 -1.95 -13.00
C MET A 53 4.64 -3.41 -13.20
N PRO A 54 4.89 -3.79 -14.46
CA PRO A 54 5.29 -5.16 -14.80
C PRO A 54 6.69 -5.50 -14.31
N GLY A 55 6.77 -6.37 -13.31
CA GLY A 55 8.05 -6.77 -12.76
C GLY A 55 8.57 -5.79 -11.73
N SER A 56 7.77 -5.56 -10.69
CA SER A 56 8.16 -4.64 -9.62
C SER A 56 8.82 -5.39 -8.47
N VAL A 57 8.29 -6.56 -8.14
CA VAL A 57 8.82 -7.37 -7.06
C VAL A 57 9.30 -8.73 -7.57
N GLU A 58 10.56 -9.05 -7.32
CA GLU A 58 11.13 -10.31 -7.75
C GLU A 58 10.45 -11.48 -7.05
N LYS A 59 10.23 -11.34 -5.75
CA LYS A 59 9.59 -12.38 -4.96
C LYS A 59 9.33 -11.91 -3.53
N PHE A 60 8.08 -11.99 -3.10
CA PHE A 60 7.70 -11.57 -1.77
C PHE A 60 7.05 -12.72 -0.99
N CYS A 61 6.76 -12.47 0.28
CA CYS A 61 6.14 -13.49 1.13
C CYS A 61 4.62 -13.37 1.09
N LEU A 62 3.96 -14.38 0.55
CA LEU A 62 2.51 -14.39 0.45
C LEU A 62 1.87 -14.56 1.83
N ASP A 63 2.33 -15.56 2.58
CA ASP A 63 1.82 -15.81 3.92
C ASP A 63 2.95 -15.83 4.95
N PRO A 64 3.37 -14.63 5.38
CA PRO A 64 4.45 -14.49 6.36
C PRO A 64 4.03 -14.96 7.75
N GLN A 65 4.66 -16.03 8.23
CA GLN A 65 4.35 -16.56 9.54
C GLN A 65 5.22 -15.91 10.62
N THR A 66 6.40 -15.43 10.21
CA THR A 66 7.32 -14.78 11.14
C THR A 66 7.56 -13.33 10.75
N GLU A 67 8.20 -12.58 11.64
CA GLU A 67 8.51 -11.18 11.38
C GLU A 67 9.42 -11.03 10.17
N ALA A 68 10.57 -11.69 10.22
CA ALA A 68 11.54 -11.63 9.13
C ALA A 68 10.84 -11.71 7.78
N ASP A 69 9.72 -12.43 7.74
CA ASP A 69 8.95 -12.58 6.50
C ASP A 69 8.14 -11.32 6.21
N CYS A 70 7.47 -10.80 7.23
CA CYS A 70 6.66 -9.60 7.08
C CYS A 70 7.51 -8.42 6.61
N ILE A 71 8.62 -8.19 7.31
CA ILE A 71 9.52 -7.10 6.96
C ILE A 71 10.03 -7.23 5.54
N ASN A 72 10.43 -8.44 5.16
CA ASN A 72 10.94 -8.70 3.82
C ASN A 72 9.97 -8.18 2.76
N ASN A 73 8.68 -8.36 2.99
CA ASN A 73 7.66 -7.91 2.06
C ASN A 73 7.73 -6.39 1.88
N ILE A 74 7.48 -5.66 2.96
CA ILE A 74 7.51 -4.20 2.93
C ILE A 74 8.71 -3.71 2.12
N ASN A 75 9.91 -4.04 2.59
CA ASN A 75 11.14 -3.63 1.92
C ASN A 75 11.01 -3.79 0.40
N ASP A 76 10.70 -5.01 -0.02
CA ASP A 76 10.55 -5.31 -1.44
C ASP A 76 9.75 -4.21 -2.15
N PHE A 77 8.52 -3.99 -1.68
CA PHE A 77 7.66 -2.97 -2.27
C PHE A 77 8.43 -1.68 -2.53
N LEU A 78 9.19 -1.24 -1.52
CA LEU A 78 9.97 -0.02 -1.64
C LEU A 78 10.88 -0.07 -2.87
N LYS A 79 11.51 -1.23 -3.08
CA LYS A 79 12.40 -1.40 -4.22
C LYS A 79 11.74 -0.95 -5.51
N GLY A 80 10.42 -1.13 -5.59
CA GLY A 80 9.69 -0.73 -6.78
C GLY A 80 9.28 0.73 -6.73
N CYS A 81 8.98 1.23 -5.55
CA CYS A 81 8.57 2.62 -5.37
C CYS A 81 9.67 3.57 -5.85
N ALA A 82 10.92 3.17 -5.64
CA ALA A 82 12.06 3.98 -6.05
C ALA A 82 11.98 4.35 -7.53
N THR A 83 11.20 3.57 -8.28
CA THR A 83 11.04 3.82 -9.71
C THR A 83 10.12 5.01 -9.97
N LEU A 84 9.11 5.16 -9.12
CA LEU A 84 8.16 6.26 -9.25
C LEU A 84 8.72 7.54 -8.64
N GLN A 85 9.78 7.40 -7.86
CA GLN A 85 10.41 8.55 -7.21
C GLN A 85 9.43 9.27 -6.30
N VAL A 86 8.76 8.50 -5.44
CA VAL A 86 7.79 9.07 -4.51
C VAL A 86 8.25 8.88 -3.06
N GLU A 87 7.76 9.74 -2.18
CA GLU A 87 8.11 9.67 -0.77
C GLU A 87 8.04 8.23 -0.26
N ILE A 88 9.06 7.83 0.49
CA ILE A 88 9.11 6.48 1.04
C ILE A 88 9.01 6.50 2.57
N PHE A 89 9.04 5.31 3.17
CA PHE A 89 8.96 5.19 4.62
C PHE A 89 9.80 4.02 5.11
N ASP A 90 9.90 3.89 6.43
CA ASP A 90 10.67 2.81 7.04
C ASP A 90 9.79 1.60 7.32
N PRO A 91 10.40 0.41 7.31
CA PRO A 91 9.68 -0.85 7.56
C PRO A 91 9.21 -0.98 9.01
N ASP A 92 9.68 -0.08 9.86
CA ASP A 92 9.30 -0.09 11.27
C ASP A 92 8.08 0.79 11.50
N ASP A 93 7.98 1.88 10.76
CA ASP A 93 6.86 2.81 10.89
C ASP A 93 5.55 2.13 10.54
N LEU A 94 5.62 1.16 9.63
CA LEU A 94 4.43 0.42 9.20
C LEU A 94 4.26 -0.85 10.02
N TYR A 95 5.32 -1.66 10.10
CA TYR A 95 5.27 -2.90 10.85
C TYR A 95 4.90 -2.65 12.31
N SER A 96 5.68 -1.81 12.97
CA SER A 96 5.43 -1.48 14.37
C SER A 96 4.20 -0.58 14.52
N GLY A 97 4.19 0.51 13.75
CA GLY A 97 3.07 1.43 13.80
C GLY A 97 3.42 2.71 14.54
N VAL A 98 4.54 3.32 14.18
CA VAL A 98 4.98 4.55 14.81
C VAL A 98 4.49 5.77 14.03
N ASN A 99 4.71 5.75 12.72
CA ASN A 99 4.29 6.86 11.86
C ASN A 99 3.58 6.34 10.61
N PHE A 100 2.26 6.52 10.56
CA PHE A 100 1.47 6.06 9.43
C PHE A 100 1.24 7.21 8.44
N SER A 101 1.25 8.43 8.94
CA SER A 101 1.04 9.61 8.11
C SER A 101 1.94 9.57 6.89
N LYS A 102 3.06 8.86 7.01
CA LYS A 102 4.01 8.75 5.91
C LYS A 102 3.65 7.58 5.00
N VAL A 103 3.28 6.46 5.60
CA VAL A 103 2.91 5.27 4.84
C VAL A 103 1.70 5.54 3.96
N LEU A 104 0.71 6.25 4.49
CA LEU A 104 -0.49 6.57 3.75
C LEU A 104 -0.17 7.45 2.55
N SER A 105 0.69 8.44 2.77
CA SER A 105 1.09 9.36 1.71
C SER A 105 1.87 8.63 0.62
N THR A 106 2.97 8.00 1.00
CA THR A 106 3.80 7.27 0.07
C THR A 106 2.95 6.54 -0.97
N LEU A 107 1.84 5.98 -0.54
CA LEU A 107 0.93 5.26 -1.43
C LEU A 107 0.07 6.24 -2.22
N LEU A 108 -0.40 7.29 -1.56
CA LEU A 108 -1.23 8.30 -2.20
C LEU A 108 -0.60 8.79 -3.51
N ALA A 109 0.69 9.11 -3.45
CA ALA A 109 1.42 9.58 -4.62
C ALA A 109 1.40 8.53 -5.74
N VAL A 110 1.90 7.34 -5.41
CA VAL A 110 1.95 6.25 -6.38
C VAL A 110 0.61 6.10 -7.11
N ASN A 111 -0.48 6.26 -6.37
CA ASN A 111 -1.82 6.15 -6.94
C ASN A 111 -2.07 7.26 -7.96
N LYS A 112 -1.54 8.44 -7.67
CA LYS A 112 -1.70 9.60 -8.56
C LYS A 112 -0.85 9.44 -9.81
N ALA A 113 0.32 8.83 -9.66
CA ALA A 113 1.23 8.62 -10.78
C ALA A 113 0.69 7.55 -11.72
N THR A 114 0.06 6.53 -11.15
CA THR A 114 -0.50 5.44 -11.95
C THR A 114 -1.67 5.92 -12.79
N GLU A 115 -2.57 6.66 -12.18
CA GLU A 115 -3.74 7.18 -12.88
C GLU A 115 -3.40 7.55 -14.32
N SER A 116 -4.14 6.99 -15.25
CA SER A 116 -3.91 7.25 -16.68
C SER A 116 -4.44 8.63 -17.06
N GLY A 117 -3.52 9.53 -17.42
CA GLY A 117 -3.91 10.87 -17.81
C GLY A 117 -4.23 10.98 -19.28
N PRO A 118 -3.21 11.29 -20.10
CA PRO A 118 -3.36 11.43 -21.55
C PRO A 118 -3.63 10.09 -22.23
N SER A 119 -4.73 10.02 -22.97
CA SER A 119 -5.11 8.81 -23.67
C SER A 119 -4.85 8.94 -25.17
N SER A 120 -5.37 10.02 -25.75
CA SER A 120 -5.21 10.26 -27.18
C SER A 120 -3.81 9.82 -27.65
N GLY A 121 -3.78 9.10 -28.78
CA GLY A 121 -2.51 8.63 -29.31
C GLY A 121 -1.72 7.85 -28.29
N GLY A 1 -22.19 15.15 4.99
CA GLY A 1 -20.80 15.57 4.95
C GLY A 1 -20.51 16.50 3.79
N SER A 2 -20.05 15.93 2.68
CA SER A 2 -19.73 16.72 1.50
C SER A 2 -18.77 17.85 1.84
N SER A 3 -17.73 17.53 2.60
CA SER A 3 -16.74 18.52 3.01
C SER A 3 -15.39 18.23 2.36
N GLY A 4 -14.98 16.97 2.40
CA GLY A 4 -13.70 16.59 1.81
C GLY A 4 -13.36 15.14 2.08
N SER A 5 -12.10 14.76 1.82
CA SER A 5 -11.65 13.41 2.03
C SER A 5 -10.14 13.36 2.26
N SER A 6 -9.73 12.75 3.36
CA SER A 6 -8.32 12.65 3.70
C SER A 6 -7.58 11.77 2.69
N GLY A 7 -8.01 10.52 2.57
CA GLY A 7 -7.38 9.59 1.64
C GLY A 7 -7.48 8.15 2.10
N GLU A 8 -7.41 7.94 3.41
CA GLU A 8 -7.50 6.60 3.96
C GLU A 8 -8.50 5.75 3.20
N GLU A 9 -9.69 6.31 2.96
CA GLU A 9 -10.74 5.59 2.23
C GLU A 9 -10.32 5.35 0.79
N GLN A 10 -9.69 6.35 0.18
CA GLN A 10 -9.25 6.24 -1.20
C GLN A 10 -8.33 5.04 -1.38
N ILE A 11 -7.36 4.91 -0.48
CA ILE A 11 -6.40 3.81 -0.54
C ILE A 11 -7.10 2.48 -0.36
N VAL A 12 -7.99 2.39 0.62
CA VAL A 12 -8.73 1.17 0.89
C VAL A 12 -9.45 0.67 -0.35
N THR A 13 -10.42 1.45 -0.82
CA THR A 13 -11.19 1.09 -2.01
C THR A 13 -10.27 0.89 -3.21
N TRP A 14 -9.22 1.70 -3.30
CA TRP A 14 -8.27 1.61 -4.39
C TRP A 14 -7.61 0.24 -4.44
N LEU A 15 -6.88 -0.09 -3.37
CA LEU A 15 -6.20 -1.37 -3.29
C LEU A 15 -7.11 -2.51 -3.73
N ILE A 16 -8.27 -2.61 -3.09
CA ILE A 16 -9.24 -3.65 -3.42
C ILE A 16 -9.55 -3.65 -4.91
N SER A 17 -9.99 -2.51 -5.42
CA SER A 17 -10.33 -2.40 -6.84
C SER A 17 -9.26 -3.05 -7.71
N LEU A 18 -8.01 -2.69 -7.48
CA LEU A 18 -6.90 -3.25 -8.24
C LEU A 18 -6.87 -4.77 -8.12
N GLY A 19 -7.17 -5.27 -6.93
CA GLY A 19 -7.17 -6.71 -6.72
C GLY A 19 -6.07 -7.16 -5.78
N VAL A 20 -5.74 -6.31 -4.81
CA VAL A 20 -4.69 -6.62 -3.84
C VAL A 20 -5.24 -6.60 -2.42
N LEU A 21 -6.49 -6.17 -2.27
CA LEU A 21 -7.12 -6.10 -0.96
C LEU A 21 -8.52 -6.71 -1.01
N GLU A 22 -8.81 -7.60 -0.05
CA GLU A 22 -10.11 -8.25 0.02
C GLU A 22 -11.24 -7.21 0.04
N SER A 23 -12.45 -7.67 -0.26
CA SER A 23 -13.61 -6.78 -0.26
C SER A 23 -14.64 -7.22 0.77
N PRO A 24 -14.41 -6.83 2.03
CA PRO A 24 -15.30 -7.18 3.14
C PRO A 24 -16.64 -6.43 3.06
N LYS A 25 -17.70 -7.19 2.83
CA LYS A 25 -19.04 -6.61 2.72
C LYS A 25 -19.20 -5.45 3.70
N LYS A 26 -18.80 -5.67 4.95
CA LYS A 26 -18.90 -4.65 5.99
C LYS A 26 -18.30 -3.33 5.50
N THR A 27 -18.49 -2.28 6.29
CA THR A 27 -17.97 -0.96 5.94
C THR A 27 -16.78 -0.59 6.82
N ILE A 28 -15.61 -0.50 6.21
CA ILE A 28 -14.40 -0.15 6.94
C ILE A 28 -14.64 1.01 7.89
N CYS A 29 -15.02 0.69 9.13
CA CYS A 29 -15.29 1.72 10.14
C CYS A 29 -14.00 2.39 10.58
N ASP A 30 -12.96 1.59 10.81
CA ASP A 30 -11.66 2.11 11.24
C ASP A 30 -10.62 1.92 10.15
N PRO A 31 -10.61 2.85 9.18
CA PRO A 31 -9.66 2.81 8.05
C PRO A 31 -8.24 3.12 8.49
N GLU A 32 -8.10 4.03 9.44
CA GLU A 32 -6.78 4.42 9.95
C GLU A 32 -6.03 3.20 10.48
N GLU A 33 -6.73 2.37 11.24
CA GLU A 33 -6.13 1.17 11.81
C GLU A 33 -6.13 0.03 10.80
N PHE A 34 -7.31 -0.31 10.30
CA PHE A 34 -7.45 -1.39 9.32
C PHE A 34 -6.32 -1.34 8.30
N LEU A 35 -6.14 -0.19 7.67
CA LEU A 35 -5.10 -0.02 6.67
C LEU A 35 -3.74 -0.43 7.22
N LYS A 36 -3.34 0.19 8.32
CA LYS A 36 -2.06 -0.12 8.95
C LYS A 36 -1.94 -1.62 9.23
N SER A 37 -3.08 -2.27 9.46
CA SER A 37 -3.10 -3.69 9.73
C SER A 37 -3.05 -4.50 8.44
N SER A 38 -3.57 -3.92 7.37
CA SER A 38 -3.59 -4.59 6.07
C SER A 38 -2.24 -4.46 5.37
N LEU A 39 -1.56 -3.34 5.62
CA LEU A 39 -0.25 -3.09 5.02
C LEU A 39 0.87 -3.68 5.88
N LYS A 40 0.62 -3.74 7.19
CA LYS A 40 1.60 -4.29 8.12
C LYS A 40 2.38 -5.44 7.49
N ASN A 41 1.69 -6.53 7.19
CA ASN A 41 2.31 -7.70 6.58
C ASN A 41 3.32 -7.28 5.52
N GLY A 42 2.91 -6.39 4.63
CA GLY A 42 3.78 -5.92 3.57
C GLY A 42 3.48 -6.57 2.24
N VAL A 43 3.03 -7.82 2.28
CA VAL A 43 2.71 -8.55 1.06
C VAL A 43 1.75 -7.75 0.18
N VAL A 44 0.76 -7.14 0.80
CA VAL A 44 -0.23 -6.34 0.08
C VAL A 44 0.44 -5.24 -0.73
N LEU A 45 1.41 -4.56 -0.11
CA LEU A 45 2.13 -3.48 -0.77
C LEU A 45 2.89 -4.01 -1.99
N CYS A 46 3.50 -5.17 -1.85
CA CYS A 46 4.26 -5.78 -2.93
C CYS A 46 3.34 -6.14 -4.10
N LYS A 47 2.13 -6.60 -3.78
CA LYS A 47 1.16 -6.98 -4.79
C LYS A 47 0.68 -5.76 -5.56
N LEU A 48 0.65 -4.61 -4.90
CA LEU A 48 0.21 -3.37 -5.52
C LEU A 48 1.17 -2.93 -6.61
N ILE A 49 2.36 -2.48 -6.20
CA ILE A 49 3.38 -2.04 -7.15
C ILE A 49 3.51 -3.01 -8.31
N ASN A 50 3.34 -4.30 -8.02
CA ASN A 50 3.44 -5.33 -9.05
C ASN A 50 2.36 -5.15 -10.11
N ARG A 51 1.17 -4.77 -9.67
CA ARG A 51 0.04 -4.56 -10.57
C ARG A 51 0.23 -3.27 -11.39
N LEU A 52 0.83 -2.26 -10.76
CA LEU A 52 1.06 -0.98 -11.42
C LEU A 52 2.13 -1.13 -12.50
N MET A 53 3.25 -1.75 -12.14
CA MET A 53 4.35 -1.95 -13.08
C MET A 53 4.70 -3.43 -13.21
N PRO A 54 4.90 -3.88 -14.45
CA PRO A 54 5.24 -5.29 -14.74
C PRO A 54 6.65 -5.64 -14.27
N GLY A 55 6.74 -6.45 -13.21
CA GLY A 55 8.03 -6.85 -12.70
C GLY A 55 8.60 -5.84 -11.71
N SER A 56 7.84 -5.55 -10.67
CA SER A 56 8.27 -4.60 -9.65
C SER A 56 9.00 -5.30 -8.51
N VAL A 57 8.36 -6.33 -7.95
CA VAL A 57 8.95 -7.09 -6.87
C VAL A 57 9.42 -8.46 -7.34
N GLU A 58 10.71 -8.74 -7.13
CA GLU A 58 11.28 -10.02 -7.54
C GLU A 58 10.51 -11.18 -6.92
N LYS A 59 10.63 -11.31 -5.60
CA LYS A 59 9.95 -12.39 -4.88
C LYS A 59 9.61 -11.96 -3.46
N PHE A 60 8.31 -11.88 -3.17
CA PHE A 60 7.85 -11.49 -1.85
C PHE A 60 7.11 -12.63 -1.15
N CYS A 61 6.85 -12.47 0.14
CA CYS A 61 6.16 -13.48 0.91
C CYS A 61 4.65 -13.27 0.88
N LEU A 62 3.93 -14.26 0.35
CA LEU A 62 2.48 -14.18 0.26
C LEU A 62 1.83 -14.40 1.61
N ASP A 63 2.38 -15.33 2.39
CA ASP A 63 1.85 -15.63 3.71
C ASP A 63 2.97 -15.69 4.74
N PRO A 64 3.40 -14.51 5.22
CA PRO A 64 4.47 -14.41 6.22
C PRO A 64 4.03 -14.93 7.59
N GLN A 65 4.49 -16.14 7.92
CA GLN A 65 4.15 -16.75 9.20
C GLN A 65 4.96 -16.13 10.33
N THR A 66 6.10 -15.52 9.98
CA THR A 66 6.97 -14.89 10.96
C THR A 66 7.27 -13.45 10.58
N GLU A 67 7.97 -12.74 11.46
CA GLU A 67 8.32 -11.35 11.22
C GLU A 67 9.27 -11.22 10.03
N ALA A 68 10.41 -11.92 10.12
CA ALA A 68 11.40 -11.89 9.05
C ALA A 68 10.73 -11.92 7.67
N ASP A 69 9.62 -12.63 7.58
CA ASP A 69 8.89 -12.74 6.32
C ASP A 69 8.12 -11.46 6.03
N CYS A 70 7.48 -10.91 7.06
CA CYS A 70 6.70 -9.69 6.91
C CYS A 70 7.60 -8.52 6.52
N ILE A 71 8.65 -8.30 7.31
CA ILE A 71 9.58 -7.21 7.05
C ILE A 71 10.11 -7.26 5.62
N ASN A 72 10.43 -8.47 5.16
CA ASN A 72 10.94 -8.65 3.81
C ASN A 72 9.98 -8.07 2.78
N ASN A 73 8.70 -8.37 2.94
CA ASN A 73 7.68 -7.87 2.02
C ASN A 73 7.73 -6.35 1.93
N ILE A 74 7.55 -5.69 3.06
CA ILE A 74 7.58 -4.23 3.10
C ILE A 74 8.76 -3.68 2.31
N ASN A 75 9.95 -4.20 2.59
CA ASN A 75 11.15 -3.76 1.90
C ASN A 75 11.04 -3.96 0.39
N ASP A 76 10.62 -5.16 -0.01
CA ASP A 76 10.45 -5.48 -1.43
C ASP A 76 9.65 -4.39 -2.14
N PHE A 77 8.49 -4.06 -1.57
CA PHE A 77 7.62 -3.04 -2.16
C PHE A 77 8.42 -1.76 -2.46
N LEU A 78 9.15 -1.28 -1.46
CA LEU A 78 9.95 -0.07 -1.61
C LEU A 78 10.82 -0.15 -2.87
N LYS A 79 11.55 -1.25 -3.00
CA LYS A 79 12.43 -1.45 -4.15
C LYS A 79 11.78 -0.93 -5.42
N GLY A 80 10.45 -0.98 -5.47
CA GLY A 80 9.73 -0.50 -6.64
C GLY A 80 9.43 0.98 -6.56
N CYS A 81 9.09 1.46 -5.37
CA CYS A 81 8.77 2.87 -5.18
C CYS A 81 9.87 3.76 -5.76
N ALA A 82 11.12 3.35 -5.58
CA ALA A 82 12.25 4.10 -6.09
C ALA A 82 12.05 4.48 -7.54
N THR A 83 11.51 3.56 -8.33
CA THR A 83 11.27 3.79 -9.74
C THR A 83 10.45 5.05 -9.96
N LEU A 84 9.31 5.13 -9.26
CA LEU A 84 8.43 6.28 -9.38
C LEU A 84 9.05 7.52 -8.72
N GLN A 85 10.13 7.30 -7.97
CA GLN A 85 10.81 8.38 -7.28
C GLN A 85 9.85 9.18 -6.41
N VAL A 86 9.01 8.47 -5.68
CA VAL A 86 8.03 9.11 -4.80
C VAL A 86 8.43 8.97 -3.34
N GLU A 87 7.67 9.61 -2.46
CA GLU A 87 7.94 9.55 -1.02
C GLU A 87 8.12 8.11 -0.56
N ILE A 88 8.75 7.95 0.60
CA ILE A 88 8.99 6.62 1.16
C ILE A 88 8.91 6.64 2.67
N PHE A 89 9.18 5.49 3.30
CA PHE A 89 9.14 5.38 4.75
C PHE A 89 9.97 4.19 5.22
N ASP A 90 10.00 3.98 6.53
CA ASP A 90 10.75 2.88 7.12
C ASP A 90 9.84 1.69 7.42
N PRO A 91 10.41 0.49 7.39
CA PRO A 91 9.67 -0.75 7.65
C PRO A 91 9.25 -0.88 9.11
N ASP A 92 9.76 0.02 9.95
CA ASP A 92 9.44 0.02 11.38
C ASP A 92 8.16 0.80 11.64
N ASP A 93 7.98 1.89 10.91
CA ASP A 93 6.80 2.73 11.08
C ASP A 93 5.52 1.93 10.80
N LEU A 94 5.47 1.30 9.63
CA LEU A 94 4.31 0.51 9.24
C LEU A 94 4.18 -0.73 10.11
N TYR A 95 5.22 -1.57 10.11
CA TYR A 95 5.22 -2.79 10.91
C TYR A 95 4.72 -2.52 12.32
N SER A 96 5.52 -1.79 13.10
CA SER A 96 5.16 -1.47 14.47
C SER A 96 3.94 -0.56 14.52
N GLY A 97 4.07 0.61 13.88
CA GLY A 97 2.98 1.56 13.87
C GLY A 97 3.35 2.90 14.48
N VAL A 98 4.55 3.38 14.17
CA VAL A 98 5.02 4.65 14.71
C VAL A 98 4.48 5.83 13.89
N ASN A 99 4.85 5.88 12.62
CA ASN A 99 4.40 6.96 11.75
C ASN A 99 3.70 6.39 10.51
N PHE A 100 2.38 6.49 10.50
CA PHE A 100 1.59 5.98 9.37
C PHE A 100 1.32 7.10 8.36
N SER A 101 1.05 8.30 8.85
CA SER A 101 0.78 9.43 7.99
C SER A 101 1.67 9.40 6.74
N LYS A 102 2.93 9.04 6.94
CA LYS A 102 3.88 8.97 5.84
C LYS A 102 3.49 7.87 4.86
N VAL A 103 3.38 6.65 5.36
CA VAL A 103 3.00 5.51 4.53
C VAL A 103 1.81 5.85 3.64
N LEU A 104 0.78 6.42 4.23
CA LEU A 104 -0.41 6.80 3.48
C LEU A 104 -0.06 7.67 2.28
N SER A 105 0.63 8.77 2.54
CA SER A 105 1.04 9.68 1.48
C SER A 105 1.84 8.96 0.40
N THR A 106 2.78 8.13 0.84
CA THR A 106 3.62 7.38 -0.08
C THR A 106 2.77 6.68 -1.15
N LEU A 107 1.75 5.95 -0.69
CA LEU A 107 0.87 5.23 -1.61
C LEU A 107 0.05 6.20 -2.45
N LEU A 108 -0.46 7.25 -1.81
CA LEU A 108 -1.26 8.25 -2.51
C LEU A 108 -0.54 8.75 -3.75
N ALA A 109 0.75 9.03 -3.62
CA ALA A 109 1.55 9.51 -4.73
C ALA A 109 1.63 8.47 -5.84
N VAL A 110 1.90 7.23 -5.47
CA VAL A 110 2.00 6.14 -6.42
C VAL A 110 0.76 6.06 -7.31
N ASN A 111 -0.41 6.05 -6.67
CA ASN A 111 -1.67 5.99 -7.40
C ASN A 111 -1.80 7.15 -8.37
N LYS A 112 -1.49 8.35 -7.89
CA LYS A 112 -1.57 9.55 -8.72
C LYS A 112 -0.55 9.50 -9.85
N ALA A 113 0.41 8.59 -9.73
CA ALA A 113 1.44 8.44 -10.75
C ALA A 113 1.18 7.22 -11.63
N THR A 114 0.31 6.33 -11.14
CA THR A 114 -0.04 5.12 -11.87
C THR A 114 -1.51 5.13 -12.29
N GLU A 115 -2.07 6.32 -12.42
CA GLU A 115 -3.47 6.46 -12.82
C GLU A 115 -3.61 7.41 -14.01
N SER A 116 -4.72 7.29 -14.72
CA SER A 116 -4.97 8.14 -15.88
C SER A 116 -6.02 9.21 -15.55
N GLY A 117 -5.62 10.47 -15.63
CA GLY A 117 -6.53 11.56 -15.35
C GLY A 117 -7.09 12.19 -16.60
N PRO A 118 -8.31 12.74 -16.49
CA PRO A 118 -9.00 13.38 -17.63
C PRO A 118 -8.33 14.70 -18.03
N SER A 119 -8.77 15.26 -19.15
CA SER A 119 -8.23 16.51 -19.64
C SER A 119 -8.02 17.50 -18.50
N SER A 120 -6.97 18.31 -18.60
CA SER A 120 -6.65 19.30 -17.58
C SER A 120 -7.81 20.30 -17.43
N GLY A 121 -8.56 20.17 -16.34
CA GLY A 121 -9.67 21.06 -16.11
C GLY A 121 -9.24 22.51 -16.03
N GLY A 1 -15.56 24.21 8.84
CA GLY A 1 -14.60 24.29 7.75
C GLY A 1 -14.47 22.98 7.01
N SER A 2 -13.89 23.04 5.81
CA SER A 2 -13.70 21.85 4.99
C SER A 2 -12.53 21.02 5.48
N SER A 3 -12.66 19.71 5.39
CA SER A 3 -11.60 18.80 5.83
C SER A 3 -10.73 18.37 4.66
N GLY A 4 -11.34 17.75 3.66
CA GLY A 4 -10.62 17.30 2.49
C GLY A 4 -10.95 15.88 2.10
N SER A 5 -10.34 15.39 1.03
CA SER A 5 -10.57 14.04 0.55
C SER A 5 -9.81 13.03 1.39
N SER A 6 -10.50 12.42 2.35
CA SER A 6 -9.88 11.43 3.23
C SER A 6 -9.05 10.43 2.43
N GLY A 7 -7.77 10.34 2.75
CA GLY A 7 -6.88 9.43 2.05
C GLY A 7 -7.07 7.99 2.49
N GLU A 8 -7.06 7.78 3.81
CA GLU A 8 -7.22 6.43 4.37
C GLU A 8 -8.26 5.65 3.57
N GLU A 9 -9.46 6.20 3.46
CA GLU A 9 -10.54 5.55 2.74
C GLU A 9 -10.18 5.38 1.26
N GLN A 10 -9.60 6.42 0.67
CA GLN A 10 -9.21 6.40 -0.74
C GLN A 10 -8.31 5.20 -1.02
N ILE A 11 -7.34 4.97 -0.14
CA ILE A 11 -6.41 3.87 -0.29
C ILE A 11 -7.13 2.53 -0.22
N VAL A 12 -7.90 2.34 0.85
CA VAL A 12 -8.66 1.09 1.04
C VAL A 12 -9.36 0.68 -0.25
N THR A 13 -10.26 1.52 -0.72
CA THR A 13 -11.02 1.25 -1.94
C THR A 13 -10.08 1.09 -3.13
N TRP A 14 -9.03 1.91 -3.17
CA TRP A 14 -8.07 1.86 -4.26
C TRP A 14 -7.46 0.46 -4.39
N LEU A 15 -6.74 0.04 -3.36
CA LEU A 15 -6.10 -1.27 -3.36
C LEU A 15 -7.06 -2.33 -3.92
N ILE A 16 -8.23 -2.45 -3.30
CA ILE A 16 -9.23 -3.42 -3.73
C ILE A 16 -9.54 -3.26 -5.22
N SER A 17 -9.79 -2.03 -5.63
CA SER A 17 -10.11 -1.75 -7.03
C SER A 17 -9.06 -2.36 -7.96
N LEU A 18 -7.80 -2.16 -7.61
CA LEU A 18 -6.70 -2.70 -8.42
C LEU A 18 -6.75 -4.22 -8.46
N GLY A 19 -7.09 -4.82 -7.32
CA GLY A 19 -7.16 -6.27 -7.25
C GLY A 19 -6.08 -6.86 -6.38
N VAL A 20 -5.72 -6.15 -5.31
CA VAL A 20 -4.68 -6.60 -4.40
C VAL A 20 -5.22 -6.76 -2.98
N LEU A 21 -6.32 -6.08 -2.71
CA LEU A 21 -6.94 -6.13 -1.38
C LEU A 21 -8.34 -6.73 -1.47
N GLU A 22 -8.60 -7.74 -0.63
CA GLU A 22 -9.90 -8.39 -0.61
C GLU A 22 -11.01 -7.40 -0.28
N SER A 23 -12.21 -7.69 -0.75
CA SER A 23 -13.36 -6.82 -0.50
C SER A 23 -14.30 -7.44 0.52
N PRO A 24 -14.04 -7.13 1.81
CA PRO A 24 -14.85 -7.64 2.93
C PRO A 24 -16.24 -7.01 2.95
N LYS A 25 -17.22 -7.80 3.37
CA LYS A 25 -18.60 -7.33 3.45
C LYS A 25 -18.85 -6.59 4.77
N LYS A 26 -17.94 -5.70 5.12
CA LYS A 26 -18.05 -4.92 6.35
C LYS A 26 -17.57 -3.50 6.15
N THR A 27 -18.23 -2.55 6.81
CA THR A 27 -17.86 -1.15 6.70
C THR A 27 -16.75 -0.78 7.68
N ILE A 28 -15.56 -0.51 7.15
CA ILE A 28 -14.43 -0.15 7.98
C ILE A 28 -14.46 1.32 8.34
N CYS A 29 -15.01 1.63 9.51
CA CYS A 29 -15.11 3.00 9.98
C CYS A 29 -13.72 3.56 10.29
N ASP A 30 -12.87 2.72 10.87
CA ASP A 30 -11.51 3.14 11.21
C ASP A 30 -10.49 2.47 10.30
N PRO A 31 -10.32 3.03 9.09
CA PRO A 31 -9.37 2.51 8.10
C PRO A 31 -7.92 2.72 8.51
N GLU A 32 -7.72 3.61 9.48
CA GLU A 32 -6.36 3.91 9.96
C GLU A 32 -5.67 2.65 10.44
N GLU A 33 -6.31 1.93 11.36
CA GLU A 33 -5.75 0.70 11.90
C GLU A 33 -5.80 -0.42 10.86
N PHE A 34 -6.97 -0.61 10.28
CA PHE A 34 -7.16 -1.66 9.27
C PHE A 34 -6.07 -1.59 8.22
N LEU A 35 -5.88 -0.42 7.61
CA LEU A 35 -4.87 -0.23 6.59
C LEU A 35 -3.48 -0.61 7.12
N LYS A 36 -3.16 -0.13 8.31
CA LYS A 36 -1.88 -0.43 8.93
C LYS A 36 -1.70 -1.94 9.13
N SER A 37 -2.78 -2.60 9.51
CA SER A 37 -2.75 -4.04 9.75
C SER A 37 -2.63 -4.80 8.43
N SER A 38 -3.29 -4.28 7.39
CA SER A 38 -3.26 -4.92 6.09
C SER A 38 -1.90 -4.76 5.43
N LEU A 39 -1.39 -3.54 5.43
CA LEU A 39 -0.07 -3.25 4.84
C LEU A 39 1.05 -3.83 5.70
N LYS A 40 0.85 -3.81 7.01
CA LYS A 40 1.84 -4.34 7.94
C LYS A 40 2.55 -5.55 7.35
N ASN A 41 1.80 -6.62 7.14
CA ASN A 41 2.35 -7.85 6.57
C ASN A 41 3.38 -7.54 5.50
N GLY A 42 3.04 -6.60 4.62
CA GLY A 42 3.94 -6.23 3.54
C GLY A 42 3.59 -6.90 2.23
N VAL A 43 3.07 -8.13 2.31
CA VAL A 43 2.70 -8.88 1.12
C VAL A 43 1.67 -8.12 0.29
N VAL A 44 0.78 -7.40 0.96
CA VAL A 44 -0.25 -6.63 0.30
C VAL A 44 0.36 -5.57 -0.63
N LEU A 45 1.45 -4.98 -0.17
CA LEU A 45 2.13 -3.95 -0.96
C LEU A 45 2.90 -4.57 -2.13
N CYS A 46 3.60 -5.66 -1.85
CA CYS A 46 4.37 -6.36 -2.88
C CYS A 46 3.49 -6.71 -4.07
N LYS A 47 2.23 -7.05 -3.79
CA LYS A 47 1.28 -7.42 -4.84
C LYS A 47 0.75 -6.17 -5.55
N LEU A 48 0.74 -5.05 -4.84
CA LEU A 48 0.26 -3.79 -5.41
C LEU A 48 1.20 -3.29 -6.50
N ILE A 49 2.41 -2.93 -6.11
CA ILE A 49 3.40 -2.43 -7.05
C ILE A 49 3.50 -3.35 -8.27
N ASN A 50 3.39 -4.65 -8.04
CA ASN A 50 3.46 -5.63 -9.11
C ASN A 50 2.37 -5.39 -10.14
N ARG A 51 1.17 -5.07 -9.66
CA ARG A 51 0.03 -4.82 -10.54
C ARG A 51 0.19 -3.48 -11.25
N LEU A 52 0.79 -2.52 -10.57
CA LEU A 52 1.01 -1.19 -11.14
C LEU A 52 2.03 -1.24 -12.26
N MET A 53 3.17 -1.88 -12.00
CA MET A 53 4.23 -2.00 -12.99
C MET A 53 4.59 -3.45 -13.22
N PRO A 54 4.80 -3.82 -14.49
CA PRO A 54 5.16 -5.18 -14.89
C PRO A 54 6.56 -5.57 -14.44
N GLY A 55 6.65 -6.44 -13.44
CA GLY A 55 7.94 -6.87 -12.94
C GLY A 55 8.50 -5.94 -11.87
N SER A 56 7.71 -5.74 -10.82
CA SER A 56 8.12 -4.87 -9.72
C SER A 56 8.88 -5.65 -8.65
N VAL A 57 8.29 -6.74 -8.19
CA VAL A 57 8.90 -7.58 -7.17
C VAL A 57 9.32 -8.93 -7.75
N GLU A 58 10.53 -9.37 -7.40
CA GLU A 58 11.04 -10.64 -7.89
C GLU A 58 10.40 -11.81 -7.14
N LYS A 59 10.52 -11.79 -5.81
CA LYS A 59 9.95 -12.84 -4.98
C LYS A 59 9.68 -12.34 -3.57
N PHE A 60 8.41 -12.31 -3.18
CA PHE A 60 8.02 -11.85 -1.86
C PHE A 60 7.34 -12.96 -1.07
N CYS A 61 7.05 -12.69 0.19
CA CYS A 61 6.39 -13.67 1.06
C CYS A 61 4.88 -13.48 1.03
N LEU A 62 4.18 -14.48 0.49
CA LEU A 62 2.73 -14.43 0.40
C LEU A 62 2.09 -14.66 1.77
N ASP A 63 2.59 -15.66 2.49
CA ASP A 63 2.07 -15.98 3.81
C ASP A 63 3.19 -15.96 4.86
N PRO A 64 3.52 -14.74 5.33
CA PRO A 64 4.58 -14.56 6.33
C PRO A 64 4.18 -15.10 7.70
N GLN A 65 4.64 -16.31 8.02
CA GLN A 65 4.33 -16.94 9.29
C GLN A 65 4.92 -16.14 10.45
N THR A 66 6.11 -15.58 10.23
CA THR A 66 6.79 -14.80 11.26
C THR A 66 7.07 -13.38 10.77
N GLU A 67 7.51 -12.51 11.68
CA GLU A 67 7.81 -11.14 11.34
C GLU A 67 8.84 -11.07 10.22
N ALA A 68 9.99 -11.69 10.44
CA ALA A 68 11.06 -11.71 9.45
C ALA A 68 10.50 -11.81 8.03
N ASP A 69 9.50 -12.66 7.86
CA ASP A 69 8.88 -12.86 6.56
C ASP A 69 8.06 -11.63 6.16
N CYS A 70 7.36 -11.05 7.13
CA CYS A 70 6.53 -9.87 6.89
C CYS A 70 7.40 -8.68 6.47
N ILE A 71 8.42 -8.38 7.27
CA ILE A 71 9.33 -7.28 6.98
C ILE A 71 9.88 -7.37 5.56
N ASN A 72 10.39 -8.55 5.21
CA ASN A 72 10.95 -8.76 3.88
C ASN A 72 9.99 -8.27 2.80
N ASN A 73 8.69 -8.48 3.03
CA ASN A 73 7.68 -8.05 2.07
C ASN A 73 7.68 -6.54 1.91
N ILE A 74 7.70 -5.83 3.02
CA ILE A 74 7.71 -4.37 3.01
C ILE A 74 8.87 -3.84 2.17
N ASN A 75 10.09 -4.22 2.55
CA ASN A 75 11.28 -3.79 1.84
C ASN A 75 11.12 -3.98 0.33
N ASP A 76 10.74 -5.20 -0.06
CA ASP A 76 10.55 -5.51 -1.47
C ASP A 76 9.72 -4.44 -2.17
N PHE A 77 8.57 -4.10 -1.56
CA PHE A 77 7.68 -3.09 -2.13
C PHE A 77 8.45 -1.79 -2.40
N LEU A 78 9.25 -1.37 -1.44
CA LEU A 78 10.03 -0.14 -1.58
C LEU A 78 10.97 -0.23 -2.77
N LYS A 79 11.62 -1.37 -2.93
CA LYS A 79 12.54 -1.59 -4.03
C LYS A 79 11.97 -1.03 -5.34
N GLY A 80 10.67 -1.21 -5.53
CA GLY A 80 10.03 -0.73 -6.74
C GLY A 80 9.59 0.72 -6.61
N CYS A 81 9.09 1.09 -5.43
CA CYS A 81 8.64 2.45 -5.19
C CYS A 81 9.69 3.47 -5.64
N ALA A 82 10.95 3.17 -5.35
CA ALA A 82 12.04 4.06 -5.72
C ALA A 82 11.90 4.52 -7.17
N THR A 83 11.54 3.60 -8.06
CA THR A 83 11.38 3.91 -9.47
C THR A 83 10.50 5.14 -9.66
N LEU A 84 9.42 5.22 -8.89
CA LEU A 84 8.50 6.35 -8.96
C LEU A 84 9.13 7.62 -8.38
N GLN A 85 10.09 7.43 -7.48
CA GLN A 85 10.77 8.55 -6.85
C GLN A 85 9.80 9.41 -6.04
N VAL A 86 9.00 8.75 -5.21
CA VAL A 86 8.02 9.45 -4.38
C VAL A 86 8.33 9.26 -2.90
N GLU A 87 7.61 10.00 -2.06
CA GLU A 87 7.80 9.91 -0.62
C GLU A 87 7.82 8.46 -0.14
N ILE A 88 8.88 8.08 0.57
CA ILE A 88 9.01 6.72 1.07
C ILE A 88 8.94 6.69 2.59
N PHE A 89 9.13 5.51 3.16
CA PHE A 89 9.09 5.34 4.61
C PHE A 89 9.85 4.09 5.04
N ASP A 90 10.01 3.91 6.34
CA ASP A 90 10.72 2.76 6.88
C ASP A 90 9.75 1.61 7.17
N PRO A 91 10.30 0.39 7.24
CA PRO A 91 9.51 -0.82 7.52
C PRO A 91 8.97 -0.86 8.94
N ASP A 92 9.42 0.10 9.76
CA ASP A 92 8.98 0.17 11.14
C ASP A 92 7.69 0.99 11.27
N ASP A 93 7.67 2.15 10.62
CA ASP A 93 6.51 3.02 10.66
C ASP A 93 5.26 2.28 10.17
N LEU A 94 5.46 1.34 9.26
CA LEU A 94 4.35 0.56 8.72
C LEU A 94 3.99 -0.61 9.64
N TYR A 95 5.02 -1.32 10.11
CA TYR A 95 4.81 -2.45 11.00
C TYR A 95 4.33 -1.99 12.36
N SER A 96 5.13 -1.17 13.04
CA SER A 96 4.79 -0.66 14.35
C SER A 96 3.66 0.37 14.26
N GLY A 97 3.96 1.51 13.63
CA GLY A 97 2.96 2.56 13.49
C GLY A 97 3.41 3.86 14.09
N VAL A 98 4.70 4.15 14.00
CA VAL A 98 5.25 5.38 14.56
C VAL A 98 4.84 6.59 13.73
N ASN A 99 5.07 6.52 12.43
CA ASN A 99 4.71 7.61 11.52
C ASN A 99 3.90 7.09 10.33
N PHE A 100 2.79 6.44 10.62
CA PHE A 100 1.93 5.88 9.58
C PHE A 100 1.55 6.96 8.56
N SER A 101 1.33 8.18 9.04
CA SER A 101 0.96 9.30 8.19
C SER A 101 1.72 9.22 6.86
N LYS A 102 2.99 8.84 6.93
CA LYS A 102 3.83 8.73 5.74
C LYS A 102 3.30 7.65 4.80
N VAL A 103 3.30 6.41 5.28
CA VAL A 103 2.81 5.29 4.49
C VAL A 103 1.58 5.68 3.67
N LEU A 104 0.71 6.47 4.27
CA LEU A 104 -0.50 6.93 3.60
C LEU A 104 -0.17 7.85 2.44
N SER A 105 0.59 8.91 2.73
CA SER A 105 0.98 9.87 1.70
C SER A 105 1.77 9.19 0.59
N THR A 106 2.54 8.17 0.96
CA THR A 106 3.35 7.44 0.00
C THR A 106 2.48 6.74 -1.04
N LEU A 107 1.42 6.07 -0.56
CA LEU A 107 0.51 5.37 -1.45
C LEU A 107 -0.35 6.33 -2.25
N LEU A 108 -0.56 7.52 -1.69
CA LEU A 108 -1.36 8.54 -2.36
C LEU A 108 -0.67 9.04 -3.62
N ALA A 109 0.64 9.26 -3.52
CA ALA A 109 1.42 9.73 -4.67
C ALA A 109 1.46 8.69 -5.77
N VAL A 110 1.79 7.45 -5.40
CA VAL A 110 1.87 6.36 -6.37
C VAL A 110 0.59 6.27 -7.19
N ASN A 111 -0.55 6.21 -6.50
CA ASN A 111 -1.84 6.12 -7.19
C ASN A 111 -1.98 7.20 -8.24
N LYS A 112 -1.54 8.41 -7.90
CA LYS A 112 -1.61 9.54 -8.82
C LYS A 112 -0.79 9.27 -10.09
N ALA A 113 0.48 8.95 -9.90
CA ALA A 113 1.37 8.66 -11.01
C ALA A 113 0.80 7.56 -11.90
N THR A 114 0.31 6.49 -11.27
CA THR A 114 -0.26 5.37 -12.00
C THR A 114 -1.50 5.78 -12.77
N GLU A 115 -2.39 6.51 -12.09
CA GLU A 115 -3.63 6.98 -12.71
C GLU A 115 -3.35 7.62 -14.07
N SER A 116 -4.07 7.17 -15.09
CA SER A 116 -3.90 7.70 -16.44
C SER A 116 -4.59 9.06 -16.59
N GLY A 117 -4.01 9.92 -17.41
CA GLY A 117 -4.58 11.24 -17.63
C GLY A 117 -4.00 11.93 -18.84
N PRO A 118 -2.95 12.73 -18.64
CA PRO A 118 -2.28 13.46 -19.71
C PRO A 118 -1.52 12.54 -20.65
N SER A 119 -1.98 12.46 -21.90
CA SER A 119 -1.35 11.62 -22.90
C SER A 119 -0.71 12.46 -24.00
N SER A 120 0.35 11.93 -24.60
CA SER A 120 1.06 12.64 -25.66
C SER A 120 0.27 12.59 -26.96
N GLY A 121 -0.04 11.38 -27.42
CA GLY A 121 -0.79 11.22 -28.64
C GLY A 121 -1.28 9.79 -28.84
N GLY A 1 -23.36 12.14 1.17
CA GLY A 1 -22.35 13.10 0.77
C GLY A 1 -20.94 12.62 1.06
N SER A 2 -19.95 13.35 0.57
CA SER A 2 -18.56 13.00 0.78
C SER A 2 -18.07 13.46 2.15
N SER A 3 -18.35 12.64 3.16
CA SER A 3 -17.95 12.96 4.54
C SER A 3 -16.70 12.17 4.93
N GLY A 4 -15.54 12.80 4.82
CA GLY A 4 -14.29 12.14 5.17
C GLY A 4 -13.55 11.61 3.95
N SER A 5 -12.77 12.47 3.32
CA SER A 5 -12.00 12.09 2.15
C SER A 5 -10.52 12.42 2.32
N SER A 6 -10.00 12.14 3.52
CA SER A 6 -8.60 12.41 3.82
C SER A 6 -7.69 11.60 2.89
N GLY A 7 -7.84 10.29 2.92
CA GLY A 7 -7.01 9.43 2.10
C GLY A 7 -7.15 7.96 2.46
N GLU A 8 -7.26 7.69 3.75
CA GLU A 8 -7.39 6.31 4.23
C GLU A 8 -8.39 5.54 3.38
N GLU A 9 -9.61 6.07 3.27
CA GLU A 9 -10.65 5.43 2.48
C GLU A 9 -10.24 5.30 1.02
N GLN A 10 -9.58 6.33 0.51
CA GLN A 10 -9.12 6.32 -0.88
C GLN A 10 -8.18 5.14 -1.15
N ILE A 11 -7.23 4.95 -0.25
CA ILE A 11 -6.28 3.86 -0.39
C ILE A 11 -6.96 2.50 -0.34
N VAL A 12 -7.90 2.36 0.60
CA VAL A 12 -8.64 1.11 0.74
C VAL A 12 -9.33 0.72 -0.56
N THR A 13 -10.24 1.57 -1.02
CA THR A 13 -10.97 1.33 -2.25
C THR A 13 -10.02 1.17 -3.43
N TRP A 14 -8.97 1.99 -3.46
CA TRP A 14 -7.99 1.95 -4.53
C TRP A 14 -7.37 0.55 -4.65
N LEU A 15 -6.80 0.07 -3.56
CA LEU A 15 -6.17 -1.24 -3.53
C LEU A 15 -7.11 -2.30 -4.11
N ILE A 16 -8.32 -2.37 -3.54
CA ILE A 16 -9.32 -3.34 -3.99
C ILE A 16 -9.61 -3.16 -5.47
N SER A 17 -10.04 -1.96 -5.85
CA SER A 17 -10.37 -1.67 -7.24
C SER A 17 -9.38 -2.36 -8.18
N LEU A 18 -8.10 -2.28 -7.85
CA LEU A 18 -7.06 -2.89 -8.67
C LEU A 18 -7.22 -4.41 -8.70
N GLY A 19 -7.43 -5.00 -7.53
CA GLY A 19 -7.59 -6.44 -7.44
C GLY A 19 -6.52 -7.10 -6.61
N VAL A 20 -6.11 -6.44 -5.53
CA VAL A 20 -5.08 -6.96 -4.65
C VAL A 20 -5.61 -7.14 -3.22
N LEU A 21 -6.42 -6.18 -2.79
CA LEU A 21 -7.00 -6.23 -1.45
C LEU A 21 -8.39 -6.85 -1.47
N GLU A 22 -8.75 -7.51 -0.38
CA GLU A 22 -10.06 -8.15 -0.27
C GLU A 22 -11.17 -7.11 -0.21
N SER A 23 -12.34 -7.48 -0.71
CA SER A 23 -13.49 -6.58 -0.72
C SER A 23 -14.57 -7.06 0.24
N PRO A 24 -14.37 -6.75 1.54
CA PRO A 24 -15.32 -7.14 2.59
C PRO A 24 -16.64 -6.38 2.49
N LYS A 25 -17.72 -7.11 2.21
CA LYS A 25 -19.04 -6.50 2.09
C LYS A 25 -19.21 -5.37 3.09
N LYS A 26 -19.03 -5.68 4.38
CA LYS A 26 -19.16 -4.69 5.43
C LYS A 26 -18.38 -3.43 5.09
N THR A 27 -18.61 -2.37 5.87
CA THR A 27 -17.92 -1.10 5.66
C THR A 27 -17.00 -0.76 6.81
N ILE A 28 -15.69 -0.79 6.56
CA ILE A 28 -14.71 -0.48 7.59
C ILE A 28 -14.81 0.97 8.03
N CYS A 29 -15.28 1.18 9.26
CA CYS A 29 -15.43 2.53 9.79
C CYS A 29 -14.07 3.14 10.08
N ASP A 30 -13.18 2.35 10.68
CA ASP A 30 -11.84 2.82 11.02
C ASP A 30 -10.80 2.19 10.10
N PRO A 31 -10.63 2.79 8.91
CA PRO A 31 -9.66 2.32 7.91
C PRO A 31 -8.23 2.54 8.35
N GLU A 32 -8.04 3.40 9.34
CA GLU A 32 -6.71 3.71 9.84
C GLU A 32 -6.01 2.45 10.36
N GLU A 33 -6.68 1.74 11.25
CA GLU A 33 -6.14 0.51 11.83
C GLU A 33 -6.17 -0.62 10.81
N PHE A 34 -7.28 -0.73 10.09
CA PHE A 34 -7.44 -1.78 9.08
C PHE A 34 -6.33 -1.70 8.04
N LEU A 35 -6.02 -0.48 7.60
CA LEU A 35 -4.99 -0.26 6.60
C LEU A 35 -3.60 -0.59 7.17
N LYS A 36 -3.34 -0.11 8.37
CA LYS A 36 -2.06 -0.35 9.04
C LYS A 36 -1.81 -1.84 9.19
N SER A 37 -2.87 -2.58 9.50
CA SER A 37 -2.76 -4.02 9.69
C SER A 37 -2.50 -4.74 8.36
N SER A 38 -3.15 -4.24 7.30
CA SER A 38 -3.01 -4.82 5.97
C SER A 38 -1.61 -4.58 5.42
N LEU A 39 -1.18 -3.32 5.45
CA LEU A 39 0.14 -2.95 4.96
C LEU A 39 1.24 -3.52 5.85
N LYS A 40 1.02 -3.47 7.16
CA LYS A 40 1.99 -3.99 8.12
C LYS A 40 2.69 -5.23 7.56
N ASN A 41 1.92 -6.24 7.20
CA ASN A 41 2.46 -7.47 6.65
C ASN A 41 3.41 -7.18 5.50
N GLY A 42 3.03 -6.23 4.65
CA GLY A 42 3.87 -5.87 3.51
C GLY A 42 3.50 -6.63 2.25
N VAL A 43 2.95 -7.83 2.43
CA VAL A 43 2.56 -8.66 1.29
C VAL A 43 1.54 -7.94 0.42
N VAL A 44 0.70 -7.11 1.05
CA VAL A 44 -0.33 -6.36 0.32
C VAL A 44 0.30 -5.33 -0.59
N LEU A 45 1.37 -4.69 -0.11
CA LEU A 45 2.06 -3.67 -0.90
C LEU A 45 2.83 -4.31 -2.06
N CYS A 46 3.46 -5.45 -1.79
CA CYS A 46 4.22 -6.15 -2.80
C CYS A 46 3.35 -6.51 -4.00
N LYS A 47 2.10 -6.89 -3.71
CA LYS A 47 1.15 -7.26 -4.76
C LYS A 47 0.65 -6.03 -5.50
N LEU A 48 0.62 -4.90 -4.81
CA LEU A 48 0.15 -3.64 -5.39
C LEU A 48 1.11 -3.16 -6.47
N ILE A 49 2.31 -2.78 -6.05
CA ILE A 49 3.33 -2.30 -6.99
C ILE A 49 3.49 -3.25 -8.16
N ASN A 50 3.23 -4.54 -7.92
CA ASN A 50 3.34 -5.56 -8.96
C ASN A 50 2.29 -5.33 -10.05
N ARG A 51 1.08 -5.01 -9.63
CA ARG A 51 -0.02 -4.77 -10.57
C ARG A 51 0.19 -3.47 -11.34
N LEU A 52 0.75 -2.48 -10.66
CA LEU A 52 1.01 -1.19 -11.28
C LEU A 52 2.08 -1.30 -12.36
N MET A 53 3.22 -1.89 -12.00
CA MET A 53 4.32 -2.07 -12.95
C MET A 53 4.63 -3.56 -13.15
N PRO A 54 4.79 -3.95 -14.41
CA PRO A 54 5.09 -5.34 -14.78
C PRO A 54 6.49 -5.75 -14.36
N GLY A 55 6.59 -6.43 -13.21
CA GLY A 55 7.88 -6.88 -12.73
C GLY A 55 8.45 -5.96 -11.65
N SER A 56 7.64 -5.69 -10.64
CA SER A 56 8.07 -4.81 -9.55
C SER A 56 8.79 -5.60 -8.45
N VAL A 57 8.07 -6.56 -7.86
CA VAL A 57 8.63 -7.39 -6.81
C VAL A 57 8.99 -8.77 -7.32
N GLU A 58 10.23 -9.20 -7.05
CA GLU A 58 10.69 -10.50 -7.50
C GLU A 58 9.94 -11.62 -6.78
N LYS A 59 10.16 -11.73 -5.47
CA LYS A 59 9.50 -12.76 -4.67
C LYS A 59 9.27 -12.28 -3.24
N PHE A 60 8.02 -12.13 -2.85
CA PHE A 60 7.68 -11.68 -1.51
C PHE A 60 7.03 -12.80 -0.70
N CYS A 61 6.65 -12.49 0.53
CA CYS A 61 6.02 -13.48 1.41
C CYS A 61 4.52 -13.29 1.44
N LEU A 62 3.79 -14.28 0.93
CA LEU A 62 2.33 -14.23 0.89
C LEU A 62 1.76 -14.27 2.30
N ASP A 63 2.20 -15.25 3.09
CA ASP A 63 1.73 -15.40 4.45
C ASP A 63 2.90 -15.47 5.44
N PRO A 64 3.37 -14.29 5.88
CA PRO A 64 4.49 -14.20 6.82
C PRO A 64 4.12 -14.70 8.22
N GLN A 65 4.55 -15.93 8.53
CA GLN A 65 4.27 -16.52 9.83
C GLN A 65 4.97 -15.76 10.94
N THR A 66 6.12 -15.19 10.64
CA THR A 66 6.89 -14.42 11.62
C THR A 66 7.22 -13.04 11.08
N GLU A 67 7.79 -12.20 11.95
CA GLU A 67 8.16 -10.84 11.57
C GLU A 67 9.13 -10.85 10.39
N ALA A 68 10.26 -11.54 10.56
CA ALA A 68 11.26 -11.63 9.51
C ALA A 68 10.61 -11.76 8.14
N ASP A 69 9.52 -12.52 8.07
CA ASP A 69 8.81 -12.73 6.82
C ASP A 69 8.13 -11.43 6.36
N CYS A 70 7.54 -10.72 7.31
CA CYS A 70 6.85 -9.47 7.00
C CYS A 70 7.83 -8.44 6.46
N ILE A 71 8.81 -8.08 7.28
CA ILE A 71 9.81 -7.10 6.87
C ILE A 71 10.24 -7.30 5.42
N ASN A 72 10.48 -8.55 5.05
CA ASN A 72 10.90 -8.89 3.70
C ASN A 72 9.93 -8.30 2.67
N ASN A 73 8.64 -8.41 2.95
CA ASN A 73 7.61 -7.89 2.07
C ASN A 73 7.72 -6.37 1.94
N ILE A 74 7.60 -5.69 3.07
CA ILE A 74 7.68 -4.22 3.09
C ILE A 74 8.85 -3.73 2.23
N ASN A 75 10.04 -4.27 2.49
CA ASN A 75 11.23 -3.88 1.73
C ASN A 75 11.01 -4.09 0.23
N ASP A 76 10.48 -5.25 -0.12
CA ASP A 76 10.23 -5.58 -1.52
C ASP A 76 9.41 -4.47 -2.19
N PHE A 77 8.31 -4.09 -1.55
CA PHE A 77 7.44 -3.06 -2.08
C PHE A 77 8.23 -1.81 -2.43
N LEU A 78 9.10 -1.39 -1.52
CA LEU A 78 9.93 -0.20 -1.73
C LEU A 78 10.76 -0.33 -3.01
N LYS A 79 11.43 -1.46 -3.15
CA LYS A 79 12.26 -1.72 -4.32
C LYS A 79 11.63 -1.11 -5.58
N GLY A 80 10.31 -1.12 -5.63
CA GLY A 80 9.61 -0.56 -6.78
C GLY A 80 9.28 0.91 -6.59
N CYS A 81 8.84 1.27 -5.39
CA CYS A 81 8.48 2.65 -5.09
C CYS A 81 9.56 3.61 -5.59
N ALA A 82 10.81 3.19 -5.46
CA ALA A 82 11.95 4.02 -5.89
C ALA A 82 11.74 4.51 -7.33
N THR A 83 11.34 3.59 -8.21
CA THR A 83 11.12 3.93 -9.61
C THR A 83 10.25 5.18 -9.73
N LEU A 84 9.23 5.28 -8.89
CA LEU A 84 8.33 6.43 -8.91
C LEU A 84 9.00 7.67 -8.34
N GLN A 85 10.02 7.46 -7.52
CA GLN A 85 10.77 8.56 -6.91
C GLN A 85 9.84 9.43 -6.07
N VAL A 86 8.97 8.80 -5.30
CA VAL A 86 8.03 9.53 -4.45
C VAL A 86 8.36 9.33 -2.97
N GLU A 87 7.65 10.04 -2.11
CA GLU A 87 7.87 9.95 -0.68
C GLU A 87 7.80 8.50 -0.21
N ILE A 88 8.79 8.09 0.59
CA ILE A 88 8.84 6.73 1.10
C ILE A 88 8.92 6.72 2.63
N PHE A 89 9.00 5.53 3.21
CA PHE A 89 9.09 5.39 4.66
C PHE A 89 10.00 4.23 5.04
N ASP A 90 10.11 3.98 6.33
CA ASP A 90 10.95 2.89 6.83
C ASP A 90 10.12 1.63 7.08
N PRO A 91 10.80 0.47 7.09
CA PRO A 91 10.14 -0.82 7.32
C PRO A 91 9.65 -0.98 8.75
N ASP A 92 10.03 -0.03 9.61
CA ASP A 92 9.63 -0.07 11.01
C ASP A 92 8.35 0.73 11.22
N ASP A 93 8.31 1.93 10.64
CA ASP A 93 7.14 2.80 10.77
C ASP A 93 5.86 2.05 10.42
N LEU A 94 5.89 1.34 9.30
CA LEU A 94 4.73 0.58 8.84
C LEU A 94 4.55 -0.69 9.68
N TYR A 95 5.56 -1.55 9.66
CA TYR A 95 5.51 -2.80 10.42
C TYR A 95 5.05 -2.56 11.85
N SER A 96 5.83 -1.76 12.59
CA SER A 96 5.50 -1.44 13.97
C SER A 96 4.26 -0.57 14.05
N GLY A 97 4.22 0.47 13.23
CA GLY A 97 3.08 1.37 13.22
C GLY A 97 3.33 2.63 14.03
N VAL A 98 4.50 3.24 13.82
CA VAL A 98 4.86 4.46 14.54
C VAL A 98 4.36 5.70 13.80
N ASN A 99 4.73 5.81 12.54
CA ASN A 99 4.31 6.94 11.72
C ASN A 99 3.57 6.47 10.47
N PHE A 100 2.24 6.54 10.52
CA PHE A 100 1.42 6.13 9.39
C PHE A 100 1.26 7.26 8.38
N SER A 101 1.05 8.48 8.89
CA SER A 101 0.88 9.65 8.04
C SER A 101 1.76 9.55 6.80
N LYS A 102 2.99 9.08 6.99
CA LYS A 102 3.93 8.94 5.89
C LYS A 102 3.49 7.82 4.94
N VAL A 103 3.30 6.62 5.50
CA VAL A 103 2.88 5.47 4.70
C VAL A 103 1.65 5.81 3.86
N LEU A 104 0.69 6.50 4.46
CA LEU A 104 -0.53 6.88 3.77
C LEU A 104 -0.22 7.77 2.56
N SER A 105 0.54 8.84 2.79
CA SER A 105 0.91 9.76 1.72
C SER A 105 1.68 9.03 0.63
N THR A 106 2.68 8.26 1.03
CA THR A 106 3.50 7.51 0.08
C THR A 106 2.63 6.83 -0.97
N LEU A 107 1.59 6.13 -0.52
CA LEU A 107 0.69 5.43 -1.43
C LEU A 107 -0.12 6.42 -2.27
N LEU A 108 -0.61 7.47 -1.61
CA LEU A 108 -1.39 8.49 -2.30
C LEU A 108 -0.69 8.96 -3.58
N ALA A 109 0.61 9.20 -3.48
CA ALA A 109 1.40 9.64 -4.62
C ALA A 109 1.42 8.58 -5.71
N VAL A 110 1.77 7.35 -5.32
CA VAL A 110 1.84 6.24 -6.27
C VAL A 110 0.58 6.18 -7.14
N ASN A 111 -0.58 6.19 -6.49
CA ASN A 111 -1.84 6.13 -7.20
C ASN A 111 -1.91 7.21 -8.28
N LYS A 112 -1.51 8.42 -7.93
CA LYS A 112 -1.52 9.54 -8.87
C LYS A 112 -0.53 9.29 -10.01
N ALA A 113 0.69 8.88 -9.66
CA ALA A 113 1.72 8.61 -10.64
C ALA A 113 1.26 7.56 -11.65
N THR A 114 0.53 6.56 -11.17
CA THR A 114 0.03 5.49 -12.02
C THR A 114 -1.07 6.01 -12.94
N GLU A 115 -1.95 6.85 -12.40
CA GLU A 115 -3.06 7.40 -13.17
C GLU A 115 -2.65 8.72 -13.83
N SER A 116 -3.42 9.14 -14.82
CA SER A 116 -3.15 10.39 -15.53
C SER A 116 -3.65 11.59 -14.74
N GLY A 117 -2.71 12.38 -14.20
CA GLY A 117 -3.09 13.55 -13.43
C GLY A 117 -2.04 14.64 -13.49
N PRO A 118 -2.10 15.46 -14.54
CA PRO A 118 -1.14 16.56 -14.74
C PRO A 118 -1.33 17.68 -13.72
N SER A 119 -2.32 17.51 -12.84
CA SER A 119 -2.60 18.51 -11.82
C SER A 119 -1.49 18.55 -10.77
N SER A 120 -0.98 19.75 -10.50
CA SER A 120 0.08 19.93 -9.52
C SER A 120 -0.27 21.03 -8.53
N GLY A 121 -0.02 20.78 -7.25
CA GLY A 121 -0.31 21.75 -6.23
C GLY A 121 -1.51 21.37 -5.39
N GLY A 1 -15.06 12.44 5.02
CA GLY A 1 -15.75 13.66 4.64
C GLY A 1 -16.37 13.58 3.26
N SER A 2 -15.65 14.07 2.26
CA SER A 2 -16.13 14.05 0.88
C SER A 2 -14.97 13.96 -0.11
N SER A 3 -15.23 13.36 -1.26
CA SER A 3 -14.22 13.21 -2.29
C SER A 3 -12.87 12.80 -1.67
N GLY A 4 -12.93 11.88 -0.70
CA GLY A 4 -11.72 11.42 -0.06
C GLY A 4 -10.83 12.56 0.39
N SER A 5 -11.07 13.06 1.60
CA SER A 5 -10.29 14.16 2.14
C SER A 5 -9.05 13.65 2.86
N SER A 6 -9.25 12.72 3.78
CA SER A 6 -8.15 12.14 4.55
C SER A 6 -7.25 11.30 3.64
N GLY A 7 -7.85 10.42 2.84
CA GLY A 7 -7.09 9.58 1.95
C GLY A 7 -7.19 8.11 2.31
N GLU A 8 -7.24 7.82 3.60
CA GLU A 8 -7.34 6.45 4.07
C GLU A 8 -8.33 5.65 3.23
N GLU A 9 -9.55 6.16 3.13
CA GLU A 9 -10.61 5.51 2.36
C GLU A 9 -10.17 5.32 0.91
N GLN A 10 -9.71 6.40 0.28
CA GLN A 10 -9.27 6.36 -1.10
C GLN A 10 -8.39 5.14 -1.36
N ILE A 11 -7.44 4.91 -0.45
CA ILE A 11 -6.52 3.78 -0.58
C ILE A 11 -7.27 2.46 -0.44
N VAL A 12 -7.99 2.30 0.67
CA VAL A 12 -8.75 1.08 0.92
C VAL A 12 -9.49 0.62 -0.33
N THR A 13 -10.35 1.49 -0.86
CA THR A 13 -11.10 1.18 -2.07
C THR A 13 -10.19 1.01 -3.27
N TRP A 14 -9.19 1.88 -3.38
CA TRP A 14 -8.24 1.83 -4.48
C TRP A 14 -7.62 0.44 -4.60
N LEU A 15 -6.94 0.01 -3.55
CA LEU A 15 -6.30 -1.30 -3.54
C LEU A 15 -7.25 -2.38 -4.03
N ILE A 16 -8.38 -2.53 -3.34
CA ILE A 16 -9.38 -3.53 -3.71
C ILE A 16 -9.70 -3.45 -5.20
N SER A 17 -10.09 -2.27 -5.66
CA SER A 17 -10.43 -2.05 -7.06
C SER A 17 -9.37 -2.69 -7.97
N LEU A 18 -8.11 -2.55 -7.59
CA LEU A 18 -7.02 -3.11 -8.38
C LEU A 18 -7.05 -4.63 -8.35
N GLY A 19 -7.30 -5.18 -7.17
CA GLY A 19 -7.35 -6.63 -7.03
C GLY A 19 -6.30 -7.17 -6.09
N VAL A 20 -5.99 -6.39 -5.05
CA VAL A 20 -4.99 -6.79 -4.07
C VAL A 20 -5.60 -6.94 -2.68
N LEU A 21 -6.42 -5.97 -2.30
CA LEU A 21 -7.06 -5.98 -0.99
C LEU A 21 -8.45 -6.62 -1.09
N GLU A 22 -8.82 -7.37 -0.05
CA GLU A 22 -10.11 -8.03 -0.01
C GLU A 22 -11.25 -7.01 0.02
N SER A 23 -12.46 -7.48 -0.31
CA SER A 23 -13.62 -6.61 -0.33
C SER A 23 -14.66 -7.07 0.69
N PRO A 24 -14.47 -6.70 1.96
CA PRO A 24 -15.38 -7.07 3.04
C PRO A 24 -16.72 -6.36 2.94
N LYS A 25 -17.80 -7.13 3.01
CA LYS A 25 -19.15 -6.57 2.93
C LYS A 25 -19.29 -5.36 3.84
N LYS A 26 -19.16 -5.58 5.15
CA LYS A 26 -19.28 -4.51 6.13
C LYS A 26 -18.50 -3.28 5.68
N THR A 27 -18.72 -2.17 6.37
CA THR A 27 -18.03 -0.92 6.03
C THR A 27 -17.02 -0.55 7.11
N ILE A 28 -15.76 -0.43 6.71
CA ILE A 28 -14.69 -0.09 7.65
C ILE A 28 -14.76 1.40 8.02
N CYS A 29 -15.31 1.68 9.20
CA CYS A 29 -15.43 3.05 9.67
C CYS A 29 -14.06 3.65 9.97
N ASP A 30 -13.21 2.87 10.62
CA ASP A 30 -11.86 3.31 10.96
C ASP A 30 -10.82 2.62 10.09
N PRO A 31 -10.63 3.15 8.88
CA PRO A 31 -9.66 2.61 7.92
C PRO A 31 -8.22 2.84 8.36
N GLU A 32 -8.03 3.76 9.31
CA GLU A 32 -6.70 4.07 9.81
C GLU A 32 -6.03 2.84 10.40
N GLU A 33 -6.71 2.21 11.35
CA GLU A 33 -6.19 1.00 12.00
C GLU A 33 -6.24 -0.20 11.05
N PHE A 34 -7.37 -0.34 10.35
CA PHE A 34 -7.55 -1.43 9.42
C PHE A 34 -6.40 -1.49 8.41
N LEU A 35 -6.24 -0.41 7.65
CA LEU A 35 -5.18 -0.32 6.65
C LEU A 35 -3.85 -0.78 7.22
N LYS A 36 -3.40 -0.10 8.27
CA LYS A 36 -2.14 -0.44 8.91
C LYS A 36 -2.04 -1.94 9.17
N SER A 37 -3.15 -2.53 9.57
CA SER A 37 -3.19 -3.97 9.85
C SER A 37 -2.96 -4.78 8.59
N SER A 38 -3.48 -4.28 7.46
CA SER A 38 -3.34 -4.96 6.18
C SER A 38 -1.93 -4.75 5.62
N LEU A 39 -1.53 -3.49 5.47
CA LEU A 39 -0.22 -3.16 4.94
C LEU A 39 0.88 -3.78 5.79
N LYS A 40 0.66 -3.81 7.10
CA LYS A 40 1.63 -4.38 8.03
C LYS A 40 2.35 -5.57 7.41
N ASN A 41 1.60 -6.63 7.13
CA ASN A 41 2.16 -7.84 6.54
C ASN A 41 3.21 -7.49 5.49
N GLY A 42 2.89 -6.51 4.64
CA GLY A 42 3.82 -6.10 3.61
C GLY A 42 3.55 -6.76 2.28
N VAL A 43 2.90 -7.92 2.32
CA VAL A 43 2.57 -8.67 1.11
C VAL A 43 1.59 -7.89 0.25
N VAL A 44 0.68 -7.16 0.89
CA VAL A 44 -0.32 -6.37 0.18
C VAL A 44 0.34 -5.26 -0.64
N LEU A 45 1.35 -4.62 -0.05
CA LEU A 45 2.07 -3.55 -0.72
C LEU A 45 2.85 -4.07 -1.92
N CYS A 46 3.48 -5.22 -1.74
CA CYS A 46 4.26 -5.84 -2.81
C CYS A 46 3.39 -6.18 -4.01
N LYS A 47 2.23 -6.79 -3.74
CA LYS A 47 1.30 -7.17 -4.79
C LYS A 47 0.78 -5.93 -5.53
N LEU A 48 0.65 -4.83 -4.80
CA LEU A 48 0.17 -3.58 -5.40
C LEU A 48 1.15 -3.05 -6.44
N ILE A 49 2.36 -2.73 -6.00
CA ILE A 49 3.39 -2.22 -6.89
C ILE A 49 3.52 -3.09 -8.13
N ASN A 50 3.25 -4.39 -7.97
CA ASN A 50 3.34 -5.33 -9.08
C ASN A 50 2.26 -5.05 -10.12
N ARG A 51 1.04 -4.82 -9.64
CA ARG A 51 -0.08 -4.53 -10.53
C ARG A 51 0.13 -3.22 -11.27
N LEU A 52 0.78 -2.28 -10.60
CA LEU A 52 1.04 -0.96 -11.20
C LEU A 52 2.15 -1.05 -12.25
N MET A 53 3.29 -1.59 -11.85
CA MET A 53 4.43 -1.74 -12.75
C MET A 53 4.83 -3.21 -12.90
N PRO A 54 4.93 -3.67 -14.14
CA PRO A 54 5.31 -5.05 -14.45
C PRO A 54 6.77 -5.34 -14.12
N GLY A 55 6.98 -6.15 -13.08
CA GLY A 55 8.33 -6.50 -12.67
C GLY A 55 8.87 -5.55 -11.62
N SER A 56 8.17 -5.43 -10.51
CA SER A 56 8.58 -4.55 -9.42
C SER A 56 9.30 -5.34 -8.33
N VAL A 57 8.64 -6.38 -7.82
CA VAL A 57 9.22 -7.21 -6.77
C VAL A 57 9.77 -8.50 -7.35
N GLU A 58 10.89 -8.96 -6.79
CA GLU A 58 11.52 -10.20 -7.25
C GLU A 58 10.87 -11.41 -6.60
N LYS A 59 10.72 -11.36 -5.28
CA LYS A 59 10.10 -12.46 -4.54
C LYS A 59 9.75 -12.03 -3.11
N PHE A 60 8.46 -11.97 -2.81
CA PHE A 60 8.01 -11.57 -1.49
C PHE A 60 7.36 -12.75 -0.77
N CYS A 61 6.85 -12.49 0.44
CA CYS A 61 6.21 -13.53 1.23
C CYS A 61 4.69 -13.36 1.22
N LEU A 62 4.01 -14.27 0.54
CA LEU A 62 2.56 -14.22 0.44
C LEU A 62 1.92 -14.32 1.82
N ASP A 63 2.45 -15.21 2.65
CA ASP A 63 1.94 -15.40 4.00
C ASP A 63 3.08 -15.43 5.02
N PRO A 64 3.51 -14.24 5.46
CA PRO A 64 4.60 -14.11 6.43
C PRO A 64 4.19 -14.59 7.82
N GLN A 65 4.61 -15.79 8.18
CA GLN A 65 4.29 -16.35 9.48
C GLN A 65 5.05 -15.65 10.59
N THR A 66 6.23 -15.13 10.25
CA THR A 66 7.06 -14.43 11.22
C THR A 66 7.44 -13.04 10.72
N GLU A 67 8.05 -12.24 11.59
CA GLU A 67 8.46 -10.89 11.23
C GLU A 67 9.38 -10.91 10.01
N ALA A 68 10.51 -11.60 10.15
CA ALA A 68 11.48 -11.70 9.06
C ALA A 68 10.78 -11.77 7.71
N ASP A 69 9.67 -12.50 7.66
CA ASP A 69 8.91 -12.64 6.42
C ASP A 69 8.13 -11.36 6.11
N CYS A 70 7.55 -10.76 7.13
CA CYS A 70 6.78 -9.54 6.95
C CYS A 70 7.68 -8.39 6.48
N ILE A 71 8.76 -8.15 7.21
CA ILE A 71 9.70 -7.10 6.87
C ILE A 71 10.15 -7.21 5.41
N ASN A 72 10.64 -8.39 5.05
CA ASN A 72 11.11 -8.64 3.69
C ASN A 72 10.13 -8.09 2.67
N ASN A 73 8.84 -8.24 2.95
CA ASN A 73 7.79 -7.75 2.06
C ASN A 73 7.85 -6.24 1.93
N ILE A 74 7.72 -5.54 3.05
CA ILE A 74 7.76 -4.09 3.06
C ILE A 74 8.94 -3.56 2.24
N ASN A 75 10.13 -4.06 2.54
CA ASN A 75 11.33 -3.65 1.82
C ASN A 75 11.18 -3.87 0.32
N ASP A 76 10.67 -5.05 -0.05
CA ASP A 76 10.47 -5.38 -1.45
C ASP A 76 9.66 -4.30 -2.16
N PHE A 77 8.54 -3.92 -1.55
CA PHE A 77 7.67 -2.89 -2.12
C PHE A 77 8.44 -1.62 -2.41
N LEU A 78 9.25 -1.18 -1.44
CA LEU A 78 10.04 0.03 -1.59
C LEU A 78 10.94 -0.06 -2.84
N LYS A 79 11.53 -1.23 -3.05
CA LYS A 79 12.40 -1.44 -4.20
C LYS A 79 11.73 -0.98 -5.48
N GLY A 80 10.41 -1.11 -5.55
CA GLY A 80 9.68 -0.69 -6.72
C GLY A 80 9.30 0.77 -6.68
N CYS A 81 8.93 1.26 -5.50
CA CYS A 81 8.54 2.65 -5.33
C CYS A 81 9.62 3.58 -5.85
N ALA A 82 10.87 3.21 -5.62
CA ALA A 82 12.01 4.02 -6.06
C ALA A 82 11.89 4.36 -7.54
N THR A 83 11.22 3.49 -8.29
CA THR A 83 11.04 3.69 -9.72
C THR A 83 10.25 4.97 -10.00
N LEU A 84 9.30 5.28 -9.13
CA LEU A 84 8.48 6.47 -9.28
C LEU A 84 9.12 7.67 -8.57
N GLN A 85 10.19 7.40 -7.84
CA GLN A 85 10.90 8.45 -7.12
C GLN A 85 9.99 9.12 -6.10
N VAL A 86 9.03 8.36 -5.59
CA VAL A 86 8.08 8.88 -4.60
C VAL A 86 8.60 8.68 -3.18
N GLU A 87 8.19 9.56 -2.27
CA GLU A 87 8.61 9.48 -0.88
C GLU A 87 8.45 8.05 -0.35
N ILE A 88 9.42 7.60 0.43
CA ILE A 88 9.39 6.26 1.00
C ILE A 88 9.42 6.32 2.52
N PHE A 89 9.17 5.17 3.16
CA PHE A 89 9.16 5.09 4.61
C PHE A 89 9.96 3.88 5.09
N ASP A 90 10.06 3.73 6.40
CA ASP A 90 10.79 2.61 6.99
C ASP A 90 9.86 1.44 7.29
N PRO A 91 10.42 0.23 7.32
CA PRO A 91 9.65 -0.99 7.61
C PRO A 91 9.18 -1.06 9.05
N ASP A 92 9.67 -0.13 9.87
CA ASP A 92 9.29 -0.09 11.29
C ASP A 92 8.02 0.75 11.48
N ASP A 93 7.99 1.90 10.84
CA ASP A 93 6.84 2.79 10.94
C ASP A 93 5.54 2.05 10.61
N LEU A 94 5.56 1.31 9.52
CA LEU A 94 4.38 0.55 9.10
C LEU A 94 4.20 -0.70 9.96
N TYR A 95 5.25 -1.49 10.07
CA TYR A 95 5.21 -2.71 10.87
C TYR A 95 4.77 -2.41 12.30
N SER A 96 5.57 -1.63 13.01
CA SER A 96 5.28 -1.27 14.39
C SER A 96 4.07 -0.35 14.45
N GLY A 97 4.05 0.66 13.59
CA GLY A 97 2.94 1.61 13.57
C GLY A 97 3.26 2.89 14.29
N VAL A 98 4.42 3.47 14.00
CA VAL A 98 4.84 4.71 14.65
C VAL A 98 4.45 5.92 13.79
N ASN A 99 4.75 5.84 12.49
CA ASN A 99 4.43 6.93 11.58
C ASN A 99 3.64 6.41 10.38
N PHE A 100 2.32 6.52 10.46
CA PHE A 100 1.45 6.07 9.38
C PHE A 100 1.30 7.15 8.31
N SER A 101 1.09 8.38 8.76
CA SER A 101 0.92 9.51 7.85
C SER A 101 1.79 9.34 6.61
N LYS A 102 3.00 8.86 6.81
CA LYS A 102 3.95 8.65 5.71
C LYS A 102 3.46 7.52 4.80
N VAL A 103 3.27 6.34 5.37
CA VAL A 103 2.82 5.18 4.61
C VAL A 103 1.60 5.54 3.75
N LEU A 104 0.69 6.33 4.32
CA LEU A 104 -0.51 6.73 3.61
C LEU A 104 -0.16 7.57 2.38
N SER A 105 0.65 8.61 2.59
CA SER A 105 1.05 9.49 1.50
C SER A 105 1.79 8.70 0.42
N THR A 106 2.84 7.98 0.83
CA THR A 106 3.63 7.18 -0.10
C THR A 106 2.74 6.50 -1.13
N LEU A 107 1.66 5.89 -0.66
CA LEU A 107 0.72 5.19 -1.55
C LEU A 107 -0.09 6.19 -2.36
N LEU A 108 -0.49 7.29 -1.72
CA LEU A 108 -1.28 8.32 -2.39
C LEU A 108 -0.59 8.79 -3.66
N ALA A 109 0.70 9.08 -3.55
CA ALA A 109 1.48 9.54 -4.70
C ALA A 109 1.49 8.50 -5.80
N VAL A 110 1.89 7.27 -5.46
CA VAL A 110 1.95 6.19 -6.43
C VAL A 110 0.67 6.11 -7.25
N ASN A 111 -0.47 6.13 -6.57
CA ASN A 111 -1.77 6.07 -7.25
C ASN A 111 -1.92 7.22 -8.23
N LYS A 112 -1.45 8.40 -7.84
CA LYS A 112 -1.55 9.58 -8.69
C LYS A 112 -0.66 9.42 -9.92
N ALA A 113 0.56 8.96 -9.71
CA ALA A 113 1.50 8.77 -10.82
C ALA A 113 0.96 7.76 -11.82
N THR A 114 0.36 6.68 -11.32
CA THR A 114 -0.20 5.65 -12.18
C THR A 114 -1.35 6.19 -13.03
N GLU A 115 -2.21 6.99 -12.40
CA GLU A 115 -3.34 7.58 -13.10
C GLU A 115 -2.92 8.11 -14.47
N SER A 116 -3.72 7.82 -15.48
CA SER A 116 -3.43 8.28 -16.84
C SER A 116 -2.13 7.67 -17.35
N GLY A 117 -1.94 6.38 -17.09
CA GLY A 117 -0.74 5.70 -17.53
C GLY A 117 -0.96 4.87 -18.78
N PRO A 118 -0.09 3.88 -19.00
CA PRO A 118 -0.18 2.99 -20.16
C PRO A 118 -1.38 2.06 -20.09
N SER A 119 -1.68 1.39 -21.21
CA SER A 119 -2.81 0.47 -21.28
C SER A 119 -4.11 1.18 -20.89
N SER A 120 -4.21 2.46 -21.24
CA SER A 120 -5.40 3.24 -20.92
C SER A 120 -5.59 3.36 -19.41
N GLY A 121 -4.48 3.55 -18.70
CA GLY A 121 -4.55 3.67 -17.25
C GLY A 121 -5.09 5.01 -16.81
N GLY A 1 -25.93 10.73 1.24
CA GLY A 1 -24.72 11.08 0.52
C GLY A 1 -23.47 10.72 1.29
N SER A 2 -22.34 11.29 0.87
CA SER A 2 -21.07 11.03 1.52
C SER A 2 -20.53 12.28 2.21
N SER A 3 -19.82 12.08 3.31
CA SER A 3 -19.25 13.19 4.07
C SER A 3 -17.83 13.48 3.63
N GLY A 4 -17.01 12.44 3.55
CA GLY A 4 -15.63 12.61 3.14
C GLY A 4 -14.67 11.78 3.98
N SER A 5 -13.39 11.82 3.61
CA SER A 5 -12.37 11.06 4.32
C SER A 5 -11.01 11.74 4.21
N SER A 6 -10.03 11.21 4.94
CA SER A 6 -8.69 11.77 4.92
C SER A 6 -7.74 10.90 4.10
N GLY A 7 -8.22 10.44 2.96
CA GLY A 7 -7.41 9.59 2.10
C GLY A 7 -7.52 8.12 2.46
N GLU A 8 -7.49 7.83 3.75
CA GLU A 8 -7.58 6.46 4.23
C GLU A 8 -8.51 5.63 3.34
N GLU A 9 -9.77 6.08 3.24
CA GLU A 9 -10.75 5.38 2.42
C GLU A 9 -10.30 5.31 0.96
N GLN A 10 -9.88 6.45 0.43
CA GLN A 10 -9.42 6.53 -0.95
C GLN A 10 -8.44 5.39 -1.27
N ILE A 11 -7.47 5.19 -0.39
CA ILE A 11 -6.48 4.14 -0.57
C ILE A 11 -7.13 2.76 -0.54
N VAL A 12 -7.88 2.49 0.53
CA VAL A 12 -8.55 1.20 0.69
C VAL A 12 -9.31 0.84 -0.58
N THR A 13 -10.13 1.77 -1.07
CA THR A 13 -10.91 1.55 -2.29
C THR A 13 -10.01 1.35 -3.50
N TRP A 14 -9.01 2.22 -3.63
CA TRP A 14 -8.08 2.12 -4.75
C TRP A 14 -7.50 0.73 -4.87
N LEU A 15 -6.81 0.29 -3.83
CA LEU A 15 -6.19 -1.03 -3.82
C LEU A 15 -7.18 -2.10 -4.29
N ILE A 16 -8.33 -2.15 -3.63
CA ILE A 16 -9.36 -3.12 -3.99
C ILE A 16 -9.72 -3.02 -5.46
N SER A 17 -10.11 -1.84 -5.90
CA SER A 17 -10.48 -1.61 -7.29
C SER A 17 -9.51 -2.31 -8.23
N LEU A 18 -8.22 -2.21 -7.92
CA LEU A 18 -7.19 -2.83 -8.74
C LEU A 18 -7.32 -4.35 -8.73
N GLY A 19 -7.53 -4.91 -7.54
CA GLY A 19 -7.68 -6.35 -7.40
C GLY A 19 -6.56 -6.96 -6.58
N VAL A 20 -6.14 -6.27 -5.53
CA VAL A 20 -5.08 -6.75 -4.66
C VAL A 20 -5.58 -6.94 -3.24
N LEU A 21 -6.35 -5.97 -2.75
CA LEU A 21 -6.90 -6.03 -1.40
C LEU A 21 -8.28 -6.66 -1.40
N GLU A 22 -8.68 -7.21 -0.26
CA GLU A 22 -9.98 -7.85 -0.12
C GLU A 22 -11.10 -6.81 -0.11
N SER A 23 -12.22 -7.14 -0.74
CA SER A 23 -13.36 -6.24 -0.80
C SER A 23 -14.49 -6.72 0.10
N PRO A 24 -14.37 -6.43 1.41
CA PRO A 24 -15.38 -6.82 2.39
C PRO A 24 -16.68 -6.04 2.24
N LYS A 25 -17.78 -6.77 2.04
CA LYS A 25 -19.09 -6.15 1.87
C LYS A 25 -19.32 -5.09 2.94
N LYS A 26 -19.10 -5.46 4.20
CA LYS A 26 -19.29 -4.52 5.30
C LYS A 26 -18.59 -3.20 5.02
N THR A 27 -18.74 -2.25 5.95
CA THR A 27 -18.13 -0.94 5.80
C THR A 27 -17.18 -0.64 6.96
N ILE A 28 -15.88 -0.53 6.66
CA ILE A 28 -14.89 -0.24 7.68
C ILE A 28 -15.00 1.20 8.16
N CYS A 29 -15.46 1.38 9.39
CA CYS A 29 -15.61 2.71 9.97
C CYS A 29 -14.25 3.31 10.30
N ASP A 30 -13.36 2.50 10.86
CA ASP A 30 -12.02 2.96 11.23
C ASP A 30 -10.98 2.35 10.30
N PRO A 31 -10.80 2.96 9.12
CA PRO A 31 -9.84 2.49 8.12
C PRO A 31 -8.39 2.73 8.56
N GLU A 32 -8.22 3.60 9.54
CA GLU A 32 -6.88 3.92 10.05
C GLU A 32 -6.18 2.66 10.54
N GLU A 33 -6.87 1.89 11.37
CA GLU A 33 -6.31 0.65 11.92
C GLU A 33 -6.30 -0.45 10.86
N PHE A 34 -7.43 -0.63 10.20
CA PHE A 34 -7.56 -1.66 9.17
C PHE A 34 -6.40 -1.59 8.19
N LEU A 35 -6.24 -0.44 7.54
CA LEU A 35 -5.16 -0.24 6.58
C LEU A 35 -3.83 -0.69 7.16
N LYS A 36 -3.42 -0.06 8.26
CA LYS A 36 -2.17 -0.40 8.92
C LYS A 36 -2.03 -1.90 9.12
N SER A 37 -3.12 -2.53 9.55
CA SER A 37 -3.13 -3.98 9.78
C SER A 37 -2.82 -4.73 8.50
N SER A 38 -3.33 -4.23 7.38
CA SER A 38 -3.09 -4.86 6.08
C SER A 38 -1.68 -4.58 5.58
N LEU A 39 -1.36 -3.31 5.40
CA LEU A 39 -0.03 -2.91 4.94
C LEU A 39 1.06 -3.50 5.83
N LYS A 40 0.82 -3.50 7.13
CA LYS A 40 1.78 -4.04 8.09
C LYS A 40 2.52 -5.24 7.50
N ASN A 41 1.78 -6.31 7.25
CA ASN A 41 2.37 -7.53 6.68
C ASN A 41 3.41 -7.19 5.62
N GLY A 42 3.04 -6.27 4.72
CA GLY A 42 3.96 -5.87 3.67
C GLY A 42 3.68 -6.59 2.36
N VAL A 43 3.01 -7.73 2.45
CA VAL A 43 2.68 -8.52 1.27
C VAL A 43 1.63 -7.82 0.41
N VAL A 44 0.77 -7.03 1.05
CA VAL A 44 -0.27 -6.30 0.36
C VAL A 44 0.32 -5.28 -0.61
N LEU A 45 1.44 -4.68 -0.22
CA LEU A 45 2.10 -3.69 -1.06
C LEU A 45 2.89 -4.36 -2.18
N CYS A 46 3.50 -5.49 -1.87
CA CYS A 46 4.29 -6.24 -2.84
C CYS A 46 3.42 -6.67 -4.02
N LYS A 47 2.15 -6.96 -3.75
CA LYS A 47 1.21 -7.38 -4.78
C LYS A 47 0.69 -6.18 -5.56
N LEU A 48 0.62 -5.03 -4.89
CA LEU A 48 0.14 -3.80 -5.53
C LEU A 48 1.14 -3.29 -6.56
N ILE A 49 2.32 -2.91 -6.09
CA ILE A 49 3.38 -2.41 -6.96
C ILE A 49 3.55 -3.29 -8.18
N ASN A 50 3.48 -4.61 -7.97
CA ASN A 50 3.62 -5.57 -9.05
C ASN A 50 2.63 -5.29 -10.17
N ARG A 51 1.40 -4.94 -9.79
CA ARG A 51 0.36 -4.64 -10.77
C ARG A 51 0.62 -3.30 -11.45
N LEU A 52 1.12 -2.34 -10.69
CA LEU A 52 1.41 -1.01 -11.22
C LEU A 52 2.53 -1.08 -12.26
N MET A 53 3.63 -1.73 -11.89
CA MET A 53 4.77 -1.87 -12.80
C MET A 53 5.10 -3.33 -13.03
N PRO A 54 5.34 -3.70 -14.29
CA PRO A 54 5.68 -5.08 -14.66
C PRO A 54 7.06 -5.49 -14.20
N GLY A 55 7.11 -6.33 -13.17
CA GLY A 55 8.38 -6.79 -12.65
C GLY A 55 8.86 -5.95 -11.48
N SER A 56 7.96 -5.69 -10.53
CA SER A 56 8.29 -4.89 -9.36
C SER A 56 8.95 -5.75 -8.28
N VAL A 57 8.25 -6.80 -7.86
CA VAL A 57 8.77 -7.70 -6.83
C VAL A 57 9.07 -9.08 -7.42
N GLU A 58 10.25 -9.60 -7.10
CA GLU A 58 10.66 -10.91 -7.59
C GLU A 58 9.90 -12.02 -6.88
N LYS A 59 10.12 -12.16 -5.58
CA LYS A 59 9.46 -13.18 -4.79
C LYS A 59 9.24 -12.69 -3.36
N PHE A 60 7.97 -12.53 -2.99
CA PHE A 60 7.63 -12.07 -1.64
C PHE A 60 6.97 -13.19 -0.84
N CYS A 61 6.65 -12.91 0.42
CA CYS A 61 6.02 -13.89 1.29
C CYS A 61 4.51 -13.68 1.35
N LEU A 62 3.77 -14.53 0.66
CA LEU A 62 2.31 -14.43 0.63
C LEU A 62 1.74 -14.39 2.04
N ASP A 63 2.23 -15.27 2.90
CA ASP A 63 1.78 -15.33 4.29
C ASP A 63 2.96 -15.42 5.25
N PRO A 64 3.42 -14.25 5.72
CA PRO A 64 4.55 -14.16 6.65
C PRO A 64 4.20 -14.70 8.03
N GLN A 65 4.75 -15.87 8.37
CA GLN A 65 4.50 -16.48 9.66
C GLN A 65 5.25 -15.76 10.77
N THR A 66 6.43 -15.23 10.44
CA THR A 66 7.24 -14.51 11.41
C THR A 66 7.55 -13.10 10.92
N GLU A 67 8.13 -12.28 11.80
CA GLU A 67 8.47 -10.91 11.46
C GLU A 67 9.41 -10.87 10.25
N ALA A 68 10.54 -11.55 10.37
CA ALA A 68 11.53 -11.60 9.30
C ALA A 68 10.84 -11.67 7.94
N ASP A 69 9.73 -12.38 7.88
CA ASP A 69 8.98 -12.54 6.64
C ASP A 69 8.25 -11.26 6.29
N CYS A 70 7.67 -10.61 7.30
CA CYS A 70 6.93 -9.37 7.09
C CYS A 70 7.85 -8.27 6.60
N ILE A 71 8.90 -7.99 7.34
CA ILE A 71 9.87 -6.96 6.98
C ILE A 71 10.32 -7.12 5.52
N ASN A 72 10.69 -8.35 5.17
CA ASN A 72 11.13 -8.64 3.80
C ASN A 72 10.13 -8.13 2.77
N ASN A 73 8.86 -8.42 3.00
CA ASN A 73 7.80 -7.98 2.10
C ASN A 73 7.89 -6.48 1.84
N ILE A 74 7.82 -5.71 2.92
CA ILE A 74 7.89 -4.25 2.82
C ILE A 74 9.10 -3.82 1.99
N ASN A 75 10.28 -4.26 2.40
CA ASN A 75 11.51 -3.91 1.70
C ASN A 75 11.40 -4.24 0.22
N ASP A 76 10.89 -5.43 -0.09
CA ASP A 76 10.73 -5.87 -1.47
C ASP A 76 9.87 -4.88 -2.25
N PHE A 77 8.73 -4.52 -1.68
CA PHE A 77 7.81 -3.58 -2.32
C PHE A 77 8.50 -2.25 -2.61
N LEU A 78 9.23 -1.75 -1.62
CA LEU A 78 9.95 -0.48 -1.76
C LEU A 78 10.85 -0.50 -2.99
N LYS A 79 11.61 -1.58 -3.15
CA LYS A 79 12.50 -1.71 -4.30
C LYS A 79 11.87 -1.14 -5.55
N GLY A 80 10.57 -1.34 -5.70
CA GLY A 80 9.86 -0.83 -6.86
C GLY A 80 9.46 0.62 -6.71
N CYS A 81 9.10 1.02 -5.49
CA CYS A 81 8.68 2.38 -5.21
C CYS A 81 9.73 3.37 -5.72
N ALA A 82 11.00 3.06 -5.51
CA ALA A 82 12.10 3.92 -5.95
C ALA A 82 11.89 4.36 -7.39
N THR A 83 11.62 3.41 -8.26
CA THR A 83 11.41 3.70 -9.68
C THR A 83 10.48 4.89 -9.86
N LEU A 84 9.43 4.94 -9.06
CA LEU A 84 8.47 6.04 -9.12
C LEU A 84 9.05 7.32 -8.54
N GLN A 85 10.05 7.17 -7.67
CA GLN A 85 10.69 8.31 -7.04
C GLN A 85 9.69 9.15 -6.26
N VAL A 86 8.94 8.50 -5.38
CA VAL A 86 7.93 9.18 -4.57
C VAL A 86 8.23 9.01 -3.09
N GLU A 87 7.48 9.73 -2.25
CA GLU A 87 7.66 9.66 -0.81
C GLU A 87 7.65 8.21 -0.33
N ILE A 88 8.61 7.89 0.55
CA ILE A 88 8.70 6.54 1.09
C ILE A 88 8.78 6.55 2.61
N PHE A 89 8.72 5.38 3.22
CA PHE A 89 8.76 5.26 4.67
C PHE A 89 9.72 4.15 5.09
N ASP A 90 9.85 3.95 6.40
CA ASP A 90 10.73 2.91 6.93
C ASP A 90 9.96 1.63 7.20
N PRO A 91 10.67 0.49 7.20
CA PRO A 91 10.07 -0.82 7.43
C PRO A 91 9.62 -0.99 8.89
N ASP A 92 10.00 -0.05 9.74
CA ASP A 92 9.63 -0.10 11.15
C ASP A 92 8.38 0.73 11.41
N ASP A 93 8.29 1.89 10.77
CA ASP A 93 7.14 2.77 10.93
C ASP A 93 5.85 2.03 10.62
N LEU A 94 5.81 1.37 9.46
CA LEU A 94 4.63 0.63 9.04
C LEU A 94 4.47 -0.65 9.85
N TYR A 95 5.47 -1.52 9.78
CA TYR A 95 5.44 -2.79 10.50
C TYR A 95 5.01 -2.56 11.96
N SER A 96 5.71 -1.66 12.63
CA SER A 96 5.41 -1.36 14.03
C SER A 96 4.17 -0.49 14.15
N GLY A 97 4.16 0.63 13.43
CA GLY A 97 3.03 1.53 13.46
C GLY A 97 3.32 2.81 14.21
N VAL A 98 4.49 3.39 13.95
CA VAL A 98 4.90 4.63 14.62
C VAL A 98 4.39 5.85 13.85
N ASN A 99 4.80 5.95 12.59
CA ASN A 99 4.38 7.07 11.75
C ASN A 99 3.61 6.58 10.53
N PHE A 100 2.28 6.62 10.63
CA PHE A 100 1.43 6.17 9.53
C PHE A 100 1.22 7.29 8.52
N SER A 101 0.97 8.50 9.02
CA SER A 101 0.75 9.65 8.16
C SER A 101 1.62 9.57 6.91
N LYS A 102 2.86 9.10 7.09
CA LYS A 102 3.79 8.98 5.97
C LYS A 102 3.36 7.85 5.03
N VAL A 103 3.24 6.64 5.57
CA VAL A 103 2.85 5.49 4.79
C VAL A 103 1.64 5.82 3.91
N LEU A 104 0.64 6.44 4.50
CA LEU A 104 -0.57 6.81 3.76
C LEU A 104 -0.24 7.64 2.54
N SER A 105 0.49 8.75 2.74
CA SER A 105 0.87 9.62 1.65
C SER A 105 1.67 8.85 0.59
N THR A 106 2.74 8.20 1.03
CA THR A 106 3.59 7.43 0.13
C THR A 106 2.76 6.75 -0.96
N LEU A 107 1.63 6.20 -0.57
CA LEU A 107 0.73 5.52 -1.51
C LEU A 107 -0.08 6.52 -2.31
N LEU A 108 -0.57 7.56 -1.63
CA LEU A 108 -1.37 8.60 -2.28
C LEU A 108 -0.67 9.11 -3.54
N ALA A 109 0.63 9.36 -3.43
CA ALA A 109 1.42 9.85 -4.56
C ALA A 109 1.46 8.82 -5.69
N VAL A 110 1.77 7.58 -5.34
CA VAL A 110 1.84 6.50 -6.33
C VAL A 110 0.57 6.46 -7.17
N ASN A 111 -0.58 6.42 -6.50
CA ASN A 111 -1.86 6.36 -7.19
C ASN A 111 -1.97 7.47 -8.23
N LYS A 112 -1.54 8.68 -7.85
CA LYS A 112 -1.58 9.82 -8.76
C LYS A 112 -0.82 9.52 -10.05
N ALA A 113 0.43 9.11 -9.90
CA ALA A 113 1.27 8.79 -11.05
C ALA A 113 0.68 7.64 -11.86
N THR A 114 0.30 6.57 -11.16
CA THR A 114 -0.28 5.40 -11.81
C THR A 114 -1.79 5.55 -11.99
N GLU A 115 -2.24 6.79 -12.20
CA GLU A 115 -3.66 7.07 -12.38
C GLU A 115 -4.11 6.71 -13.79
N SER A 116 -3.29 7.04 -14.77
CA SER A 116 -3.60 6.75 -16.17
C SER A 116 -4.26 5.39 -16.31
N GLY A 117 -5.50 5.37 -16.79
CA GLY A 117 -6.21 4.12 -16.96
C GLY A 117 -6.67 3.91 -18.39
N PRO A 118 -5.72 3.77 -19.31
CA PRO A 118 -6.01 3.56 -20.73
C PRO A 118 -6.62 2.19 -21.00
N SER A 119 -6.05 1.16 -20.38
CA SER A 119 -6.53 -0.20 -20.56
C SER A 119 -7.92 -0.38 -19.95
N SER A 120 -8.94 -0.19 -20.77
CA SER A 120 -10.32 -0.32 -20.31
C SER A 120 -10.70 -1.78 -20.11
N GLY A 121 -10.67 -2.23 -18.86
CA GLY A 121 -11.01 -3.61 -18.57
C GLY A 121 -9.91 -4.33 -17.82
N GLY A 1 -14.98 20.92 -1.07
CA GLY A 1 -14.48 19.89 -0.18
C GLY A 1 -15.58 19.00 0.36
N SER A 2 -15.21 17.77 0.74
CA SER A 2 -16.18 16.82 1.26
C SER A 2 -15.81 16.39 2.68
N SER A 3 -16.69 16.69 3.63
CA SER A 3 -16.46 16.33 5.03
C SER A 3 -16.69 14.85 5.26
N GLY A 4 -16.08 14.32 6.31
CA GLY A 4 -16.23 12.91 6.63
C GLY A 4 -15.21 12.04 5.93
N SER A 5 -15.35 11.89 4.62
CA SER A 5 -14.42 11.07 3.85
C SER A 5 -12.98 11.36 4.24
N SER A 6 -12.08 10.46 3.85
CA SER A 6 -10.66 10.61 4.16
C SER A 6 -9.80 9.77 3.23
N GLY A 7 -8.55 10.18 3.06
CA GLY A 7 -7.64 9.44 2.19
C GLY A 7 -7.55 7.98 2.56
N GLU A 8 -7.59 7.69 3.85
CA GLU A 8 -7.51 6.31 4.33
C GLU A 8 -8.43 5.40 3.53
N GLU A 9 -9.66 5.86 3.31
CA GLU A 9 -10.65 5.08 2.56
C GLU A 9 -10.24 4.98 1.09
N GLN A 10 -9.77 6.09 0.53
CA GLN A 10 -9.35 6.11 -0.87
C GLN A 10 -8.36 5.00 -1.17
N ILE A 11 -7.46 4.75 -0.22
CA ILE A 11 -6.45 3.71 -0.39
C ILE A 11 -7.08 2.32 -0.27
N VAL A 12 -7.83 2.09 0.80
CA VAL A 12 -8.49 0.81 1.02
C VAL A 12 -9.24 0.37 -0.23
N THR A 13 -10.19 1.19 -0.67
CA THR A 13 -10.98 0.88 -1.85
C THR A 13 -10.10 0.73 -3.09
N TRP A 14 -9.05 1.55 -3.16
CA TRP A 14 -8.13 1.52 -4.29
C TRP A 14 -7.51 0.14 -4.44
N LEU A 15 -6.68 -0.25 -3.46
CA LEU A 15 -6.01 -1.55 -3.50
C LEU A 15 -6.99 -2.64 -3.92
N ILE A 16 -8.12 -2.73 -3.21
CA ILE A 16 -9.13 -3.74 -3.51
C ILE A 16 -9.65 -3.59 -4.93
N SER A 17 -9.89 -2.35 -5.34
CA SER A 17 -10.40 -2.07 -6.67
C SER A 17 -9.49 -2.68 -7.74
N LEU A 18 -8.19 -2.47 -7.58
CA LEU A 18 -7.21 -3.00 -8.53
C LEU A 18 -7.26 -4.52 -8.56
N GLY A 19 -7.47 -5.13 -7.40
CA GLY A 19 -7.55 -6.58 -7.33
C GLY A 19 -6.32 -7.19 -6.67
N VAL A 20 -5.82 -6.52 -5.64
CA VAL A 20 -4.64 -7.00 -4.92
C VAL A 20 -4.98 -7.34 -3.48
N LEU A 21 -5.97 -6.65 -2.93
CA LEU A 21 -6.39 -6.89 -1.55
C LEU A 21 -7.86 -7.31 -1.50
N GLU A 22 -8.11 -8.52 -1.01
CA GLU A 22 -9.47 -9.04 -0.90
C GLU A 22 -10.35 -8.10 -0.08
N SER A 23 -11.49 -7.74 -0.63
CA SER A 23 -12.42 -6.84 0.05
C SER A 23 -13.04 -7.53 1.27
N PRO A 24 -13.16 -6.79 2.38
CA PRO A 24 -13.73 -7.30 3.62
C PRO A 24 -15.23 -7.54 3.51
N LYS A 25 -15.83 -6.98 2.47
CA LYS A 25 -17.27 -7.14 2.25
C LYS A 25 -18.06 -6.52 3.39
N LYS A 26 -17.62 -5.36 3.86
CA LYS A 26 -18.29 -4.66 4.95
C LYS A 26 -17.96 -3.18 4.94
N THR A 27 -18.70 -2.40 5.71
CA THR A 27 -18.48 -0.97 5.80
C THR A 27 -17.50 -0.62 6.92
N ILE A 28 -16.30 -0.20 6.55
CA ILE A 28 -15.28 0.16 7.53
C ILE A 28 -15.33 1.65 7.86
N CYS A 29 -15.77 1.97 9.07
CA CYS A 29 -15.86 3.37 9.50
C CYS A 29 -14.50 3.90 9.91
N ASP A 30 -13.58 2.99 10.19
CA ASP A 30 -12.23 3.37 10.60
C ASP A 30 -11.18 2.66 9.75
N PRO A 31 -10.93 3.19 8.55
CA PRO A 31 -9.96 2.64 7.61
C PRO A 31 -8.52 2.80 8.09
N GLU A 32 -8.33 3.73 9.04
CA GLU A 32 -7.01 4.00 9.58
C GLU A 32 -6.35 2.71 10.09
N GLU A 33 -7.01 2.05 11.02
CA GLU A 33 -6.49 0.81 11.59
C GLU A 33 -6.48 -0.30 10.54
N PHE A 34 -7.64 -0.61 10.00
CA PHE A 34 -7.76 -1.65 8.98
C PHE A 34 -6.57 -1.62 8.02
N LEU A 35 -6.19 -0.42 7.61
CA LEU A 35 -5.07 -0.24 6.69
C LEU A 35 -3.75 -0.65 7.36
N LYS A 36 -3.36 0.10 8.37
CA LYS A 36 -2.13 -0.17 9.10
C LYS A 36 -1.99 -1.67 9.39
N SER A 37 -3.13 -2.34 9.52
CA SER A 37 -3.15 -3.77 9.81
C SER A 37 -2.87 -4.58 8.55
N SER A 38 -3.34 -4.08 7.41
CA SER A 38 -3.15 -4.76 6.13
C SER A 38 -1.74 -4.49 5.59
N LEU A 39 -1.43 -3.21 5.40
CA LEU A 39 -0.12 -2.81 4.88
C LEU A 39 1.00 -3.41 5.72
N LYS A 40 0.71 -3.67 6.99
CA LYS A 40 1.69 -4.24 7.90
C LYS A 40 2.37 -5.45 7.27
N ASN A 41 1.59 -6.51 7.05
CA ASN A 41 2.12 -7.74 6.46
C ASN A 41 3.16 -7.41 5.38
N GLY A 42 2.82 -6.47 4.52
CA GLY A 42 3.72 -6.09 3.45
C GLY A 42 3.41 -6.78 2.14
N VAL A 43 2.75 -7.93 2.22
CA VAL A 43 2.39 -8.70 1.04
C VAL A 43 1.42 -7.91 0.17
N VAL A 44 0.59 -7.10 0.79
CA VAL A 44 -0.39 -6.29 0.07
C VAL A 44 0.29 -5.22 -0.77
N LEU A 45 1.29 -4.56 -0.19
CA LEU A 45 2.03 -3.51 -0.89
C LEU A 45 2.82 -4.09 -2.06
N CYS A 46 3.41 -5.26 -1.84
CA CYS A 46 4.19 -5.92 -2.87
C CYS A 46 3.32 -6.27 -4.08
N LYS A 47 2.15 -6.82 -3.82
CA LYS A 47 1.23 -7.20 -4.89
C LYS A 47 0.75 -5.96 -5.65
N LEU A 48 0.81 -4.81 -5.01
CA LEU A 48 0.39 -3.56 -5.62
C LEU A 48 1.40 -3.11 -6.67
N ILE A 49 2.55 -2.65 -6.21
CA ILE A 49 3.61 -2.18 -7.11
C ILE A 49 3.67 -3.04 -8.37
N ASN A 50 3.41 -4.34 -8.21
CA ASN A 50 3.44 -5.27 -9.33
C ASN A 50 2.33 -4.93 -10.34
N ARG A 51 1.11 -4.79 -9.84
CA ARG A 51 -0.02 -4.48 -10.69
C ARG A 51 0.16 -3.12 -11.38
N LEU A 52 0.87 -2.21 -10.71
CA LEU A 52 1.12 -0.89 -11.25
C LEU A 52 2.21 -0.94 -12.31
N MET A 53 3.27 -1.70 -12.04
CA MET A 53 4.38 -1.83 -12.97
C MET A 53 4.74 -3.30 -13.19
N PRO A 54 4.95 -3.69 -14.45
CA PRO A 54 5.31 -5.06 -14.81
C PRO A 54 6.72 -5.43 -14.37
N GLY A 55 6.80 -6.28 -13.35
CA GLY A 55 8.10 -6.69 -12.83
C GLY A 55 8.63 -5.76 -11.77
N SER A 56 7.84 -5.56 -10.71
CA SER A 56 8.24 -4.69 -9.61
C SER A 56 8.96 -5.48 -8.52
N VAL A 57 8.30 -6.53 -8.03
CA VAL A 57 8.87 -7.36 -6.98
C VAL A 57 9.32 -8.71 -7.53
N GLU A 58 10.50 -9.16 -7.13
CA GLU A 58 11.03 -10.44 -7.59
C GLU A 58 10.30 -11.60 -6.92
N LYS A 59 10.31 -11.62 -5.59
CA LYS A 59 9.65 -12.67 -4.84
C LYS A 59 9.33 -12.21 -3.42
N PHE A 60 8.05 -12.15 -3.10
CA PHE A 60 7.60 -11.71 -1.78
C PHE A 60 6.83 -12.82 -1.07
N CYS A 61 6.56 -12.62 0.21
CA CYS A 61 5.83 -13.60 1.01
C CYS A 61 4.33 -13.34 0.97
N LEU A 62 3.56 -14.37 0.71
CA LEU A 62 2.10 -14.25 0.64
C LEU A 62 1.48 -14.32 2.04
N ASP A 63 1.96 -15.28 2.83
CA ASP A 63 1.45 -15.46 4.19
C ASP A 63 2.60 -15.51 5.19
N PRO A 64 3.11 -14.33 5.58
CA PRO A 64 4.20 -14.21 6.54
C PRO A 64 3.79 -14.62 7.96
N GLN A 65 4.36 -15.72 8.44
CA GLN A 65 4.05 -16.22 9.78
C GLN A 65 4.96 -15.57 10.81
N THR A 66 6.16 -15.18 10.39
CA THR A 66 7.13 -14.56 11.28
C THR A 66 7.42 -13.12 10.86
N GLU A 67 8.16 -12.41 11.69
CA GLU A 67 8.52 -11.03 11.40
C GLU A 67 9.40 -10.94 10.15
N ALA A 68 10.53 -11.63 10.19
CA ALA A 68 11.46 -11.65 9.07
C ALA A 68 10.71 -11.75 7.74
N ASP A 69 9.64 -12.53 7.73
CA ASP A 69 8.84 -12.72 6.54
C ASP A 69 8.10 -11.45 6.17
N CYS A 70 7.61 -10.74 7.19
CA CYS A 70 6.88 -9.49 6.98
C CYS A 70 7.82 -8.39 6.48
N ILE A 71 8.80 -8.05 7.31
CA ILE A 71 9.76 -7.01 6.97
C ILE A 71 10.26 -7.17 5.54
N ASN A 72 10.42 -8.43 5.11
CA ASN A 72 10.90 -8.73 3.77
C ASN A 72 9.93 -8.19 2.72
N ASN A 73 8.64 -8.29 3.01
CA ASN A 73 7.61 -7.81 2.08
C ASN A 73 7.66 -6.28 1.96
N ILE A 74 7.60 -5.60 3.10
CA ILE A 74 7.63 -4.14 3.11
C ILE A 74 8.84 -3.61 2.34
N ASN A 75 10.04 -4.00 2.77
CA ASN A 75 11.27 -3.56 2.12
C ASN A 75 11.18 -3.78 0.62
N ASP A 76 10.68 -4.94 0.22
CA ASP A 76 10.55 -5.28 -1.20
C ASP A 76 9.71 -4.24 -1.92
N PHE A 77 8.51 -3.98 -1.42
CA PHE A 77 7.62 -3.00 -2.01
C PHE A 77 8.36 -1.71 -2.34
N LEU A 78 9.22 -1.28 -1.41
CA LEU A 78 9.98 -0.05 -1.59
C LEU A 78 10.91 -0.16 -2.80
N LYS A 79 11.56 -1.32 -2.94
CA LYS A 79 12.47 -1.55 -4.05
C LYS A 79 11.84 -1.10 -5.36
N GLY A 80 10.52 -1.21 -5.46
CA GLY A 80 9.83 -0.79 -6.67
C GLY A 80 9.35 0.64 -6.60
N CYS A 81 9.15 1.14 -5.40
CA CYS A 81 8.68 2.51 -5.20
C CYS A 81 9.71 3.51 -5.72
N ALA A 82 10.99 3.15 -5.60
CA ALA A 82 12.06 4.01 -6.05
C ALA A 82 11.92 4.34 -7.54
N THR A 83 11.24 3.47 -8.27
CA THR A 83 11.04 3.66 -9.70
C THR A 83 10.19 4.90 -9.97
N LEU A 84 9.33 5.23 -9.02
CA LEU A 84 8.45 6.39 -9.15
C LEU A 84 9.12 7.64 -8.57
N GLN A 85 10.21 7.44 -7.85
CA GLN A 85 10.94 8.55 -7.23
C GLN A 85 10.04 9.32 -6.27
N VAL A 86 9.05 8.63 -5.71
CA VAL A 86 8.13 9.25 -4.76
C VAL A 86 8.57 9.02 -3.33
N GLU A 87 8.01 9.80 -2.41
CA GLU A 87 8.36 9.68 -1.00
C GLU A 87 8.33 8.22 -0.55
N ILE A 88 9.06 7.92 0.51
CA ILE A 88 9.12 6.56 1.04
C ILE A 88 9.09 6.56 2.56
N PHE A 89 9.18 5.37 3.15
CA PHE A 89 9.17 5.24 4.60
C PHE A 89 9.98 4.02 5.04
N ASP A 90 10.18 3.89 6.35
CA ASP A 90 10.93 2.77 6.90
C ASP A 90 10.02 1.61 7.25
N PRO A 91 10.57 0.39 7.25
CA PRO A 91 9.80 -0.82 7.57
C PRO A 91 9.43 -0.90 9.03
N ASP A 92 10.00 -0.01 9.84
CA ASP A 92 9.72 0.02 11.27
C ASP A 92 8.53 0.92 11.56
N ASP A 93 8.35 1.94 10.73
CA ASP A 93 7.24 2.87 10.90
C ASP A 93 5.89 2.19 10.66
N LEU A 94 5.84 1.36 9.61
CA LEU A 94 4.62 0.64 9.27
C LEU A 94 4.47 -0.62 10.12
N TYR A 95 5.47 -1.49 10.05
CA TYR A 95 5.45 -2.73 10.82
C TYR A 95 4.94 -2.49 12.24
N SER A 96 5.61 -1.57 12.94
CA SER A 96 5.22 -1.25 14.31
C SER A 96 4.01 -0.32 14.34
N GLY A 97 4.13 0.81 13.65
CA GLY A 97 3.04 1.76 13.60
C GLY A 97 3.41 3.09 14.24
N VAL A 98 4.65 3.50 14.07
CA VAL A 98 5.13 4.76 14.63
C VAL A 98 4.66 5.94 13.79
N ASN A 99 5.00 5.94 12.51
CA ASN A 99 4.61 7.01 11.60
C ASN A 99 3.83 6.46 10.42
N PHE A 100 2.50 6.59 10.47
CA PHE A 100 1.64 6.11 9.40
C PHE A 100 1.47 7.18 8.32
N SER A 101 1.25 8.42 8.75
CA SER A 101 1.07 9.52 7.82
C SER A 101 1.99 9.39 6.62
N LYS A 102 3.21 8.94 6.86
CA LYS A 102 4.18 8.75 5.80
C LYS A 102 3.79 7.58 4.89
N VAL A 103 3.37 6.48 5.50
CA VAL A 103 2.96 5.30 4.75
C VAL A 103 1.72 5.59 3.91
N LEU A 104 0.86 6.47 4.41
CA LEU A 104 -0.37 6.83 3.71
C LEU A 104 -0.07 7.77 2.55
N SER A 105 0.76 8.77 2.79
CA SER A 105 1.13 9.73 1.76
C SER A 105 1.91 9.06 0.64
N THR A 106 2.73 8.09 1.01
CA THR A 106 3.54 7.36 0.03
C THR A 106 2.66 6.66 -1.00
N LEU A 107 1.67 5.93 -0.51
CA LEU A 107 0.75 5.20 -1.39
C LEU A 107 -0.12 6.18 -2.18
N LEU A 108 -0.36 7.36 -1.62
CA LEU A 108 -1.18 8.37 -2.27
C LEU A 108 -0.49 8.90 -3.52
N ALA A 109 0.79 9.25 -3.39
CA ALA A 109 1.56 9.77 -4.50
C ALA A 109 1.63 8.76 -5.64
N VAL A 110 1.83 7.49 -5.29
CA VAL A 110 1.92 6.43 -6.28
C VAL A 110 0.63 6.30 -7.06
N ASN A 111 -0.48 6.08 -6.36
CA ASN A 111 -1.78 5.95 -7.00
C ASN A 111 -2.02 7.07 -8.00
N LYS A 112 -1.53 8.27 -7.66
CA LYS A 112 -1.68 9.43 -8.54
C LYS A 112 -0.76 9.33 -9.74
N ALA A 113 0.42 8.76 -9.53
CA ALA A 113 1.39 8.60 -10.60
C ALA A 113 0.93 7.57 -11.62
N THR A 114 0.28 6.51 -11.13
CA THR A 114 -0.20 5.45 -12.00
C THR A 114 -1.38 5.94 -12.84
N GLU A 115 -2.20 6.81 -12.27
CA GLU A 115 -3.36 7.35 -12.97
C GLU A 115 -3.02 8.69 -13.63
N SER A 116 -3.95 9.20 -14.43
CA SER A 116 -3.76 10.47 -15.13
C SER A 116 -2.38 10.51 -15.79
N GLY A 117 -1.98 9.39 -16.38
CA GLY A 117 -0.69 9.33 -17.04
C GLY A 117 -0.56 8.12 -17.94
N PRO A 118 0.52 8.09 -18.75
CA PRO A 118 0.78 6.99 -19.69
C PRO A 118 1.16 5.71 -18.97
N SER A 119 0.29 4.71 -19.06
CA SER A 119 0.53 3.42 -18.41
C SER A 119 -0.01 2.27 -19.26
N SER A 120 0.64 1.12 -19.16
CA SER A 120 0.24 -0.05 -19.93
C SER A 120 1.01 -1.29 -19.48
N GLY A 121 0.53 -2.46 -19.90
CA GLY A 121 1.19 -3.70 -19.52
C GLY A 121 1.06 -4.77 -20.59
N GLY A 1 -24.12 17.62 1.70
CA GLY A 1 -23.45 18.81 2.20
C GLY A 1 -22.03 18.95 1.66
N SER A 2 -21.21 17.93 1.91
CA SER A 2 -19.82 17.94 1.46
C SER A 2 -19.18 16.57 1.64
N SER A 3 -18.63 16.03 0.56
CA SER A 3 -17.98 14.72 0.61
C SER A 3 -16.79 14.74 1.55
N GLY A 4 -16.87 13.96 2.62
CA GLY A 4 -15.78 13.91 3.59
C GLY A 4 -14.45 13.59 2.94
N SER A 5 -13.51 14.52 3.04
CA SER A 5 -12.19 14.34 2.45
C SER A 5 -11.32 13.44 3.33
N SER A 6 -10.87 12.33 2.76
CA SER A 6 -10.04 11.38 3.50
C SER A 6 -9.27 10.48 2.53
N GLY A 7 -7.97 10.31 2.80
CA GLY A 7 -7.15 9.47 1.96
C GLY A 7 -7.23 8.00 2.33
N GLU A 8 -7.34 7.73 3.63
CA GLU A 8 -7.43 6.36 4.11
C GLU A 8 -8.38 5.53 3.24
N GLU A 9 -9.61 6.02 3.11
CA GLU A 9 -10.62 5.32 2.31
C GLU A 9 -10.14 5.14 0.88
N GLN A 10 -9.68 6.23 0.28
CA GLN A 10 -9.20 6.19 -1.10
C GLN A 10 -8.29 4.98 -1.33
N ILE A 11 -7.28 4.85 -0.49
CA ILE A 11 -6.34 3.74 -0.60
C ILE A 11 -7.05 2.40 -0.45
N VAL A 12 -7.76 2.25 0.67
CA VAL A 12 -8.50 1.02 0.95
C VAL A 12 -9.27 0.55 -0.28
N THR A 13 -10.10 1.45 -0.83
CA THR A 13 -10.89 1.13 -2.00
C THR A 13 -10.01 0.95 -3.23
N TRP A 14 -8.95 1.74 -3.31
CA TRP A 14 -8.02 1.66 -4.44
C TRP A 14 -7.40 0.28 -4.55
N LEU A 15 -6.58 -0.07 -3.57
CA LEU A 15 -5.92 -1.37 -3.55
C LEU A 15 -6.87 -2.47 -4.02
N ILE A 16 -7.98 -2.63 -3.30
CA ILE A 16 -8.98 -3.64 -3.64
C ILE A 16 -9.37 -3.55 -5.12
N SER A 17 -9.84 -2.38 -5.52
CA SER A 17 -10.24 -2.17 -6.91
C SER A 17 -9.28 -2.85 -7.88
N LEU A 18 -7.99 -2.73 -7.60
CA LEU A 18 -6.97 -3.33 -8.44
C LEU A 18 -7.03 -4.86 -8.37
N GLY A 19 -7.09 -5.38 -7.14
CA GLY A 19 -7.16 -6.82 -6.96
C GLY A 19 -6.05 -7.33 -6.06
N VAL A 20 -5.67 -6.54 -5.07
CA VAL A 20 -4.62 -6.92 -4.13
C VAL A 20 -5.16 -7.03 -2.71
N LEU A 21 -6.28 -6.36 -2.46
CA LEU A 21 -6.90 -6.39 -1.14
C LEU A 21 -8.31 -6.96 -1.21
N GLU A 22 -8.68 -7.71 -0.18
CA GLU A 22 -10.02 -8.31 -0.12
C GLU A 22 -11.09 -7.25 -0.02
N SER A 23 -12.35 -7.66 -0.14
CA SER A 23 -13.48 -6.74 -0.06
C SER A 23 -14.49 -7.20 0.98
N PRO A 24 -14.20 -6.89 2.26
CA PRO A 24 -15.06 -7.25 3.38
C PRO A 24 -16.38 -6.47 3.38
N LYS A 25 -17.48 -7.17 3.14
CA LYS A 25 -18.79 -6.55 3.11
C LYS A 25 -18.90 -5.47 4.19
N LYS A 26 -18.50 -5.82 5.40
CA LYS A 26 -18.55 -4.90 6.52
C LYS A 26 -17.90 -3.57 6.16
N THR A 27 -18.44 -2.48 6.70
CA THR A 27 -17.90 -1.15 6.43
C THR A 27 -16.89 -0.74 7.50
N ILE A 28 -15.62 -0.64 7.09
CA ILE A 28 -14.56 -0.26 8.00
C ILE A 28 -14.66 1.21 8.40
N CYS A 29 -15.01 1.45 9.66
CA CYS A 29 -15.15 2.81 10.16
C CYS A 29 -13.79 3.42 10.46
N ASP A 30 -12.90 2.62 11.05
CA ASP A 30 -11.56 3.09 11.39
C ASP A 30 -10.52 2.47 10.46
N PRO A 31 -10.39 3.05 9.26
CA PRO A 31 -9.43 2.56 8.25
C PRO A 31 -7.99 2.84 8.65
N GLU A 32 -7.80 3.72 9.62
CA GLU A 32 -6.46 4.07 10.09
C GLU A 32 -5.72 2.84 10.61
N GLU A 33 -6.40 2.06 11.46
CA GLU A 33 -5.81 0.85 12.02
C GLU A 33 -5.85 -0.29 11.01
N PHE A 34 -6.98 -0.43 10.33
CA PHE A 34 -7.15 -1.49 9.33
C PHE A 34 -6.03 -1.44 8.30
N LEU A 35 -5.76 -0.25 7.78
CA LEU A 35 -4.71 -0.07 6.77
C LEU A 35 -3.35 -0.39 7.36
N LYS A 36 -3.09 0.10 8.57
CA LYS A 36 -1.81 -0.14 9.24
C LYS A 36 -1.59 -1.63 9.46
N SER A 37 -2.69 -2.38 9.58
CA SER A 37 -2.61 -3.82 9.80
C SER A 37 -2.61 -4.57 8.48
N SER A 38 -3.31 -4.02 7.49
CA SER A 38 -3.39 -4.64 6.17
C SER A 38 -2.06 -4.51 5.42
N LEU A 39 -1.44 -3.35 5.53
CA LEU A 39 -0.17 -3.10 4.87
C LEU A 39 0.99 -3.67 5.68
N LYS A 40 0.82 -3.72 6.99
CA LYS A 40 1.84 -4.25 7.89
C LYS A 40 2.53 -5.46 7.27
N ASN A 41 1.75 -6.48 6.97
CA ASN A 41 2.28 -7.70 6.38
C ASN A 41 3.27 -7.38 5.26
N GLY A 42 2.96 -6.34 4.47
CA GLY A 42 3.83 -5.94 3.39
C GLY A 42 3.50 -6.66 2.10
N VAL A 43 2.95 -7.87 2.21
CA VAL A 43 2.59 -8.66 1.04
C VAL A 43 1.60 -7.92 0.16
N VAL A 44 0.71 -7.15 0.79
CA VAL A 44 -0.30 -6.39 0.07
C VAL A 44 0.35 -5.32 -0.81
N LEU A 45 1.33 -4.62 -0.25
CA LEU A 45 2.03 -3.57 -0.97
C LEU A 45 2.82 -4.15 -2.14
N CYS A 46 3.48 -5.28 -1.91
CA CYS A 46 4.27 -5.94 -2.95
C CYS A 46 3.40 -6.27 -4.16
N LYS A 47 2.20 -6.78 -3.89
CA LYS A 47 1.28 -7.15 -4.96
C LYS A 47 0.77 -5.90 -5.70
N LEU A 48 0.77 -4.77 -5.00
CA LEU A 48 0.32 -3.52 -5.59
C LEU A 48 1.33 -3.01 -6.63
N ILE A 49 2.47 -2.51 -6.15
CA ILE A 49 3.50 -2.00 -7.04
C ILE A 49 3.68 -2.90 -8.25
N ASN A 50 3.45 -4.20 -8.07
CA ASN A 50 3.58 -5.17 -9.15
C ASN A 50 2.48 -4.96 -10.20
N ARG A 51 1.25 -4.83 -9.74
CA ARG A 51 0.12 -4.62 -10.64
C ARG A 51 0.24 -3.30 -11.38
N LEU A 52 0.83 -2.31 -10.71
CA LEU A 52 1.01 -0.99 -11.31
C LEU A 52 2.13 -1.00 -12.35
N MET A 53 3.23 -1.70 -12.02
CA MET A 53 4.36 -1.80 -12.92
C MET A 53 4.83 -3.24 -13.06
N PRO A 54 5.06 -3.68 -14.31
CA PRO A 54 5.50 -5.04 -14.61
C PRO A 54 6.93 -5.30 -14.15
N GLY A 55 7.07 -6.13 -13.12
CA GLY A 55 8.39 -6.45 -12.60
C GLY A 55 8.86 -5.46 -11.55
N SER A 56 8.06 -5.31 -10.49
CA SER A 56 8.39 -4.38 -9.42
C SER A 56 9.10 -5.10 -8.28
N VAL A 57 8.51 -6.19 -7.81
CA VAL A 57 9.09 -6.97 -6.73
C VAL A 57 9.60 -8.32 -7.23
N GLU A 58 10.89 -8.56 -7.02
CA GLU A 58 11.51 -9.81 -7.45
C GLU A 58 10.78 -11.01 -6.88
N LYS A 59 10.51 -10.97 -5.57
CA LYS A 59 9.80 -12.05 -4.90
C LYS A 59 9.51 -11.70 -3.45
N PHE A 60 8.25 -11.86 -3.05
CA PHE A 60 7.85 -11.55 -1.68
C PHE A 60 7.16 -12.75 -1.03
N CYS A 61 6.68 -12.57 0.19
CA CYS A 61 5.99 -13.63 0.91
C CYS A 61 4.49 -13.41 0.91
N LEU A 62 3.76 -14.33 0.31
CA LEU A 62 2.31 -14.24 0.24
C LEU A 62 1.67 -14.48 1.61
N ASP A 63 2.24 -15.41 2.35
CA ASP A 63 1.73 -15.74 3.69
C ASP A 63 2.87 -15.79 4.70
N PRO A 64 3.25 -14.62 5.23
CA PRO A 64 4.33 -14.51 6.22
C PRO A 64 3.94 -15.10 7.56
N GLN A 65 4.41 -16.32 7.83
CA GLN A 65 4.12 -17.00 9.09
C GLN A 65 4.72 -16.24 10.27
N THR A 66 5.91 -15.68 10.06
CA THR A 66 6.60 -14.94 11.10
C THR A 66 6.83 -13.49 10.69
N GLU A 67 7.24 -12.66 11.64
CA GLU A 67 7.50 -11.25 11.37
C GLU A 67 8.58 -11.09 10.30
N ALA A 68 9.70 -11.78 10.49
CA ALA A 68 10.80 -11.71 9.54
C ALA A 68 10.31 -11.82 8.11
N ASP A 69 9.24 -12.60 7.91
CA ASP A 69 8.66 -12.78 6.59
C ASP A 69 7.91 -11.53 6.14
N CYS A 70 7.27 -10.86 7.09
CA CYS A 70 6.51 -9.65 6.80
C CYS A 70 7.44 -8.53 6.36
N ILE A 71 8.39 -8.19 7.23
CA ILE A 71 9.35 -7.12 6.93
C ILE A 71 9.91 -7.26 5.52
N ASN A 72 10.27 -8.48 5.15
CA ASN A 72 10.82 -8.75 3.82
C ASN A 72 9.90 -8.19 2.74
N ASN A 73 8.59 -8.25 2.97
CA ASN A 73 7.61 -7.76 2.02
C ASN A 73 7.64 -6.23 1.95
N ILE A 74 7.58 -5.60 3.12
CA ILE A 74 7.62 -4.14 3.18
C ILE A 74 8.80 -3.57 2.42
N ASN A 75 9.98 -4.12 2.68
CA ASN A 75 11.20 -3.67 2.01
C ASN A 75 11.11 -3.89 0.51
N ASP A 76 10.49 -5.00 0.11
CA ASP A 76 10.33 -5.32 -1.30
C ASP A 76 9.59 -4.21 -2.03
N PHE A 77 8.45 -3.80 -1.48
CA PHE A 77 7.64 -2.75 -2.08
C PHE A 77 8.47 -1.49 -2.32
N LEU A 78 9.38 -1.21 -1.40
CA LEU A 78 10.25 -0.03 -1.52
C LEU A 78 11.07 -0.08 -2.80
N LYS A 79 11.81 -1.17 -2.99
CA LYS A 79 12.64 -1.34 -4.18
C LYS A 79 11.94 -0.76 -5.40
N GLY A 80 10.69 -1.14 -5.60
CA GLY A 80 9.94 -0.65 -6.75
C GLY A 80 9.45 0.77 -6.54
N CYS A 81 9.25 1.15 -5.29
CA CYS A 81 8.78 2.50 -4.97
C CYS A 81 9.75 3.56 -5.48
N ALA A 82 11.04 3.27 -5.39
CA ALA A 82 12.07 4.19 -5.85
C ALA A 82 11.85 4.58 -7.31
N THR A 83 11.37 3.62 -8.10
CA THR A 83 11.13 3.85 -9.51
C THR A 83 10.14 5.00 -9.72
N LEU A 84 9.28 5.21 -8.73
CA LEU A 84 8.29 6.28 -8.80
C LEU A 84 8.81 7.56 -8.17
N GLN A 85 10.00 7.47 -7.56
CA GLN A 85 10.62 8.62 -6.91
C GLN A 85 9.59 9.41 -6.10
N VAL A 86 8.86 8.70 -5.26
CA VAL A 86 7.84 9.34 -4.42
C VAL A 86 8.13 9.12 -2.94
N GLU A 87 7.24 9.63 -2.09
CA GLU A 87 7.41 9.49 -0.64
C GLU A 87 7.60 8.04 -0.25
N ILE A 88 8.39 7.80 0.79
CA ILE A 88 8.65 6.46 1.26
C ILE A 88 8.60 6.39 2.79
N PHE A 89 8.88 5.21 3.33
CA PHE A 89 8.86 5.01 4.78
C PHE A 89 9.81 3.88 5.19
N ASP A 90 9.86 3.60 6.48
CA ASP A 90 10.72 2.55 7.00
C ASP A 90 9.92 1.28 7.29
N PRO A 91 10.61 0.13 7.31
CA PRO A 91 10.00 -1.17 7.56
C PRO A 91 9.53 -1.31 9.01
N ASP A 92 9.91 -0.35 9.85
CA ASP A 92 9.53 -0.38 11.26
C ASP A 92 8.37 0.60 11.52
N ASP A 93 8.31 1.65 10.71
CA ASP A 93 7.25 2.66 10.85
C ASP A 93 5.90 2.09 10.45
N LEU A 94 5.88 1.34 9.36
CA LEU A 94 4.65 0.74 8.86
C LEU A 94 4.18 -0.37 9.79
N TYR A 95 5.11 -1.25 10.16
CA TYR A 95 4.79 -2.37 11.04
C TYR A 95 4.36 -1.87 12.42
N SER A 96 5.28 -1.26 13.14
CA SER A 96 5.01 -0.73 14.47
C SER A 96 3.87 0.28 14.42
N GLY A 97 3.97 1.23 13.48
CA GLY A 97 2.94 2.24 13.35
C GLY A 97 3.36 3.56 13.96
N VAL A 98 4.64 3.89 13.83
CA VAL A 98 5.17 5.14 14.38
C VAL A 98 4.80 6.32 13.49
N ASN A 99 5.12 6.19 12.20
CA ASN A 99 4.84 7.26 11.23
C ASN A 99 3.94 6.74 10.11
N PHE A 100 2.63 6.76 10.34
CA PHE A 100 1.68 6.30 9.34
C PHE A 100 1.47 7.34 8.25
N SER A 101 1.29 8.59 8.68
CA SER A 101 1.07 9.69 7.73
C SER A 101 1.95 9.52 6.50
N LYS A 102 3.14 8.95 6.69
CA LYS A 102 4.07 8.74 5.59
C LYS A 102 3.59 7.61 4.68
N VAL A 103 3.26 6.47 5.28
CA VAL A 103 2.79 5.31 4.53
C VAL A 103 1.55 5.67 3.70
N LEU A 104 0.70 6.52 4.27
CA LEU A 104 -0.52 6.93 3.58
C LEU A 104 -0.19 7.79 2.36
N SER A 105 0.75 8.71 2.53
CA SER A 105 1.15 9.60 1.44
C SER A 105 1.89 8.82 0.36
N THR A 106 2.84 7.98 0.78
CA THR A 106 3.62 7.18 -0.16
C THR A 106 2.72 6.46 -1.14
N LEU A 107 1.70 5.78 -0.62
CA LEU A 107 0.76 5.04 -1.45
C LEU A 107 -0.10 5.99 -2.28
N LEU A 108 -0.45 7.13 -1.69
CA LEU A 108 -1.27 8.12 -2.38
C LEU A 108 -0.59 8.61 -3.65
N ALA A 109 0.70 8.94 -3.55
CA ALA A 109 1.46 9.41 -4.69
C ALA A 109 1.47 8.37 -5.81
N VAL A 110 1.80 7.14 -5.46
CA VAL A 110 1.85 6.05 -6.43
C VAL A 110 0.56 5.99 -7.25
N ASN A 111 -0.58 6.00 -6.56
CA ASN A 111 -1.87 5.96 -7.23
C ASN A 111 -2.03 7.12 -8.20
N LYS A 112 -1.53 8.29 -7.80
CA LYS A 112 -1.61 9.48 -8.64
C LYS A 112 -0.60 9.42 -9.78
N ALA A 113 0.45 8.62 -9.59
CA ALA A 113 1.48 8.47 -10.61
C ALA A 113 1.12 7.36 -11.60
N THR A 114 0.23 6.47 -11.18
CA THR A 114 -0.20 5.37 -12.03
C THR A 114 -1.60 5.61 -12.59
N GLU A 115 -2.25 6.66 -12.10
CA GLU A 115 -3.60 7.00 -12.54
C GLU A 115 -3.64 7.18 -14.06
N SER A 116 -4.68 6.62 -14.69
CA SER A 116 -4.83 6.71 -16.13
C SER A 116 -5.23 8.13 -16.55
N GLY A 117 -4.43 8.73 -17.41
CA GLY A 117 -4.71 10.08 -17.87
C GLY A 117 -3.80 10.51 -19.01
N PRO A 118 -3.77 11.82 -19.30
CA PRO A 118 -2.95 12.38 -20.36
C PRO A 118 -1.46 12.33 -20.04
N SER A 119 -0.63 12.49 -21.07
CA SER A 119 0.82 12.46 -20.89
C SER A 119 1.27 13.54 -19.92
N SER A 120 2.48 13.39 -19.38
CA SER A 120 3.02 14.35 -18.43
C SER A 120 4.41 14.82 -18.89
N GLY A 121 5.27 13.86 -19.21
CA GLY A 121 6.61 14.18 -19.65
C GLY A 121 7.63 13.13 -19.25
N GLY A 1 -21.30 8.11 2.46
CA GLY A 1 -21.54 9.53 2.62
C GLY A 1 -20.99 10.36 1.48
N SER A 2 -21.66 11.45 1.16
CA SER A 2 -21.24 12.33 0.08
C SER A 2 -20.35 13.46 0.61
N SER A 3 -20.87 14.19 1.59
CA SER A 3 -20.13 15.30 2.19
C SER A 3 -18.98 14.79 3.04
N GLY A 4 -17.77 14.88 2.52
CA GLY A 4 -16.60 14.42 3.25
C GLY A 4 -15.48 13.96 2.33
N SER A 5 -14.33 13.64 2.92
CA SER A 5 -13.18 13.19 2.14
C SER A 5 -12.08 12.66 3.06
N SER A 6 -11.74 11.38 2.89
CA SER A 6 -10.71 10.75 3.70
C SER A 6 -9.81 9.87 2.85
N GLY A 7 -8.53 10.20 2.82
CA GLY A 7 -7.57 9.43 2.05
C GLY A 7 -7.61 7.95 2.39
N GLU A 8 -7.50 7.64 3.67
CA GLU A 8 -7.51 6.26 4.13
C GLU A 8 -8.48 5.43 3.30
N GLU A 9 -9.71 5.90 3.19
CA GLU A 9 -10.74 5.19 2.42
C GLU A 9 -10.34 5.10 0.95
N GLN A 10 -9.89 6.21 0.39
CA GLN A 10 -9.48 6.25 -1.01
C GLN A 10 -8.48 5.14 -1.32
N ILE A 11 -7.57 4.90 -0.39
CA ILE A 11 -6.55 3.87 -0.56
C ILE A 11 -7.18 2.47 -0.48
N VAL A 12 -8.04 2.28 0.51
CA VAL A 12 -8.71 1.00 0.70
C VAL A 12 -9.41 0.55 -0.59
N THR A 13 -10.31 1.38 -1.09
CA THR A 13 -11.05 1.07 -2.31
C THR A 13 -10.11 0.98 -3.50
N TRP A 14 -9.03 1.74 -3.47
CA TRP A 14 -8.06 1.74 -4.55
C TRP A 14 -7.38 0.38 -4.68
N LEU A 15 -6.79 -0.08 -3.57
CA LEU A 15 -6.10 -1.37 -3.55
C LEU A 15 -7.02 -2.48 -4.05
N ILE A 16 -8.19 -2.60 -3.41
CA ILE A 16 -9.16 -3.61 -3.79
C ILE A 16 -9.50 -3.53 -5.27
N SER A 17 -10.09 -2.41 -5.67
CA SER A 17 -10.48 -2.20 -7.06
C SER A 17 -9.41 -2.75 -8.01
N LEU A 18 -8.16 -2.44 -7.72
CA LEU A 18 -7.05 -2.91 -8.55
C LEU A 18 -6.98 -4.43 -8.56
N GLY A 19 -7.13 -5.03 -7.38
CA GLY A 19 -7.08 -6.49 -7.28
C GLY A 19 -5.94 -6.96 -6.41
N VAL A 20 -5.67 -6.23 -5.33
CA VAL A 20 -4.58 -6.60 -4.42
C VAL A 20 -5.10 -6.73 -2.99
N LEU A 21 -6.25 -6.13 -2.72
CA LEU A 21 -6.85 -6.19 -1.40
C LEU A 21 -8.23 -6.83 -1.45
N GLU A 22 -8.41 -7.90 -0.69
CA GLU A 22 -9.69 -8.60 -0.64
C GLU A 22 -10.82 -7.65 -0.25
N SER A 23 -12.01 -7.92 -0.77
CA SER A 23 -13.17 -7.08 -0.48
C SER A 23 -14.12 -7.79 0.49
N PRO A 24 -13.92 -7.54 1.79
CA PRO A 24 -14.74 -8.13 2.85
C PRO A 24 -16.16 -7.58 2.86
N LYS A 25 -17.14 -8.47 2.77
CA LYS A 25 -18.54 -8.09 2.77
C LYS A 25 -18.77 -6.91 3.73
N LYS A 26 -18.30 -7.06 4.96
CA LYS A 26 -18.46 -6.02 5.97
C LYS A 26 -17.97 -4.67 5.45
N THR A 27 -18.16 -3.63 6.23
CA THR A 27 -17.74 -2.28 5.85
C THR A 27 -16.60 -1.79 6.73
N ILE A 28 -15.43 -1.60 6.12
CA ILE A 28 -14.25 -1.13 6.84
C ILE A 28 -14.62 0.01 7.79
N CYS A 29 -14.94 -0.34 9.03
CA CYS A 29 -15.30 0.65 10.03
C CYS A 29 -14.09 1.49 10.44
N ASP A 30 -12.96 0.82 10.64
CA ASP A 30 -11.73 1.51 11.03
C ASP A 30 -10.64 1.30 9.98
N PRO A 31 -10.61 2.20 8.98
CA PRO A 31 -9.63 2.14 7.89
C PRO A 31 -8.22 2.48 8.37
N GLU A 32 -8.13 3.38 9.34
CA GLU A 32 -6.84 3.78 9.88
C GLU A 32 -6.04 2.58 10.36
N GLU A 33 -6.64 1.79 11.25
CA GLU A 33 -5.98 0.60 11.77
C GLU A 33 -5.98 -0.53 10.75
N PHE A 34 -7.13 -0.77 10.14
CA PHE A 34 -7.27 -1.83 9.14
C PHE A 34 -6.13 -1.75 8.12
N LEU A 35 -5.87 -0.55 7.64
CA LEU A 35 -4.80 -0.34 6.66
C LEU A 35 -3.44 -0.66 7.25
N LYS A 36 -3.18 -0.13 8.45
CA LYS A 36 -1.92 -0.36 9.13
C LYS A 36 -1.59 -1.85 9.21
N SER A 37 -2.62 -2.66 9.47
CA SER A 37 -2.45 -4.10 9.57
C SER A 37 -2.28 -4.72 8.19
N SER A 38 -3.01 -4.18 7.22
CA SER A 38 -2.95 -4.68 5.84
C SER A 38 -1.58 -4.42 5.23
N LEU A 39 -1.01 -3.27 5.54
CA LEU A 39 0.30 -2.90 5.02
C LEU A 39 1.42 -3.37 5.96
N LYS A 40 1.08 -3.51 7.24
CA LYS A 40 2.04 -3.95 8.23
C LYS A 40 3.03 -4.96 7.64
N ASN A 41 2.53 -6.16 7.35
CA ASN A 41 3.37 -7.21 6.76
C ASN A 41 4.09 -6.70 5.52
N GLY A 42 3.33 -6.17 4.58
CA GLY A 42 3.91 -5.66 3.35
C GLY A 42 3.48 -6.44 2.13
N VAL A 43 2.84 -7.58 2.36
CA VAL A 43 2.37 -8.44 1.27
C VAL A 43 1.37 -7.71 0.40
N VAL A 44 0.61 -6.79 1.00
CA VAL A 44 -0.39 -6.03 0.28
C VAL A 44 0.26 -5.06 -0.70
N LEU A 45 1.28 -4.34 -0.23
CA LEU A 45 1.99 -3.38 -1.05
C LEU A 45 2.75 -4.08 -2.18
N CYS A 46 3.28 -5.25 -1.87
CA CYS A 46 4.03 -6.03 -2.87
C CYS A 46 3.15 -6.38 -4.07
N LYS A 47 1.91 -6.77 -3.79
CA LYS A 47 0.97 -7.12 -4.84
C LYS A 47 0.58 -5.90 -5.66
N LEU A 48 0.55 -4.74 -5.01
CA LEU A 48 0.19 -3.49 -5.67
C LEU A 48 1.23 -3.12 -6.72
N ILE A 49 2.41 -2.71 -6.27
CA ILE A 49 3.49 -2.32 -7.17
C ILE A 49 3.58 -3.28 -8.35
N ASN A 50 3.37 -4.57 -8.08
CA ASN A 50 3.43 -5.58 -9.12
C ASN A 50 2.40 -5.30 -10.22
N ARG A 51 1.18 -5.00 -9.81
CA ARG A 51 0.11 -4.70 -10.77
C ARG A 51 0.41 -3.42 -11.54
N LEU A 52 1.00 -2.45 -10.86
CA LEU A 52 1.35 -1.17 -11.48
C LEU A 52 2.42 -1.35 -12.53
N MET A 53 3.52 -2.02 -12.16
CA MET A 53 4.62 -2.26 -13.08
C MET A 53 4.88 -3.76 -13.23
N PRO A 54 5.18 -4.17 -14.46
CA PRO A 54 5.46 -5.59 -14.77
C PRO A 54 6.79 -6.06 -14.17
N GLY A 55 6.69 -6.92 -13.16
CA GLY A 55 7.88 -7.44 -12.52
C GLY A 55 8.47 -6.46 -11.50
N SER A 56 7.65 -6.06 -10.54
CA SER A 56 8.08 -5.13 -9.50
C SER A 56 8.80 -5.86 -8.38
N VAL A 57 8.21 -6.97 -7.93
CA VAL A 57 8.79 -7.77 -6.86
C VAL A 57 9.10 -9.18 -7.33
N GLU A 58 10.28 -9.68 -6.96
CA GLU A 58 10.71 -11.01 -7.35
C GLU A 58 9.84 -12.08 -6.67
N LYS A 59 9.89 -12.13 -5.35
CA LYS A 59 9.11 -13.09 -4.59
C LYS A 59 8.93 -12.63 -3.15
N PHE A 60 7.68 -12.41 -2.75
CA PHE A 60 7.37 -11.97 -1.40
C PHE A 60 6.62 -13.05 -0.63
N CYS A 61 6.24 -12.74 0.60
CA CYS A 61 5.51 -13.68 1.44
C CYS A 61 4.03 -13.33 1.50
N LEU A 62 3.21 -14.21 0.92
CA LEU A 62 1.76 -13.99 0.89
C LEU A 62 1.18 -14.04 2.31
N ASP A 63 1.60 -15.04 3.07
CA ASP A 63 1.13 -15.19 4.45
C ASP A 63 2.30 -15.27 5.42
N PRO A 64 2.79 -14.10 5.85
CA PRO A 64 3.91 -14.01 6.79
C PRO A 64 3.53 -14.47 8.19
N GLN A 65 4.10 -15.60 8.61
CA GLN A 65 3.82 -16.16 9.93
C GLN A 65 4.69 -15.49 10.99
N THR A 66 5.87 -15.03 10.58
CA THR A 66 6.80 -14.38 11.49
C THR A 66 7.17 -12.97 11.00
N GLU A 67 7.86 -12.22 11.84
CA GLU A 67 8.28 -10.87 11.49
C GLU A 67 9.19 -10.88 10.25
N ALA A 68 10.26 -11.66 10.33
CA ALA A 68 11.21 -11.77 9.22
C ALA A 68 10.47 -11.79 7.88
N ASP A 69 9.35 -12.49 7.83
CA ASP A 69 8.56 -12.60 6.61
C ASP A 69 7.92 -11.26 6.27
N CYS A 70 7.49 -10.53 7.29
CA CYS A 70 6.87 -9.23 7.10
C CYS A 70 7.86 -8.22 6.53
N ILE A 71 8.91 -7.96 7.28
CA ILE A 71 9.94 -7.02 6.85
C ILE A 71 10.35 -7.26 5.40
N ASN A 72 10.46 -8.53 5.04
CA ASN A 72 10.85 -8.92 3.69
C ASN A 72 9.90 -8.30 2.66
N ASN A 73 8.61 -8.46 2.88
CA ASN A 73 7.60 -7.92 1.98
C ASN A 73 7.82 -6.42 1.76
N ILE A 74 7.69 -5.65 2.84
CA ILE A 74 7.87 -4.21 2.77
C ILE A 74 9.09 -3.85 1.91
N ASN A 75 10.27 -4.26 2.38
CA ASN A 75 11.51 -3.99 1.66
C ASN A 75 11.33 -4.21 0.17
N ASP A 76 10.79 -5.38 -0.20
CA ASP A 76 10.58 -5.72 -1.60
C ASP A 76 9.71 -4.66 -2.28
N PHE A 77 8.53 -4.43 -1.74
CA PHE A 77 7.60 -3.44 -2.29
C PHE A 77 8.32 -2.13 -2.59
N LEU A 78 9.17 -1.70 -1.65
CA LEU A 78 9.92 -0.46 -1.81
C LEU A 78 10.78 -0.51 -3.06
N LYS A 79 11.48 -1.62 -3.26
CA LYS A 79 12.36 -1.80 -4.41
C LYS A 79 11.70 -1.23 -5.67
N GLY A 80 10.37 -1.28 -5.71
CA GLY A 80 9.64 -0.77 -6.86
C GLY A 80 9.22 0.68 -6.69
N CYS A 81 8.91 1.05 -5.45
CA CYS A 81 8.48 2.42 -5.14
C CYS A 81 9.51 3.43 -5.62
N ALA A 82 10.79 3.04 -5.55
CA ALA A 82 11.88 3.92 -5.98
C ALA A 82 11.66 4.40 -7.41
N THR A 83 11.28 3.49 -8.29
CA THR A 83 11.04 3.82 -9.69
C THR A 83 10.15 5.04 -9.82
N LEU A 84 9.13 5.12 -8.98
CA LEU A 84 8.19 6.24 -9.01
C LEU A 84 8.83 7.49 -8.40
N GLN A 85 9.85 7.28 -7.58
CA GLN A 85 10.55 8.40 -6.94
C GLN A 85 9.59 9.25 -6.13
N VAL A 86 8.78 8.59 -5.29
CA VAL A 86 7.81 9.29 -4.46
C VAL A 86 8.15 9.13 -2.98
N GLU A 87 7.43 9.86 -2.13
CA GLU A 87 7.66 9.80 -0.69
C GLU A 87 7.62 8.35 -0.20
N ILE A 88 8.70 7.92 0.45
CA ILE A 88 8.79 6.57 0.97
C ILE A 88 8.87 6.57 2.50
N PHE A 89 8.93 5.38 3.08
CA PHE A 89 9.01 5.24 4.53
C PHE A 89 9.91 4.07 4.92
N ASP A 90 9.99 3.80 6.21
CA ASP A 90 10.81 2.71 6.72
C ASP A 90 9.95 1.51 7.09
N PRO A 91 10.58 0.32 7.12
CA PRO A 91 9.88 -0.93 7.47
C PRO A 91 9.50 -0.98 8.94
N ASP A 92 10.01 -0.05 9.72
CA ASP A 92 9.71 0.00 11.15
C ASP A 92 8.49 0.89 11.41
N ASP A 93 8.42 2.00 10.71
CA ASP A 93 7.30 2.94 10.87
C ASP A 93 5.98 2.27 10.49
N LEU A 94 6.00 1.47 9.44
CA LEU A 94 4.80 0.77 8.98
C LEU A 94 4.54 -0.46 9.83
N TYR A 95 5.51 -1.36 9.87
CA TYR A 95 5.38 -2.59 10.65
C TYR A 95 5.01 -2.29 12.10
N SER A 96 5.90 -1.60 12.80
CA SER A 96 5.68 -1.24 14.20
C SER A 96 4.44 -0.37 14.34
N GLY A 97 4.28 0.58 13.42
CA GLY A 97 3.15 1.48 13.46
C GLY A 97 3.44 2.78 14.18
N VAL A 98 4.61 3.35 13.91
CA VAL A 98 5.01 4.61 14.53
C VAL A 98 4.45 5.80 13.79
N ASN A 99 4.81 5.92 12.51
CA ASN A 99 4.34 7.02 11.68
C ASN A 99 3.56 6.51 10.48
N PHE A 100 2.28 6.21 10.68
CA PHE A 100 1.42 5.70 9.62
C PHE A 100 1.12 6.80 8.60
N SER A 101 0.89 8.01 9.10
CA SER A 101 0.58 9.15 8.24
C SER A 101 1.48 9.16 7.00
N LYS A 102 2.72 8.74 7.19
CA LYS A 102 3.69 8.70 6.10
C LYS A 102 3.29 7.66 5.05
N VAL A 103 3.19 6.41 5.49
CA VAL A 103 2.81 5.32 4.60
C VAL A 103 1.59 5.68 3.77
N LEU A 104 0.61 6.31 4.41
CA LEU A 104 -0.61 6.72 3.73
C LEU A 104 -0.30 7.66 2.58
N SER A 105 0.46 8.72 2.86
CA SER A 105 0.82 9.69 1.85
C SER A 105 1.70 9.05 0.77
N THR A 106 2.42 8.01 1.15
CA THR A 106 3.30 7.31 0.22
C THR A 106 2.50 6.60 -0.87
N LEU A 107 1.43 5.95 -0.46
CA LEU A 107 0.57 5.23 -1.41
C LEU A 107 -0.26 6.20 -2.24
N LEU A 108 -0.56 7.35 -1.66
CA LEU A 108 -1.35 8.38 -2.35
C LEU A 108 -0.60 8.92 -3.56
N ALA A 109 0.69 9.16 -3.40
CA ALA A 109 1.52 9.67 -4.48
C ALA A 109 1.62 8.67 -5.62
N VAL A 110 1.84 7.41 -5.27
CA VAL A 110 1.95 6.35 -6.26
C VAL A 110 0.74 6.31 -7.17
N ASN A 111 -0.44 6.44 -6.58
CA ASN A 111 -1.68 6.43 -7.34
C ASN A 111 -1.79 7.66 -8.23
N LYS A 112 -1.40 8.81 -7.70
CA LYS A 112 -1.44 10.06 -8.45
C LYS A 112 -0.38 10.08 -9.55
N ALA A 113 0.51 9.09 -9.52
CA ALA A 113 1.57 9.00 -10.52
C ALA A 113 1.32 7.83 -11.47
N THR A 114 0.44 6.93 -11.07
CA THR A 114 0.11 5.77 -11.88
C THR A 114 -1.21 5.96 -12.62
N GLU A 115 -2.22 6.44 -11.90
CA GLU A 115 -3.54 6.67 -12.49
C GLU A 115 -3.40 7.24 -13.90
N SER A 116 -4.32 6.85 -14.79
CA SER A 116 -4.31 7.32 -16.16
C SER A 116 -4.54 8.82 -16.23
N GLY A 117 -3.85 9.49 -17.15
CA GLY A 117 -3.99 10.92 -17.30
C GLY A 117 -2.73 11.67 -16.94
N PRO A 118 -1.81 11.79 -17.92
CA PRO A 118 -0.54 12.49 -17.73
C PRO A 118 -0.73 14.00 -17.57
N SER A 119 0.37 14.69 -17.27
CA SER A 119 0.33 16.15 -17.09
C SER A 119 1.46 16.82 -17.87
N SER A 120 1.10 17.60 -18.88
CA SER A 120 2.08 18.29 -19.70
C SER A 120 2.72 19.43 -18.92
N GLY A 121 3.66 20.12 -19.55
CA GLY A 121 4.33 21.24 -18.91
C GLY A 121 5.66 20.83 -18.29
N GLY A 1 -23.88 17.96 0.05
CA GLY A 1 -22.80 18.16 1.00
C GLY A 1 -21.44 17.80 0.42
N SER A 2 -20.54 18.78 0.38
CA SER A 2 -19.21 18.56 -0.16
C SER A 2 -18.30 17.89 0.88
N SER A 3 -18.40 16.57 0.98
CA SER A 3 -17.60 15.81 1.94
C SER A 3 -16.25 15.45 1.34
N GLY A 4 -15.21 16.14 1.77
CA GLY A 4 -13.87 15.86 1.27
C GLY A 4 -13.21 14.70 1.98
N SER A 5 -12.74 13.73 1.20
CA SER A 5 -12.09 12.55 1.76
C SER A 5 -10.60 12.81 1.99
N SER A 6 -10.10 12.34 3.13
CA SER A 6 -8.70 12.53 3.48
C SER A 6 -7.80 11.66 2.59
N GLY A 7 -8.07 10.37 2.57
CA GLY A 7 -7.28 9.46 1.75
C GLY A 7 -7.43 8.01 2.19
N GLU A 8 -7.40 7.79 3.49
CA GLU A 8 -7.54 6.44 4.05
C GLU A 8 -8.53 5.62 3.23
N GLU A 9 -9.76 6.12 3.14
CA GLU A 9 -10.81 5.43 2.39
C GLU A 9 -10.40 5.22 0.94
N GLN A 10 -9.87 6.28 0.32
CA GLN A 10 -9.44 6.22 -1.07
C GLN A 10 -8.51 5.03 -1.29
N ILE A 11 -7.51 4.89 -0.42
CA ILE A 11 -6.55 3.79 -0.52
C ILE A 11 -7.25 2.44 -0.38
N VAL A 12 -7.98 2.28 0.71
CA VAL A 12 -8.70 1.03 0.97
C VAL A 12 -9.49 0.58 -0.26
N THR A 13 -10.43 1.41 -0.68
CA THR A 13 -11.26 1.10 -1.85
C THR A 13 -10.40 0.93 -3.10
N TRP A 14 -9.37 1.76 -3.21
CA TRP A 14 -8.47 1.70 -4.36
C TRP A 14 -7.83 0.33 -4.48
N LEU A 15 -7.05 -0.06 -3.47
CA LEU A 15 -6.38 -1.35 -3.47
C LEU A 15 -7.31 -2.44 -3.97
N ILE A 16 -8.46 -2.59 -3.31
CA ILE A 16 -9.44 -3.60 -3.69
C ILE A 16 -9.79 -3.50 -5.17
N SER A 17 -10.18 -2.30 -5.60
CA SER A 17 -10.55 -2.08 -6.99
C SER A 17 -9.54 -2.74 -7.93
N LEU A 18 -8.26 -2.44 -7.71
CA LEU A 18 -7.19 -3.00 -8.54
C LEU A 18 -7.24 -4.52 -8.52
N GLY A 19 -7.45 -5.09 -7.34
CA GLY A 19 -7.51 -6.53 -7.20
C GLY A 19 -6.39 -7.08 -6.34
N VAL A 20 -6.02 -6.34 -5.30
CA VAL A 20 -4.96 -6.75 -4.40
C VAL A 20 -5.48 -6.95 -2.99
N LEU A 21 -6.48 -6.15 -2.61
CA LEU A 21 -7.07 -6.23 -1.28
C LEU A 21 -8.40 -6.99 -1.32
N GLU A 22 -8.81 -7.52 -0.18
CA GLU A 22 -10.05 -8.27 -0.08
C GLU A 22 -11.23 -7.32 0.13
N SER A 23 -12.41 -7.75 -0.31
CA SER A 23 -13.62 -6.94 -0.19
C SER A 23 -14.56 -7.55 0.85
N PRO A 24 -14.38 -7.17 2.12
CA PRO A 24 -15.20 -7.66 3.23
C PRO A 24 -16.63 -7.12 3.17
N LYS A 25 -17.58 -7.93 3.62
CA LYS A 25 -18.98 -7.53 3.63
C LYS A 25 -19.30 -6.69 4.85
N LYS A 26 -18.54 -5.61 5.03
CA LYS A 26 -18.75 -4.72 6.17
C LYS A 26 -18.28 -3.30 5.84
N THR A 27 -18.46 -2.40 6.79
CA THR A 27 -18.06 -1.01 6.60
C THR A 27 -16.95 -0.62 7.59
N ILE A 28 -15.75 -0.42 7.07
CA ILE A 28 -14.61 -0.04 7.89
C ILE A 28 -14.65 1.44 8.24
N CYS A 29 -15.21 1.77 9.40
CA CYS A 29 -15.32 3.15 9.84
C CYS A 29 -13.93 3.75 10.08
N ASP A 30 -13.05 2.97 10.69
CA ASP A 30 -11.69 3.42 10.97
C ASP A 30 -10.68 2.71 10.08
N PRO A 31 -10.54 3.19 8.84
CA PRO A 31 -9.62 2.60 7.86
C PRO A 31 -8.15 2.85 8.23
N GLU A 32 -7.92 3.86 9.06
CA GLU A 32 -6.56 4.21 9.48
C GLU A 32 -5.84 2.97 10.02
N GLU A 33 -6.43 2.33 11.02
CA GLU A 33 -5.85 1.14 11.62
C GLU A 33 -5.94 -0.05 10.68
N PHE A 34 -7.15 -0.31 10.19
CA PHE A 34 -7.39 -1.42 9.28
C PHE A 34 -6.34 -1.44 8.17
N LEU A 35 -5.93 -0.26 7.72
CA LEU A 35 -4.94 -0.14 6.66
C LEU A 35 -3.56 -0.53 7.17
N LYS A 36 -3.20 -0.04 8.35
CA LYS A 36 -1.91 -0.34 8.95
C LYS A 36 -1.74 -1.84 9.17
N SER A 37 -2.85 -2.51 9.50
CA SER A 37 -2.83 -3.94 9.74
C SER A 37 -2.67 -4.71 8.43
N SER A 38 -3.39 -4.27 7.40
CA SER A 38 -3.34 -4.91 6.09
C SER A 38 -1.99 -4.69 5.43
N LEU A 39 -1.45 -3.48 5.58
CA LEU A 39 -0.16 -3.14 4.99
C LEU A 39 0.98 -3.73 5.82
N LYS A 40 0.84 -3.70 7.14
CA LYS A 40 1.85 -4.24 8.03
C LYS A 40 2.48 -5.50 7.44
N ASN A 41 1.64 -6.47 7.10
CA ASN A 41 2.12 -7.72 6.53
C ASN A 41 3.15 -7.47 5.43
N GLY A 42 2.83 -6.55 4.53
CA GLY A 42 3.74 -6.23 3.45
C GLY A 42 3.33 -6.86 2.14
N VAL A 43 2.83 -8.10 2.21
CA VAL A 43 2.40 -8.82 1.02
C VAL A 43 1.39 -8.01 0.22
N VAL A 44 0.57 -7.24 0.92
CA VAL A 44 -0.45 -6.42 0.29
C VAL A 44 0.19 -5.34 -0.59
N LEU A 45 1.31 -4.80 -0.12
CA LEU A 45 2.02 -3.76 -0.86
C LEU A 45 2.81 -4.36 -2.03
N CYS A 46 3.43 -5.50 -1.79
CA CYS A 46 4.21 -6.18 -2.82
C CYS A 46 3.34 -6.53 -4.01
N LYS A 47 2.10 -6.92 -3.74
CA LYS A 47 1.16 -7.28 -4.80
C LYS A 47 0.68 -6.04 -5.54
N LEU A 48 0.68 -4.91 -4.86
CA LEU A 48 0.23 -3.66 -5.46
C LEU A 48 1.24 -3.16 -6.50
N ILE A 49 2.44 -2.84 -6.05
CA ILE A 49 3.49 -2.36 -6.94
C ILE A 49 3.64 -3.28 -8.15
N ASN A 50 3.34 -4.55 -7.97
CA ASN A 50 3.43 -5.53 -9.04
C ASN A 50 2.41 -5.24 -10.13
N ARG A 51 1.20 -4.87 -9.72
CA ARG A 51 0.13 -4.58 -10.66
C ARG A 51 0.40 -3.25 -11.37
N LEU A 52 0.98 -2.30 -10.65
CA LEU A 52 1.28 -0.99 -11.21
C LEU A 52 2.38 -1.09 -12.26
N MET A 53 3.47 -1.77 -11.92
CA MET A 53 4.59 -1.94 -12.83
C MET A 53 4.90 -3.42 -13.03
N PRO A 54 5.04 -3.83 -14.31
CA PRO A 54 5.34 -5.22 -14.65
C PRO A 54 6.76 -5.63 -14.26
N GLY A 55 6.87 -6.42 -13.21
CA GLY A 55 8.17 -6.88 -12.75
C GLY A 55 8.74 -5.99 -11.65
N SER A 56 7.97 -5.83 -10.58
CA SER A 56 8.41 -5.00 -9.46
C SER A 56 9.10 -5.85 -8.39
N VAL A 57 8.37 -6.84 -7.87
CA VAL A 57 8.92 -7.72 -6.85
C VAL A 57 9.16 -9.12 -7.40
N GLU A 58 10.39 -9.60 -7.24
CA GLU A 58 10.76 -10.93 -7.73
C GLU A 58 9.97 -12.01 -6.99
N LYS A 59 10.24 -12.17 -5.71
CA LYS A 59 9.56 -13.16 -4.89
C LYS A 59 9.31 -12.64 -3.49
N PHE A 60 8.03 -12.47 -3.15
CA PHE A 60 7.64 -11.97 -1.83
C PHE A 60 6.93 -13.05 -1.03
N CYS A 61 6.72 -12.78 0.26
CA CYS A 61 6.05 -13.72 1.13
C CYS A 61 4.55 -13.44 1.19
N LEU A 62 3.77 -14.31 0.56
CA LEU A 62 2.32 -14.16 0.55
C LEU A 62 1.75 -14.18 1.96
N ASP A 63 2.20 -15.13 2.77
CA ASP A 63 1.74 -15.25 4.14
C ASP A 63 2.92 -15.30 5.11
N PRO A 64 3.37 -14.13 5.57
CA PRO A 64 4.50 -14.02 6.50
C PRO A 64 4.15 -14.54 7.88
N GLN A 65 4.56 -15.77 8.17
CA GLN A 65 4.29 -16.39 9.47
C GLN A 65 5.06 -15.67 10.58
N THR A 66 6.26 -15.20 10.25
CA THR A 66 7.10 -14.51 11.21
C THR A 66 7.48 -13.13 10.71
N GLU A 67 8.06 -12.32 11.60
CA GLU A 67 8.48 -10.97 11.24
C GLU A 67 9.39 -10.99 10.02
N ALA A 68 10.50 -11.70 10.12
CA ALA A 68 11.45 -11.81 9.02
C ALA A 68 10.73 -11.88 7.67
N ASP A 69 9.69 -12.70 7.61
CA ASP A 69 8.92 -12.86 6.38
C ASP A 69 8.15 -11.59 6.06
N CYS A 70 7.64 -10.93 7.09
CA CYS A 70 6.88 -9.70 6.90
C CYS A 70 7.77 -8.58 6.36
N ILE A 71 8.82 -8.24 7.11
CA ILE A 71 9.74 -7.20 6.70
C ILE A 71 10.09 -7.33 5.22
N ASN A 72 10.59 -8.50 4.84
CA ASN A 72 10.96 -8.76 3.44
C ASN A 72 9.90 -8.21 2.48
N ASN A 73 8.64 -8.43 2.81
CA ASN A 73 7.54 -7.96 1.99
C ASN A 73 7.57 -6.43 1.86
N ILE A 74 7.57 -5.75 3.00
CA ILE A 74 7.60 -4.29 3.01
C ILE A 74 8.77 -3.76 2.20
N ASN A 75 9.99 -4.09 2.64
CA ASN A 75 11.19 -3.65 1.96
C ASN A 75 11.07 -3.84 0.44
N ASP A 76 10.60 -5.02 0.05
CA ASP A 76 10.43 -5.34 -1.37
C ASP A 76 9.60 -4.26 -2.07
N PHE A 77 8.50 -3.87 -1.44
CA PHE A 77 7.62 -2.85 -2.00
C PHE A 77 8.39 -1.58 -2.31
N LEU A 78 9.26 -1.17 -1.39
CA LEU A 78 10.07 0.04 -1.57
C LEU A 78 10.98 -0.09 -2.77
N LYS A 79 11.65 -1.23 -2.89
CA LYS A 79 12.56 -1.48 -4.00
C LYS A 79 11.96 -0.97 -5.32
N GLY A 80 10.67 -1.21 -5.51
CA GLY A 80 10.00 -0.77 -6.72
C GLY A 80 9.52 0.66 -6.61
N CYS A 81 9.07 1.06 -5.43
CA CYS A 81 8.56 2.41 -5.21
C CYS A 81 9.61 3.44 -5.60
N ALA A 82 10.85 3.20 -5.20
CA ALA A 82 11.95 4.11 -5.52
C ALA A 82 11.89 4.56 -6.97
N THR A 83 11.55 3.65 -7.87
CA THR A 83 11.46 3.95 -9.29
C THR A 83 10.59 5.19 -9.53
N LEU A 84 9.49 5.28 -8.79
CA LEU A 84 8.58 6.41 -8.92
C LEU A 84 9.19 7.67 -8.32
N GLN A 85 10.18 7.49 -7.45
CA GLN A 85 10.84 8.62 -6.80
C GLN A 85 9.85 9.46 -6.01
N VAL A 86 9.00 8.79 -5.24
CA VAL A 86 8.00 9.48 -4.44
C VAL A 86 8.30 9.32 -2.95
N GLU A 87 7.39 9.83 -2.12
CA GLU A 87 7.55 9.75 -0.67
C GLU A 87 7.67 8.29 -0.21
N ILE A 88 8.69 8.01 0.59
CA ILE A 88 8.92 6.66 1.10
C ILE A 88 8.85 6.62 2.62
N PHE A 89 9.09 5.45 3.18
CA PHE A 89 9.06 5.28 4.63
C PHE A 89 9.90 4.07 5.06
N ASP A 90 10.04 3.90 6.37
CA ASP A 90 10.82 2.78 6.90
C ASP A 90 9.91 1.61 7.25
N PRO A 91 10.49 0.39 7.26
CA PRO A 91 9.75 -0.83 7.57
C PRO A 91 9.35 -0.91 9.04
N ASP A 92 9.86 0.01 9.84
CA ASP A 92 9.56 0.05 11.26
C ASP A 92 8.31 0.89 11.52
N ASP A 93 8.18 2.00 10.80
CA ASP A 93 7.04 2.88 10.95
C ASP A 93 5.74 2.14 10.65
N LEU A 94 5.79 1.23 9.69
CA LEU A 94 4.61 0.46 9.29
C LEU A 94 4.47 -0.78 10.17
N TYR A 95 5.48 -1.63 10.17
CA TYR A 95 5.47 -2.85 10.96
C TYR A 95 5.07 -2.56 12.40
N SER A 96 5.82 -1.68 13.05
CA SER A 96 5.55 -1.32 14.44
C SER A 96 4.37 -0.35 14.52
N GLY A 97 4.46 0.75 13.78
CA GLY A 97 3.40 1.74 13.78
C GLY A 97 3.83 3.05 14.40
N VAL A 98 5.02 3.51 14.03
CA VAL A 98 5.54 4.77 14.55
C VAL A 98 4.95 5.97 13.82
N ASN A 99 4.92 5.89 12.50
CA ASN A 99 4.37 6.97 11.68
C ASN A 99 3.61 6.41 10.48
N PHE A 100 2.31 6.68 10.44
CA PHE A 100 1.46 6.20 9.36
C PHE A 100 1.28 7.28 8.29
N SER A 101 1.07 8.52 8.74
CA SER A 101 0.88 9.64 7.83
C SER A 101 1.75 9.48 6.59
N LYS A 102 2.96 9.00 6.78
CA LYS A 102 3.90 8.79 5.69
C LYS A 102 3.44 7.67 4.77
N VAL A 103 3.29 6.48 5.35
CA VAL A 103 2.84 5.31 4.58
C VAL A 103 1.63 5.64 3.73
N LEU A 104 0.72 6.43 4.29
CA LEU A 104 -0.49 6.83 3.58
C LEU A 104 -0.16 7.72 2.38
N SER A 105 0.54 8.81 2.65
CA SER A 105 0.92 9.75 1.60
C SER A 105 1.68 9.03 0.48
N THR A 106 2.60 8.15 0.87
CA THR A 106 3.39 7.39 -0.09
C THR A 106 2.50 6.73 -1.13
N LEU A 107 1.51 5.99 -0.67
CA LEU A 107 0.58 5.30 -1.56
C LEU A 107 -0.22 6.29 -2.39
N LEU A 108 -0.63 7.38 -1.76
CA LEU A 108 -1.40 8.42 -2.46
C LEU A 108 -0.67 8.90 -3.71
N ALA A 109 0.62 9.17 -3.57
CA ALA A 109 1.43 9.62 -4.68
C ALA A 109 1.49 8.58 -5.79
N VAL A 110 1.82 7.35 -5.41
CA VAL A 110 1.92 6.26 -6.38
C VAL A 110 0.64 6.15 -7.21
N ASN A 111 -0.50 6.15 -6.53
CA ASN A 111 -1.79 6.05 -7.21
C ASN A 111 -1.94 7.14 -8.26
N LYS A 112 -1.51 8.35 -7.91
CA LYS A 112 -1.60 9.49 -8.82
C LYS A 112 -0.58 9.34 -9.95
N ALA A 113 0.62 8.87 -9.62
CA ALA A 113 1.66 8.70 -10.61
C ALA A 113 1.28 7.63 -11.63
N THR A 114 0.58 6.60 -11.16
CA THR A 114 0.15 5.51 -12.04
C THR A 114 -0.96 5.97 -12.98
N GLU A 115 -1.84 6.82 -12.49
CA GLU A 115 -2.95 7.33 -13.29
C GLU A 115 -2.57 8.65 -13.96
N SER A 116 -3.07 8.86 -15.17
CA SER A 116 -2.79 10.08 -15.91
C SER A 116 -3.85 11.13 -15.67
N GLY A 117 -4.19 11.34 -14.40
CA GLY A 117 -5.21 12.32 -14.06
C GLY A 117 -6.60 11.89 -14.47
N PRO A 118 -7.60 12.22 -13.63
CA PRO A 118 -9.00 11.86 -13.89
C PRO A 118 -9.58 12.64 -15.06
N SER A 119 -8.83 13.62 -15.56
CA SER A 119 -9.28 14.44 -16.67
C SER A 119 -9.78 13.57 -17.82
N SER A 120 -10.97 13.89 -18.31
CA SER A 120 -11.58 13.14 -19.41
C SER A 120 -12.46 14.04 -20.28
N GLY A 121 -12.18 14.05 -21.58
CA GLY A 121 -12.94 14.88 -22.48
C GLY A 121 -12.11 15.99 -23.10
N GLY A 1 -17.38 22.42 -1.54
CA GLY A 1 -17.45 21.56 -2.71
C GLY A 1 -16.73 20.23 -2.49
N SER A 2 -15.48 20.30 -2.05
CA SER A 2 -14.68 19.10 -1.82
C SER A 2 -14.64 18.77 -0.33
N SER A 3 -15.46 17.81 0.09
CA SER A 3 -15.52 17.40 1.49
C SER A 3 -14.15 16.92 1.97
N GLY A 4 -13.58 17.65 2.92
CA GLY A 4 -12.27 17.28 3.44
C GLY A 4 -12.20 15.84 3.87
N SER A 5 -11.25 15.09 3.30
CA SER A 5 -11.10 13.68 3.64
C SER A 5 -9.70 13.41 4.19
N SER A 6 -9.54 12.25 4.82
CA SER A 6 -8.27 11.87 5.41
C SER A 6 -7.40 11.13 4.40
N GLY A 7 -8.01 10.21 3.67
CA GLY A 7 -7.27 9.44 2.68
C GLY A 7 -7.38 7.95 2.90
N GLU A 8 -7.34 7.54 4.17
CA GLU A 8 -7.42 6.13 4.52
C GLU A 8 -8.37 5.39 3.58
N GLU A 9 -9.62 5.84 3.54
CA GLU A 9 -10.63 5.22 2.68
C GLU A 9 -10.15 5.16 1.24
N GLN A 10 -9.77 6.32 0.70
CA GLN A 10 -9.30 6.41 -0.67
C GLN A 10 -8.34 5.26 -0.99
N ILE A 11 -7.38 5.03 -0.10
CA ILE A 11 -6.40 3.97 -0.28
C ILE A 11 -7.06 2.60 -0.20
N VAL A 12 -7.96 2.44 0.77
CA VAL A 12 -8.65 1.17 0.97
C VAL A 12 -9.40 0.77 -0.30
N THR A 13 -10.28 1.64 -0.78
CA THR A 13 -11.06 1.37 -1.97
C THR A 13 -10.15 1.17 -3.19
N TRP A 14 -9.18 2.05 -3.34
CA TRP A 14 -8.24 1.98 -4.45
C TRP A 14 -7.63 0.58 -4.55
N LEU A 15 -6.88 0.19 -3.53
CA LEU A 15 -6.25 -1.13 -3.51
C LEU A 15 -7.19 -2.19 -4.04
N ILE A 16 -8.38 -2.29 -3.44
CA ILE A 16 -9.38 -3.26 -3.85
C ILE A 16 -9.69 -3.14 -5.34
N SER A 17 -10.06 -1.93 -5.76
CA SER A 17 -10.39 -1.68 -7.16
C SER A 17 -9.35 -2.32 -8.08
N LEU A 18 -8.08 -2.16 -7.74
CA LEU A 18 -7.00 -2.73 -8.54
C LEU A 18 -7.07 -4.26 -8.54
N GLY A 19 -7.27 -4.84 -7.36
CA GLY A 19 -7.34 -6.28 -7.25
C GLY A 19 -6.24 -6.86 -6.39
N VAL A 20 -5.94 -6.18 -5.28
CA VAL A 20 -4.90 -6.63 -4.37
C VAL A 20 -5.43 -6.74 -2.95
N LEU A 21 -6.33 -5.83 -2.58
CA LEU A 21 -6.91 -5.82 -1.25
C LEU A 21 -8.30 -6.46 -1.26
N GLU A 22 -8.53 -7.38 -0.31
CA GLU A 22 -9.81 -8.06 -0.22
C GLU A 22 -10.95 -7.06 -0.09
N SER A 23 -12.12 -7.44 -0.61
CA SER A 23 -13.29 -6.57 -0.58
C SER A 23 -14.33 -7.12 0.40
N PRO A 24 -14.17 -6.80 1.69
CA PRO A 24 -15.08 -7.25 2.74
C PRO A 24 -16.44 -6.57 2.65
N LYS A 25 -17.46 -7.36 2.35
CA LYS A 25 -18.82 -6.84 2.24
C LYS A 25 -19.09 -5.79 3.30
N LYS A 26 -18.90 -6.16 4.56
CA LYS A 26 -19.12 -5.24 5.67
C LYS A 26 -18.42 -3.90 5.42
N THR A 27 -18.58 -2.98 6.36
CA THR A 27 -17.97 -1.66 6.24
C THR A 27 -17.02 -1.39 7.40
N ILE A 28 -15.73 -1.24 7.07
CA ILE A 28 -14.72 -0.97 8.07
C ILE A 28 -14.94 0.38 8.74
N CYS A 29 -15.34 0.36 10.01
CA CYS A 29 -15.58 1.59 10.75
C CYS A 29 -14.27 2.33 11.03
N ASP A 30 -13.22 1.57 11.29
CA ASP A 30 -11.91 2.15 11.57
C ASP A 30 -10.88 1.70 10.53
N PRO A 31 -10.84 2.41 9.39
CA PRO A 31 -9.92 2.11 8.30
C PRO A 31 -8.47 2.43 8.67
N GLU A 32 -8.29 3.33 9.64
CA GLU A 32 -6.97 3.72 10.08
C GLU A 32 -6.16 2.51 10.55
N GLU A 33 -6.78 1.69 11.38
CA GLU A 33 -6.13 0.49 11.90
C GLU A 33 -6.12 -0.63 10.86
N PHE A 34 -7.25 -0.81 10.20
CA PHE A 34 -7.38 -1.84 9.17
C PHE A 34 -6.26 -1.73 8.15
N LEU A 35 -6.09 -0.55 7.58
CA LEU A 35 -5.06 -0.30 6.59
C LEU A 35 -3.68 -0.69 7.12
N LYS A 36 -3.37 -0.21 8.32
CA LYS A 36 -2.09 -0.51 8.95
C LYS A 36 -1.90 -2.01 9.13
N SER A 37 -2.98 -2.71 9.46
CA SER A 37 -2.94 -4.15 9.67
C SER A 37 -2.67 -4.87 8.35
N SER A 38 -3.24 -4.35 7.27
CA SER A 38 -3.07 -4.94 5.95
C SER A 38 -1.66 -4.69 5.42
N LEU A 39 -1.25 -3.42 5.45
CA LEU A 39 0.08 -3.04 4.97
C LEU A 39 1.17 -3.64 5.85
N LYS A 40 0.93 -3.66 7.15
CA LYS A 40 1.88 -4.21 8.10
C LYS A 40 2.61 -5.41 7.51
N ASN A 41 1.86 -6.46 7.20
CA ASN A 41 2.43 -7.67 6.62
C ASN A 41 3.47 -7.32 5.55
N GLY A 42 3.08 -6.44 4.63
CA GLY A 42 3.98 -6.05 3.57
C GLY A 42 3.67 -6.74 2.25
N VAL A 43 3.11 -7.94 2.33
CA VAL A 43 2.76 -8.70 1.14
C VAL A 43 1.69 -8.00 0.32
N VAL A 44 0.88 -7.19 1.00
CA VAL A 44 -0.20 -6.45 0.34
C VAL A 44 0.37 -5.40 -0.61
N LEU A 45 1.38 -4.68 -0.14
CA LEU A 45 2.01 -3.64 -0.96
C LEU A 45 2.79 -4.25 -2.12
N CYS A 46 3.48 -5.36 -1.85
CA CYS A 46 4.25 -6.05 -2.88
C CYS A 46 3.37 -6.44 -4.06
N LYS A 47 2.21 -7.00 -3.75
CA LYS A 47 1.27 -7.42 -4.79
C LYS A 47 0.69 -6.22 -5.52
N LEU A 48 0.64 -5.09 -4.84
CA LEU A 48 0.10 -3.86 -5.44
C LEU A 48 1.07 -3.29 -6.46
N ILE A 49 2.28 -2.96 -6.00
CA ILE A 49 3.30 -2.41 -6.89
C ILE A 49 3.50 -3.28 -8.13
N ASN A 50 3.20 -4.57 -7.99
CA ASN A 50 3.34 -5.50 -9.09
C ASN A 50 2.30 -5.25 -10.17
N ARG A 51 1.07 -4.93 -9.73
CA ARG A 51 -0.02 -4.65 -10.65
C ARG A 51 0.18 -3.31 -11.35
N LEU A 52 0.79 -2.37 -10.64
CA LEU A 52 1.04 -1.04 -11.20
C LEU A 52 2.14 -1.09 -12.25
N MET A 53 3.28 -1.66 -11.88
CA MET A 53 4.41 -1.78 -12.79
C MET A 53 4.74 -3.23 -13.07
N PRO A 54 4.96 -3.57 -14.36
CA PRO A 54 5.29 -4.93 -14.78
C PRO A 54 6.68 -5.36 -14.33
N GLY A 55 6.74 -6.14 -13.26
CA GLY A 55 8.02 -6.60 -12.76
C GLY A 55 8.59 -5.69 -11.70
N SER A 56 7.79 -5.40 -10.68
CA SER A 56 8.21 -4.53 -9.59
C SER A 56 8.99 -5.30 -8.54
N VAL A 57 8.39 -6.37 -8.02
CA VAL A 57 9.03 -7.21 -7.01
C VAL A 57 9.54 -8.50 -7.62
N GLU A 58 10.70 -8.95 -7.15
CA GLU A 58 11.29 -10.19 -7.65
C GLU A 58 10.70 -11.40 -6.94
N LYS A 59 10.68 -11.35 -5.62
CA LYS A 59 10.13 -12.44 -4.81
C LYS A 59 9.87 -11.98 -3.38
N PHE A 60 8.59 -12.04 -2.97
CA PHE A 60 8.21 -11.63 -1.62
C PHE A 60 7.58 -12.80 -0.87
N CYS A 61 7.09 -12.51 0.33
CA CYS A 61 6.45 -13.54 1.15
C CYS A 61 4.93 -13.45 1.06
N LEU A 62 4.34 -14.39 0.34
CA LEU A 62 2.89 -14.42 0.17
C LEU A 62 2.19 -14.52 1.52
N ASP A 63 2.66 -15.43 2.37
CA ASP A 63 2.08 -15.63 3.68
C ASP A 63 3.17 -15.67 4.76
N PRO A 64 3.53 -14.50 5.28
CA PRO A 64 4.55 -14.37 6.33
C PRO A 64 4.10 -14.95 7.67
N GLN A 65 4.54 -16.17 7.96
CA GLN A 65 4.18 -16.82 9.21
C GLN A 65 4.75 -16.08 10.41
N THR A 66 5.94 -15.50 10.23
CA THR A 66 6.60 -14.76 11.29
C THR A 66 6.87 -13.32 10.87
N GLU A 67 7.32 -12.50 11.82
CA GLU A 67 7.63 -11.11 11.54
C GLU A 67 8.69 -10.98 10.46
N ALA A 68 9.83 -11.63 10.68
CA ALA A 68 10.92 -11.59 9.72
C ALA A 68 10.41 -11.68 8.29
N ASP A 69 9.44 -12.56 8.06
CA ASP A 69 8.86 -12.72 6.73
C ASP A 69 8.14 -11.47 6.29
N CYS A 70 7.47 -10.81 7.23
CA CYS A 70 6.73 -9.59 6.94
C CYS A 70 7.67 -8.48 6.48
N ILE A 71 8.65 -8.16 7.33
CA ILE A 71 9.61 -7.12 7.02
C ILE A 71 10.13 -7.25 5.58
N ASN A 72 10.49 -8.47 5.20
CA ASN A 72 10.99 -8.74 3.86
C ASN A 72 10.05 -8.16 2.81
N ASN A 73 8.76 -8.43 2.96
CA ASN A 73 7.76 -7.93 2.02
C ASN A 73 7.82 -6.41 1.90
N ILE A 74 7.66 -5.73 3.03
CA ILE A 74 7.70 -4.28 3.06
C ILE A 74 8.88 -3.75 2.24
N ASN A 75 10.07 -4.26 2.53
CA ASN A 75 11.27 -3.84 1.82
C ASN A 75 11.13 -4.07 0.32
N ASP A 76 10.66 -5.26 -0.05
CA ASP A 76 10.47 -5.61 -1.46
C ASP A 76 9.67 -4.52 -2.17
N PHE A 77 8.56 -4.12 -1.56
CA PHE A 77 7.69 -3.10 -2.15
C PHE A 77 8.47 -1.83 -2.45
N LEU A 78 9.22 -1.36 -1.46
CA LEU A 78 10.03 -0.14 -1.62
C LEU A 78 10.97 -0.26 -2.82
N LYS A 79 11.65 -1.39 -2.92
CA LYS A 79 12.57 -1.64 -4.02
C LYS A 79 12.00 -1.12 -5.33
N GLY A 80 10.72 -1.37 -5.55
CA GLY A 80 10.08 -0.92 -6.78
C GLY A 80 9.64 0.53 -6.70
N CYS A 81 9.20 0.95 -5.51
CA CYS A 81 8.75 2.32 -5.31
C CYS A 81 9.77 3.32 -5.83
N ALA A 82 11.04 3.06 -5.55
CA ALA A 82 12.12 3.93 -6.00
C ALA A 82 11.93 4.33 -7.46
N THR A 83 11.57 3.36 -8.29
CA THR A 83 11.37 3.61 -9.71
C THR A 83 10.39 4.76 -9.93
N LEU A 84 9.39 4.85 -9.06
CA LEU A 84 8.40 5.92 -9.17
C LEU A 84 8.99 7.26 -8.75
N GLN A 85 10.09 7.22 -8.00
CA GLN A 85 10.75 8.44 -7.54
C GLN A 85 9.83 9.23 -6.62
N VAL A 86 9.10 8.53 -5.76
CA VAL A 86 8.18 9.18 -4.83
C VAL A 86 8.62 8.93 -3.39
N GLU A 87 8.19 9.82 -2.49
CA GLU A 87 8.52 9.70 -1.08
C GLU A 87 8.46 8.24 -0.62
N ILE A 88 9.35 7.87 0.30
CA ILE A 88 9.39 6.50 0.81
C ILE A 88 9.37 6.50 2.33
N PHE A 89 9.27 5.31 2.92
CA PHE A 89 9.24 5.16 4.37
C PHE A 89 9.98 3.89 4.79
N ASP A 90 10.13 3.71 6.10
CA ASP A 90 10.81 2.54 6.65
C ASP A 90 9.80 1.49 7.08
N PRO A 91 10.26 0.24 7.16
CA PRO A 91 9.42 -0.90 7.56
C PRO A 91 9.04 -0.84 9.04
N ASP A 92 9.65 0.09 9.76
CA ASP A 92 9.37 0.25 11.18
C ASP A 92 8.09 1.06 11.41
N ASP A 93 7.99 2.19 10.74
CA ASP A 93 6.82 3.05 10.86
C ASP A 93 5.55 2.29 10.50
N LEU A 94 5.66 1.40 9.52
CA LEU A 94 4.51 0.61 9.09
C LEU A 94 4.24 -0.54 10.05
N TYR A 95 5.25 -1.38 10.27
CA TYR A 95 5.12 -2.52 11.17
C TYR A 95 4.71 -2.06 12.56
N SER A 96 5.55 -1.25 13.18
CA SER A 96 5.29 -0.75 14.52
C SER A 96 4.03 0.13 14.53
N GLY A 97 4.01 1.12 13.65
CA GLY A 97 2.88 2.03 13.56
C GLY A 97 3.12 3.34 14.27
N VAL A 98 4.36 3.84 14.17
CA VAL A 98 4.72 5.10 14.80
C VAL A 98 4.24 6.29 13.98
N ASN A 99 4.65 6.33 12.71
CA ASN A 99 4.27 7.42 11.81
C ASN A 99 3.60 6.87 10.56
N PHE A 100 2.30 6.59 10.67
CA PHE A 100 1.54 6.06 9.54
C PHE A 100 1.31 7.14 8.48
N SER A 101 1.00 8.36 8.94
CA SER A 101 0.76 9.47 8.03
C SER A 101 1.66 9.39 6.81
N LYS A 102 2.92 9.00 7.04
CA LYS A 102 3.88 8.88 5.95
C LYS A 102 3.46 7.81 4.96
N VAL A 103 3.33 6.57 5.44
CA VAL A 103 2.92 5.47 4.59
C VAL A 103 1.71 5.82 3.75
N LEU A 104 0.74 6.49 4.37
CA LEU A 104 -0.47 6.90 3.67
C LEU A 104 -0.14 7.73 2.43
N SER A 105 0.61 8.81 2.63
CA SER A 105 0.99 9.68 1.54
C SER A 105 1.77 8.92 0.47
N THR A 106 2.85 8.26 0.89
CA THR A 106 3.67 7.49 -0.03
C THR A 106 2.82 6.78 -1.07
N LEU A 107 1.67 6.26 -0.65
CA LEU A 107 0.76 5.56 -1.55
C LEU A 107 -0.07 6.55 -2.36
N LEU A 108 -0.45 7.65 -1.72
CA LEU A 108 -1.25 8.68 -2.36
C LEU A 108 -0.61 9.12 -3.68
N ALA A 109 0.70 9.37 -3.63
CA ALA A 109 1.44 9.79 -4.81
C ALA A 109 1.39 8.73 -5.90
N VAL A 110 1.76 7.50 -5.54
CA VAL A 110 1.77 6.39 -6.49
C VAL A 110 0.46 6.35 -7.27
N ASN A 111 -0.65 6.28 -6.57
CA ASN A 111 -1.97 6.22 -7.20
C ASN A 111 -2.08 7.28 -8.30
N LYS A 112 -1.62 8.49 -8.00
CA LYS A 112 -1.66 9.59 -8.97
C LYS A 112 -0.74 9.32 -10.14
N ALA A 113 0.52 9.03 -9.85
CA ALA A 113 1.50 8.74 -10.88
C ALA A 113 1.01 7.66 -11.83
N THR A 114 0.39 6.62 -11.27
CA THR A 114 -0.13 5.52 -12.06
C THR A 114 -1.31 5.97 -12.91
N GLU A 115 -2.20 6.77 -12.31
CA GLU A 115 -3.37 7.26 -13.02
C GLU A 115 -3.08 8.59 -13.69
N SER A 116 -4.08 9.12 -14.41
CA SER A 116 -3.92 10.38 -15.12
C SER A 116 -5.05 11.36 -14.74
N GLY A 117 -4.67 12.59 -14.43
CA GLY A 117 -5.65 13.59 -14.05
C GLY A 117 -5.67 14.77 -15.01
N PRO A 118 -4.93 15.83 -14.67
CA PRO A 118 -4.85 17.05 -15.48
C PRO A 118 -4.08 16.82 -16.78
N SER A 119 -3.42 15.66 -16.87
CA SER A 119 -2.65 15.33 -18.06
C SER A 119 -3.31 15.88 -19.32
N SER A 120 -2.50 16.30 -20.28
CA SER A 120 -2.99 16.85 -21.53
C SER A 120 -2.91 15.83 -22.66
N GLY A 121 -3.39 16.20 -23.84
CA GLY A 121 -3.37 15.30 -24.97
C GLY A 121 -1.99 14.70 -25.20
N GLY A 1 -23.25 15.98 7.84
CA GLY A 1 -22.26 14.92 7.73
C GLY A 1 -20.87 15.46 7.45
N SER A 2 -19.87 14.62 7.68
CA SER A 2 -18.48 15.01 7.45
C SER A 2 -18.32 15.72 6.10
N SER A 3 -17.36 16.63 6.02
CA SER A 3 -17.11 17.38 4.79
C SER A 3 -15.65 17.28 4.39
N GLY A 4 -15.32 16.27 3.60
CA GLY A 4 -13.95 16.09 3.14
C GLY A 4 -13.46 14.66 3.33
N SER A 5 -12.23 14.41 2.91
CA SER A 5 -11.65 13.08 3.03
C SER A 5 -10.24 13.15 3.62
N SER A 6 -9.75 12.01 4.10
CA SER A 6 -8.41 11.95 4.69
C SER A 6 -7.45 11.22 3.76
N GLY A 7 -7.82 10.00 3.38
CA GLY A 7 -6.96 9.21 2.49
C GLY A 7 -7.09 7.73 2.75
N GLU A 8 -7.12 7.34 4.02
CA GLU A 8 -7.22 5.93 4.40
C GLU A 8 -8.22 5.22 3.51
N GLU A 9 -9.45 5.75 3.44
CA GLU A 9 -10.50 5.16 2.62
C GLU A 9 -10.10 5.14 1.15
N GLN A 10 -9.58 6.25 0.67
CA GLN A 10 -9.15 6.35 -0.73
C GLN A 10 -8.20 5.22 -1.10
N ILE A 11 -7.25 4.96 -0.21
CA ILE A 11 -6.26 3.90 -0.43
C ILE A 11 -6.93 2.52 -0.40
N VAL A 12 -7.78 2.30 0.60
CA VAL A 12 -8.48 1.04 0.74
C VAL A 12 -9.24 0.68 -0.54
N THR A 13 -10.02 1.64 -1.04
CA THR A 13 -10.80 1.42 -2.25
C THR A 13 -9.90 1.25 -3.47
N TRP A 14 -8.80 2.00 -3.49
CA TRP A 14 -7.86 1.93 -4.59
C TRP A 14 -7.31 0.51 -4.76
N LEU A 15 -6.70 -0.01 -3.70
CA LEU A 15 -6.14 -1.36 -3.73
C LEU A 15 -7.18 -2.37 -4.20
N ILE A 16 -8.22 -2.57 -3.39
CA ILE A 16 -9.28 -3.51 -3.73
C ILE A 16 -9.65 -3.41 -5.21
N SER A 17 -10.01 -2.21 -5.64
CA SER A 17 -10.39 -1.98 -7.04
C SER A 17 -9.44 -2.71 -7.98
N LEU A 18 -8.14 -2.53 -7.76
CA LEU A 18 -7.13 -3.17 -8.59
C LEU A 18 -7.28 -4.68 -8.57
N GLY A 19 -7.69 -5.21 -7.43
CA GLY A 19 -7.87 -6.65 -7.30
C GLY A 19 -6.74 -7.31 -6.53
N VAL A 20 -6.13 -6.56 -5.63
CA VAL A 20 -5.02 -7.08 -4.83
C VAL A 20 -5.44 -7.27 -3.37
N LEU A 21 -6.35 -6.43 -2.91
CA LEU A 21 -6.84 -6.49 -1.54
C LEU A 21 -8.26 -7.02 -1.50
N GLU A 22 -8.55 -7.89 -0.52
CA GLU A 22 -9.88 -8.47 -0.37
C GLU A 22 -10.82 -7.47 0.28
N SER A 23 -12.08 -7.50 -0.14
CA SER A 23 -13.09 -6.60 0.40
C SER A 23 -13.94 -7.30 1.46
N PRO A 24 -13.97 -6.73 2.68
CA PRO A 24 -14.74 -7.29 3.80
C PRO A 24 -16.24 -7.15 3.60
N LYS A 25 -17.01 -7.89 4.39
CA LYS A 25 -18.46 -7.85 4.30
C LYS A 25 -19.03 -6.71 5.14
N LYS A 26 -18.58 -6.63 6.38
CA LYS A 26 -19.05 -5.59 7.30
C LYS A 26 -18.28 -4.29 7.07
N THR A 27 -18.94 -3.16 7.34
CA THR A 27 -18.34 -1.86 7.16
C THR A 27 -17.10 -1.69 8.05
N ILE A 28 -16.06 -1.08 7.50
CA ILE A 28 -14.83 -0.87 8.25
C ILE A 28 -14.89 0.44 9.04
N CYS A 29 -15.33 0.34 10.29
CA CYS A 29 -15.44 1.51 11.16
C CYS A 29 -14.07 2.12 11.42
N ASP A 30 -13.07 1.26 11.60
CA ASP A 30 -11.71 1.71 11.86
C ASP A 30 -10.80 1.39 10.68
N PRO A 31 -10.84 2.24 9.65
CA PRO A 31 -10.03 2.06 8.45
C PRO A 31 -8.55 2.32 8.71
N GLU A 32 -8.25 3.28 9.58
CA GLU A 32 -6.88 3.61 9.92
C GLU A 32 -6.09 2.35 10.33
N GLU A 33 -6.58 1.67 11.36
CA GLU A 33 -5.93 0.46 11.84
C GLU A 33 -5.95 -0.63 10.77
N PHE A 34 -7.12 -0.86 10.19
CA PHE A 34 -7.28 -1.88 9.16
C PHE A 34 -6.16 -1.80 8.14
N LEU A 35 -5.98 -0.61 7.55
CA LEU A 35 -4.93 -0.41 6.56
C LEU A 35 -3.56 -0.76 7.12
N LYS A 36 -3.28 -0.27 8.33
CA LYS A 36 -2.00 -0.54 8.98
C LYS A 36 -1.73 -2.04 9.05
N SER A 37 -2.76 -2.80 9.39
CA SER A 37 -2.64 -4.26 9.50
C SER A 37 -2.52 -4.89 8.12
N SER A 38 -3.14 -4.27 7.13
CA SER A 38 -3.10 -4.78 5.77
C SER A 38 -1.74 -4.51 5.12
N LEU A 39 -1.14 -3.37 5.45
CA LEU A 39 0.16 -3.00 4.91
C LEU A 39 1.28 -3.46 5.84
N LYS A 40 0.94 -3.68 7.11
CA LYS A 40 1.92 -4.12 8.09
C LYS A 40 2.94 -5.07 7.46
N ASN A 41 2.52 -6.30 7.21
CA ASN A 41 3.39 -7.31 6.62
C ASN A 41 4.13 -6.73 5.40
N GLY A 42 3.37 -6.18 4.47
CA GLY A 42 3.97 -5.60 3.28
C GLY A 42 3.62 -6.36 2.02
N VAL A 43 2.99 -7.53 2.20
CA VAL A 43 2.59 -8.36 1.07
C VAL A 43 1.59 -7.64 0.17
N VAL A 44 0.53 -7.11 0.79
CA VAL A 44 -0.50 -6.39 0.05
C VAL A 44 0.10 -5.29 -0.81
N LEU A 45 1.33 -4.90 -0.50
CA LEU A 45 2.03 -3.86 -1.25
C LEU A 45 2.80 -4.46 -2.41
N CYS A 46 3.53 -5.54 -2.15
CA CYS A 46 4.31 -6.21 -3.18
C CYS A 46 3.44 -6.57 -4.38
N LYS A 47 2.17 -6.82 -4.12
CA LYS A 47 1.23 -7.19 -5.17
C LYS A 47 0.71 -5.95 -5.90
N LEU A 48 0.57 -4.86 -5.16
CA LEU A 48 0.09 -3.60 -5.75
C LEU A 48 1.07 -3.08 -6.79
N ILE A 49 2.27 -2.74 -6.34
CA ILE A 49 3.30 -2.23 -7.24
C ILE A 49 3.44 -3.11 -8.48
N ASN A 50 3.08 -4.38 -8.34
CA ASN A 50 3.16 -5.32 -9.44
C ASN A 50 2.08 -5.03 -10.49
N ARG A 51 0.90 -4.65 -10.03
CA ARG A 51 -0.21 -4.35 -10.93
C ARG A 51 0.01 -3.00 -11.61
N LEU A 52 0.84 -2.16 -10.99
CA LEU A 52 1.13 -0.83 -11.54
C LEU A 52 2.23 -0.91 -12.58
N MET A 53 3.33 -1.56 -12.23
CA MET A 53 4.47 -1.70 -13.14
C MET A 53 4.78 -3.17 -13.38
N PRO A 54 5.03 -3.52 -14.65
CA PRO A 54 5.36 -4.90 -15.03
C PRO A 54 6.74 -5.33 -14.55
N GLY A 55 6.76 -6.15 -13.50
CA GLY A 55 8.03 -6.62 -12.96
C GLY A 55 8.55 -5.72 -11.86
N SER A 56 7.72 -5.48 -10.84
CA SER A 56 8.11 -4.63 -9.73
C SER A 56 8.77 -5.45 -8.63
N VAL A 57 8.05 -6.46 -8.14
CA VAL A 57 8.56 -7.33 -7.08
C VAL A 57 8.97 -8.69 -7.63
N GLU A 58 10.14 -9.16 -7.22
CA GLU A 58 10.64 -10.46 -7.67
C GLU A 58 9.98 -11.60 -6.92
N LYS A 59 10.16 -11.61 -5.60
CA LYS A 59 9.57 -12.65 -4.76
C LYS A 59 9.23 -12.10 -3.38
N PHE A 60 7.94 -12.11 -3.04
CA PHE A 60 7.48 -11.61 -1.76
C PHE A 60 6.73 -12.69 -0.99
N CYS A 61 6.49 -12.44 0.29
CA CYS A 61 5.78 -13.40 1.14
C CYS A 61 4.27 -13.19 1.06
N LEU A 62 3.55 -14.23 0.68
CA LEU A 62 2.10 -14.17 0.57
C LEU A 62 1.44 -14.26 1.94
N ASP A 63 1.85 -15.25 2.72
CA ASP A 63 1.30 -15.45 4.05
C ASP A 63 2.42 -15.51 5.10
N PRO A 64 2.91 -14.33 5.52
CA PRO A 64 3.98 -14.23 6.51
C PRO A 64 3.52 -14.65 7.90
N GLN A 65 4.04 -15.76 8.38
CA GLN A 65 3.68 -16.26 9.70
C GLN A 65 4.57 -15.65 10.78
N THR A 66 5.79 -15.27 10.39
CA THR A 66 6.74 -14.67 11.33
C THR A 66 6.98 -13.20 10.98
N GLU A 67 7.64 -12.50 11.91
CA GLU A 67 7.93 -11.08 11.70
C GLU A 67 8.97 -10.90 10.60
N ALA A 68 9.97 -11.78 10.59
CA ALA A 68 11.03 -11.72 9.59
C ALA A 68 10.45 -11.82 8.17
N ASP A 69 9.40 -12.61 8.03
CA ASP A 69 8.76 -12.80 6.74
C ASP A 69 7.95 -11.57 6.33
N CYS A 70 7.55 -10.79 7.33
CA CYS A 70 6.78 -9.57 7.08
C CYS A 70 7.68 -8.44 6.61
N ILE A 71 8.67 -8.10 7.44
CA ILE A 71 9.60 -7.02 7.11
C ILE A 71 10.12 -7.16 5.69
N ASN A 72 10.39 -8.40 5.28
CA ASN A 72 10.89 -8.67 3.94
C ASN A 72 10.00 -8.01 2.88
N ASN A 73 8.71 -8.31 2.96
CA ASN A 73 7.75 -7.75 2.01
C ASN A 73 7.95 -6.24 1.85
N ILE A 74 7.73 -5.51 2.92
CA ILE A 74 7.90 -4.05 2.90
C ILE A 74 9.10 -3.65 2.07
N ASN A 75 10.28 -4.10 2.48
CA ASN A 75 11.51 -3.79 1.77
C ASN A 75 11.33 -3.95 0.27
N ASP A 76 10.97 -5.15 -0.15
CA ASP A 76 10.76 -5.43 -1.57
C ASP A 76 9.85 -4.39 -2.20
N PHE A 77 8.64 -4.26 -1.67
CA PHE A 77 7.67 -3.29 -2.18
C PHE A 77 8.34 -1.95 -2.44
N LEU A 78 9.14 -1.49 -1.49
CA LEU A 78 9.83 -0.22 -1.62
C LEU A 78 10.75 -0.21 -2.84
N LYS A 79 11.55 -1.27 -2.98
CA LYS A 79 12.47 -1.39 -4.10
C LYS A 79 11.81 -0.96 -5.39
N GLY A 80 10.50 -1.20 -5.51
CA GLY A 80 9.77 -0.82 -6.70
C GLY A 80 9.31 0.62 -6.66
N CYS A 81 8.98 1.10 -5.47
CA CYS A 81 8.52 2.47 -5.31
C CYS A 81 9.58 3.46 -5.76
N ALA A 82 10.83 3.21 -5.37
CA ALA A 82 11.94 4.08 -5.73
C ALA A 82 11.88 4.46 -7.21
N THR A 83 11.38 3.54 -8.03
CA THR A 83 11.27 3.77 -9.47
C THR A 83 10.43 5.01 -9.76
N LEU A 84 9.35 5.18 -9.00
CA LEU A 84 8.46 6.33 -9.18
C LEU A 84 9.07 7.58 -8.57
N GLN A 85 10.18 7.41 -7.85
CA GLN A 85 10.85 8.53 -7.22
C GLN A 85 9.91 9.28 -6.27
N VAL A 86 9.03 8.53 -5.61
CA VAL A 86 8.08 9.13 -4.68
C VAL A 86 8.54 8.95 -3.23
N GLU A 87 7.95 9.74 -2.34
CA GLU A 87 8.31 9.67 -0.92
C GLU A 87 8.26 8.23 -0.42
N ILE A 88 9.19 7.88 0.47
CA ILE A 88 9.26 6.54 1.02
C ILE A 88 9.18 6.57 2.55
N PHE A 89 9.25 5.40 3.17
CA PHE A 89 9.19 5.29 4.62
C PHE A 89 9.93 4.05 5.10
N ASP A 90 10.20 4.01 6.41
CA ASP A 90 10.91 2.88 7.00
C ASP A 90 9.95 1.74 7.33
N PRO A 91 10.47 0.50 7.34
CA PRO A 91 9.67 -0.69 7.64
C PRO A 91 9.24 -0.75 9.09
N ASP A 92 9.84 0.11 9.92
CA ASP A 92 9.51 0.15 11.34
C ASP A 92 8.28 1.00 11.60
N ASP A 93 8.20 2.14 10.92
CA ASP A 93 7.07 3.05 11.08
C ASP A 93 5.78 2.37 10.66
N LEU A 94 5.82 1.65 9.54
CA LEU A 94 4.65 0.95 9.03
C LEU A 94 4.29 -0.23 9.92
N TYR A 95 5.28 -1.09 10.18
CA TYR A 95 5.07 -2.26 11.01
C TYR A 95 4.62 -1.86 12.42
N SER A 96 5.50 -1.19 13.14
CA SER A 96 5.20 -0.75 14.50
C SER A 96 4.01 0.20 14.51
N GLY A 97 3.98 1.12 13.54
CA GLY A 97 2.90 2.08 13.45
C GLY A 97 3.24 3.39 14.13
N VAL A 98 4.52 3.75 14.12
CA VAL A 98 4.97 4.99 14.74
C VAL A 98 4.55 6.20 13.91
N ASN A 99 4.86 6.17 12.61
CA ASN A 99 4.51 7.26 11.71
C ASN A 99 3.73 6.75 10.50
N PHE A 100 2.41 6.68 10.66
CA PHE A 100 1.54 6.21 9.58
C PHE A 100 1.31 7.30 8.55
N SER A 101 1.08 8.52 9.03
CA SER A 101 0.84 9.66 8.14
C SER A 101 1.74 9.60 6.92
N LYS A 102 2.96 9.12 7.11
CA LYS A 102 3.93 9.02 6.03
C LYS A 102 3.62 7.80 5.15
N VAL A 103 3.54 6.63 5.77
CA VAL A 103 3.25 5.39 5.05
C VAL A 103 2.05 5.57 4.12
N LEU A 104 1.05 6.32 4.59
CA LEU A 104 -0.15 6.57 3.80
C LEU A 104 0.16 7.44 2.60
N SER A 105 0.77 8.60 2.85
CA SER A 105 1.12 9.53 1.78
C SER A 105 1.89 8.82 0.68
N THR A 106 2.91 8.07 1.07
CA THR A 106 3.74 7.33 0.11
C THR A 106 2.87 6.56 -0.88
N LEU A 107 1.82 5.92 -0.38
CA LEU A 107 0.92 5.16 -1.23
C LEU A 107 0.03 6.08 -2.06
N LEU A 108 -0.35 7.22 -1.48
CA LEU A 108 -1.19 8.19 -2.18
C LEU A 108 -0.54 8.64 -3.48
N ALA A 109 0.77 8.87 -3.42
CA ALA A 109 1.52 9.31 -4.60
C ALA A 109 1.50 8.24 -5.69
N VAL A 110 1.91 7.02 -5.32
CA VAL A 110 1.95 5.91 -6.26
C VAL A 110 0.64 5.81 -7.04
N ASN A 111 -0.48 5.85 -6.31
CA ASN A 111 -1.79 5.76 -6.95
C ASN A 111 -1.98 6.87 -7.98
N LYS A 112 -1.44 8.04 -7.68
CA LYS A 112 -1.55 9.18 -8.57
C LYS A 112 -0.70 8.98 -9.82
N ALA A 113 0.60 8.77 -9.62
CA ALA A 113 1.52 8.56 -10.73
C ALA A 113 0.99 7.48 -11.68
N THR A 114 0.38 6.44 -11.12
CA THR A 114 -0.15 5.36 -11.91
C THR A 114 -1.47 5.76 -12.57
N GLU A 115 -2.25 6.60 -11.88
CA GLU A 115 -3.53 7.06 -12.40
C GLU A 115 -3.33 8.09 -13.50
N SER A 116 -3.33 7.62 -14.75
CA SER A 116 -3.15 8.50 -15.90
C SER A 116 -4.08 9.71 -15.82
N GLY A 117 -3.50 10.90 -15.69
CA GLY A 117 -4.29 12.11 -15.61
C GLY A 117 -5.00 12.43 -16.90
N PRO A 118 -6.20 13.02 -16.80
CA PRO A 118 -7.01 13.38 -17.96
C PRO A 118 -6.41 14.55 -18.74
N SER A 119 -6.31 14.38 -20.05
CA SER A 119 -5.75 15.42 -20.92
C SER A 119 -6.47 16.74 -20.72
N SER A 120 -5.76 17.74 -20.20
CA SER A 120 -6.34 19.06 -19.97
C SER A 120 -6.47 19.84 -21.27
N GLY A 121 -7.70 20.14 -21.65
CA GLY A 121 -7.94 20.89 -22.87
C GLY A 121 -8.18 22.36 -22.62
N GLY A 1 -11.83 22.93 -8.12
CA GLY A 1 -10.62 22.61 -7.37
C GLY A 1 -10.79 21.41 -6.47
N SER A 2 -9.72 21.06 -5.76
CA SER A 2 -9.76 19.91 -4.86
C SER A 2 -8.81 20.11 -3.68
N SER A 3 -9.11 19.46 -2.56
CA SER A 3 -8.28 19.57 -1.37
C SER A 3 -7.91 18.20 -0.83
N GLY A 4 -8.94 17.42 -0.46
CA GLY A 4 -8.70 16.09 0.07
C GLY A 4 -9.54 15.79 1.29
N SER A 5 -10.69 15.16 1.07
CA SER A 5 -11.60 14.82 2.17
C SER A 5 -10.97 13.78 3.09
N SER A 6 -10.61 12.64 2.53
CA SER A 6 -10.00 11.56 3.30
C SER A 6 -9.19 10.63 2.39
N GLY A 7 -7.91 10.50 2.69
CA GLY A 7 -7.05 9.64 1.89
C GLY A 7 -7.17 8.18 2.27
N GLU A 8 -7.22 7.91 3.58
CA GLU A 8 -7.34 6.54 4.07
C GLU A 8 -8.35 5.75 3.24
N GLU A 9 -9.52 6.34 3.03
CA GLU A 9 -10.57 5.69 2.25
C GLU A 9 -10.17 5.58 0.79
N GLN A 10 -9.46 6.58 0.29
CA GLN A 10 -9.01 6.59 -1.10
C GLN A 10 -8.08 5.43 -1.38
N ILE A 11 -7.17 5.16 -0.44
CA ILE A 11 -6.22 4.07 -0.59
C ILE A 11 -6.90 2.71 -0.43
N VAL A 12 -7.73 2.59 0.60
CA VAL A 12 -8.44 1.34 0.85
C VAL A 12 -9.28 0.93 -0.35
N THR A 13 -10.13 1.84 -0.83
CA THR A 13 -10.98 1.57 -1.97
C THR A 13 -10.14 1.40 -3.25
N TRP A 14 -9.16 2.27 -3.42
CA TRP A 14 -8.30 2.23 -4.59
C TRP A 14 -7.62 0.86 -4.71
N LEU A 15 -6.83 0.52 -3.71
CA LEU A 15 -6.13 -0.76 -3.70
C LEU A 15 -7.05 -1.90 -4.12
N ILE A 16 -8.12 -2.09 -3.35
CA ILE A 16 -9.08 -3.14 -3.64
C ILE A 16 -9.55 -3.08 -5.09
N SER A 17 -9.87 -1.87 -5.55
CA SER A 17 -10.33 -1.66 -6.92
C SER A 17 -9.36 -2.31 -7.92
N LEU A 18 -8.07 -2.20 -7.64
CA LEU A 18 -7.05 -2.77 -8.51
C LEU A 18 -7.08 -4.30 -8.45
N GLY A 19 -7.26 -4.83 -7.25
CA GLY A 19 -7.31 -6.27 -7.08
C GLY A 19 -6.13 -6.79 -6.27
N VAL A 20 -5.70 -6.02 -5.29
CA VAL A 20 -4.59 -6.40 -4.43
C VAL A 20 -5.02 -6.54 -2.98
N LEU A 21 -5.93 -5.67 -2.56
CA LEU A 21 -6.43 -5.71 -1.19
C LEU A 21 -7.84 -6.29 -1.14
N GLU A 22 -8.06 -7.18 -0.18
CA GLU A 22 -9.37 -7.82 -0.03
C GLU A 22 -10.47 -6.78 0.09
N SER A 23 -11.70 -7.18 -0.23
CA SER A 23 -12.85 -6.29 -0.17
C SER A 23 -13.75 -6.63 1.01
N PRO A 24 -13.36 -6.17 2.20
CA PRO A 24 -14.12 -6.41 3.43
C PRO A 24 -15.45 -5.65 3.45
N LYS A 25 -16.45 -6.20 2.78
CA LYS A 25 -17.76 -5.56 2.72
C LYS A 25 -18.58 -5.91 3.97
N LYS A 26 -17.92 -5.93 5.11
CA LYS A 26 -18.58 -6.23 6.38
C LYS A 26 -18.65 -5.01 7.27
N THR A 27 -17.51 -4.63 7.85
CA THR A 27 -17.44 -3.47 8.73
C THR A 27 -15.99 -3.11 9.05
N ILE A 28 -15.65 -1.83 8.90
CA ILE A 28 -14.30 -1.37 9.18
C ILE A 28 -14.30 -0.35 10.32
N CYS A 29 -14.28 -0.87 11.55
CA CYS A 29 -14.27 -0.01 12.74
C CYS A 29 -13.47 1.26 12.47
N ASP A 30 -12.44 1.15 11.65
CA ASP A 30 -11.60 2.29 11.33
C ASP A 30 -10.64 1.96 10.18
N PRO A 31 -10.54 2.88 9.21
CA PRO A 31 -9.67 2.70 8.04
C PRO A 31 -8.19 2.78 8.41
N GLU A 32 -7.84 3.74 9.25
CA GLU A 32 -6.46 3.92 9.68
C GLU A 32 -5.89 2.62 10.24
N GLU A 33 -6.57 2.06 11.24
CA GLU A 33 -6.13 0.83 11.87
C GLU A 33 -6.28 -0.35 10.91
N PHE A 34 -7.34 -0.32 10.10
CA PHE A 34 -7.59 -1.38 9.14
C PHE A 34 -6.43 -1.51 8.15
N LEU A 35 -5.99 -0.39 7.62
CA LEU A 35 -4.89 -0.37 6.65
C LEU A 35 -3.59 -0.85 7.31
N LYS A 36 -3.23 -0.21 8.42
CA LYS A 36 -2.02 -0.57 9.15
C LYS A 36 -1.91 -2.08 9.32
N SER A 37 -3.05 -2.72 9.60
CA SER A 37 -3.08 -4.16 9.80
C SER A 37 -2.82 -4.90 8.48
N SER A 38 -3.27 -4.30 7.39
CA SER A 38 -3.09 -4.90 6.06
C SER A 38 -1.66 -4.70 5.58
N LEU A 39 -1.24 -3.44 5.48
CA LEU A 39 0.10 -3.11 5.02
C LEU A 39 1.16 -3.73 5.93
N LYS A 40 0.84 -3.81 7.23
CA LYS A 40 1.75 -4.38 8.21
C LYS A 40 2.53 -5.54 7.61
N ASN A 41 1.80 -6.59 7.20
CA ASN A 41 2.42 -7.76 6.61
C ASN A 41 3.40 -7.38 5.51
N GLY A 42 2.99 -6.45 4.64
CA GLY A 42 3.84 -6.00 3.56
C GLY A 42 3.54 -6.70 2.25
N VAL A 43 2.99 -7.91 2.35
CA VAL A 43 2.66 -8.69 1.16
C VAL A 43 1.63 -7.96 0.31
N VAL A 44 0.78 -7.18 0.95
CA VAL A 44 -0.26 -6.43 0.25
C VAL A 44 0.36 -5.41 -0.71
N LEU A 45 1.41 -4.74 -0.26
CA LEU A 45 2.10 -3.74 -1.07
C LEU A 45 2.85 -4.40 -2.22
N CYS A 46 3.58 -5.46 -1.90
CA CYS A 46 4.36 -6.18 -2.91
C CYS A 46 3.47 -6.60 -4.08
N LYS A 47 2.23 -6.98 -3.76
CA LYS A 47 1.29 -7.40 -4.79
C LYS A 47 0.77 -6.21 -5.58
N LEU A 48 0.74 -5.05 -4.95
CA LEU A 48 0.28 -3.82 -5.59
C LEU A 48 1.27 -3.36 -6.67
N ILE A 49 2.40 -2.83 -6.23
CA ILE A 49 3.43 -2.36 -7.15
C ILE A 49 3.53 -3.26 -8.37
N ASN A 50 3.42 -4.56 -8.15
CA ASN A 50 3.49 -5.54 -9.23
C ASN A 50 2.39 -5.29 -10.26
N ARG A 51 1.17 -5.10 -9.78
CA ARG A 51 0.03 -4.84 -10.66
C ARG A 51 0.20 -3.52 -11.41
N LEU A 52 0.82 -2.56 -10.75
CA LEU A 52 1.04 -1.24 -11.35
C LEU A 52 2.12 -1.31 -12.43
N MET A 53 3.19 -2.04 -12.13
CA MET A 53 4.29 -2.19 -13.08
C MET A 53 4.68 -3.67 -13.23
N PRO A 54 4.80 -4.12 -14.49
CA PRO A 54 5.16 -5.51 -14.80
C PRO A 54 6.61 -5.82 -14.45
N GLY A 55 6.81 -6.49 -13.32
CA GLY A 55 8.15 -6.84 -12.90
C GLY A 55 8.71 -5.88 -11.86
N SER A 56 7.95 -5.68 -10.78
CA SER A 56 8.37 -4.78 -9.71
C SER A 56 9.12 -5.54 -8.62
N VAL A 57 8.44 -6.49 -7.99
CA VAL A 57 9.04 -7.28 -6.93
C VAL A 57 9.48 -8.64 -7.44
N GLU A 58 10.71 -9.03 -7.09
CA GLU A 58 11.25 -10.31 -7.52
C GLU A 58 10.50 -11.47 -6.88
N LYS A 59 10.57 -11.55 -5.55
CA LYS A 59 9.89 -12.60 -4.81
C LYS A 59 9.59 -12.17 -3.38
N PHE A 60 8.32 -12.15 -3.02
CA PHE A 60 7.90 -11.75 -1.68
C PHE A 60 7.17 -12.89 -0.98
N CYS A 61 6.87 -12.69 0.30
CA CYS A 61 6.18 -13.70 1.10
C CYS A 61 4.67 -13.50 1.03
N LEU A 62 3.96 -14.49 0.52
CA LEU A 62 2.52 -14.44 0.39
C LEU A 62 1.84 -14.62 1.75
N ASP A 63 2.34 -15.57 2.53
CA ASP A 63 1.79 -15.85 3.85
C ASP A 63 2.90 -15.92 4.89
N PRO A 64 3.33 -14.74 5.38
CA PRO A 64 4.39 -14.64 6.39
C PRO A 64 3.94 -15.15 7.75
N GLN A 65 4.61 -16.19 8.24
CA GLN A 65 4.28 -16.77 9.53
C GLN A 65 5.10 -16.14 10.65
N THR A 66 6.21 -15.48 10.26
CA THR A 66 7.08 -14.83 11.22
C THR A 66 7.22 -13.34 10.93
N GLU A 67 7.85 -12.61 11.84
CA GLU A 67 8.04 -11.18 11.67
C GLU A 67 9.05 -10.89 10.56
N ALA A 68 10.21 -11.53 10.65
CA ALA A 68 11.25 -11.35 9.64
C ALA A 68 10.69 -11.46 8.23
N ASP A 69 9.59 -12.20 8.10
CA ASP A 69 8.95 -12.39 6.80
C ASP A 69 8.23 -11.12 6.36
N CYS A 70 7.53 -10.49 7.29
CA CYS A 70 6.79 -9.26 7.00
C CYS A 70 7.74 -8.14 6.58
N ILE A 71 8.70 -7.83 7.45
CA ILE A 71 9.67 -6.78 7.16
C ILE A 71 10.23 -6.92 5.76
N ASN A 72 10.48 -8.15 5.35
CA ASN A 72 11.03 -8.42 4.03
C ASN A 72 10.08 -7.94 2.94
N ASN A 73 8.79 -8.22 3.12
CA ASN A 73 7.78 -7.81 2.16
C ASN A 73 7.78 -6.30 1.96
N ILE A 74 7.68 -5.57 3.07
CA ILE A 74 7.67 -4.11 3.02
C ILE A 74 8.90 -3.58 2.28
N ASN A 75 10.08 -3.92 2.78
CA ASN A 75 11.32 -3.48 2.17
C ASN A 75 11.30 -3.71 0.66
N ASP A 76 10.84 -4.89 0.25
CA ASP A 76 10.77 -5.23 -1.17
C ASP A 76 9.93 -4.20 -1.93
N PHE A 77 8.71 -3.97 -1.46
CA PHE A 77 7.82 -3.01 -2.10
C PHE A 77 8.55 -1.69 -2.38
N LEU A 78 9.21 -1.16 -1.36
CA LEU A 78 9.93 0.10 -1.49
C LEU A 78 10.85 0.06 -2.72
N LYS A 79 11.56 -1.04 -2.88
CA LYS A 79 12.47 -1.21 -4.01
C LYS A 79 11.81 -0.79 -5.31
N GLY A 80 10.48 -0.96 -5.37
CA GLY A 80 9.75 -0.59 -6.57
C GLY A 80 9.24 0.84 -6.53
N CYS A 81 8.96 1.33 -5.33
CA CYS A 81 8.47 2.69 -5.15
C CYS A 81 9.47 3.70 -5.67
N ALA A 82 10.76 3.36 -5.59
CA ALA A 82 11.83 4.23 -6.05
C ALA A 82 11.67 4.54 -7.53
N THR A 83 11.01 3.64 -8.26
CA THR A 83 10.80 3.83 -9.69
C THR A 83 9.91 5.04 -9.96
N LEU A 84 8.91 5.24 -9.11
CA LEU A 84 7.99 6.36 -9.27
C LEU A 84 8.55 7.62 -8.62
N GLN A 85 9.64 7.46 -7.88
CA GLN A 85 10.27 8.58 -7.21
C GLN A 85 9.31 9.25 -6.23
N VAL A 86 8.53 8.43 -5.53
CA VAL A 86 7.56 8.94 -4.56
C VAL A 86 8.06 8.75 -3.14
N GLU A 87 7.63 9.64 -2.24
CA GLU A 87 8.05 9.56 -0.84
C GLU A 87 8.11 8.11 -0.37
N ILE A 88 9.01 7.85 0.58
CA ILE A 88 9.18 6.51 1.11
C ILE A 88 9.13 6.51 2.64
N PHE A 89 9.08 5.32 3.23
CA PHE A 89 9.03 5.19 4.68
C PHE A 89 9.80 3.96 5.14
N ASP A 90 9.90 3.79 6.45
CA ASP A 90 10.62 2.66 7.02
C ASP A 90 9.67 1.51 7.33
N PRO A 91 10.19 0.28 7.32
CA PRO A 91 9.41 -0.93 7.60
C PRO A 91 8.99 -1.02 9.07
N ASP A 92 9.71 -0.30 9.92
CA ASP A 92 9.41 -0.30 11.35
C ASP A 92 8.24 0.63 11.66
N ASP A 93 8.11 1.69 10.88
CA ASP A 93 7.03 2.65 11.07
C ASP A 93 5.68 2.04 10.70
N LEU A 94 5.66 1.28 9.61
CA LEU A 94 4.44 0.64 9.15
C LEU A 94 4.14 -0.62 9.95
N TYR A 95 5.08 -1.56 9.93
CA TYR A 95 4.91 -2.81 10.66
C TYR A 95 4.51 -2.55 12.10
N SER A 96 5.28 -1.69 12.78
CA SER A 96 5.01 -1.35 14.17
C SER A 96 3.82 -0.41 14.28
N GLY A 97 3.89 0.71 13.55
CA GLY A 97 2.81 1.68 13.58
C GLY A 97 3.23 2.98 14.25
N VAL A 98 4.48 3.39 14.02
CA VAL A 98 5.00 4.62 14.59
C VAL A 98 4.60 5.83 13.75
N ASN A 99 4.95 5.79 12.47
CA ASN A 99 4.63 6.88 11.56
C ASN A 99 3.91 6.37 10.32
N PHE A 100 2.59 6.24 10.42
CA PHE A 100 1.77 5.76 9.31
C PHE A 100 1.49 6.88 8.32
N SER A 101 1.28 8.08 8.84
CA SER A 101 0.99 9.24 8.01
C SER A 101 1.88 9.26 6.78
N LYS A 102 3.11 8.77 6.93
CA LYS A 102 4.06 8.71 5.82
C LYS A 102 3.66 7.65 4.81
N VAL A 103 3.27 6.48 5.30
CA VAL A 103 2.86 5.38 4.43
C VAL A 103 1.69 5.79 3.55
N LEU A 104 0.68 6.40 4.16
CA LEU A 104 -0.51 6.83 3.43
C LEU A 104 -0.12 7.72 2.25
N SER A 105 0.73 8.70 2.50
CA SER A 105 1.18 9.62 1.47
C SER A 105 1.93 8.87 0.37
N THR A 106 2.98 8.15 0.77
CA THR A 106 3.78 7.39 -0.19
C THR A 106 2.91 6.72 -1.23
N LEU A 107 1.86 6.05 -0.77
CA LEU A 107 0.93 5.36 -1.66
C LEU A 107 0.14 6.36 -2.51
N LEU A 108 -0.39 7.38 -1.86
CA LEU A 108 -1.17 8.41 -2.54
C LEU A 108 -0.46 8.86 -3.81
N ALA A 109 0.83 9.19 -3.69
CA ALA A 109 1.62 9.64 -4.83
C ALA A 109 1.66 8.57 -5.92
N VAL A 110 1.73 7.31 -5.51
CA VAL A 110 1.78 6.20 -6.46
C VAL A 110 0.51 6.14 -7.29
N ASN A 111 -0.63 6.31 -6.63
CA ASN A 111 -1.93 6.27 -7.32
C ASN A 111 -2.05 7.42 -8.31
N LYS A 112 -1.47 8.57 -7.96
CA LYS A 112 -1.52 9.73 -8.81
C LYS A 112 -0.74 9.50 -10.11
N ALA A 113 0.38 8.79 -9.99
CA ALA A 113 1.22 8.49 -11.15
C ALA A 113 0.70 7.27 -11.89
N THR A 114 -0.03 6.42 -11.18
CA THR A 114 -0.59 5.20 -11.79
C THR A 114 -2.11 5.29 -11.88
N GLU A 115 -2.64 6.49 -11.73
CA GLU A 115 -4.09 6.70 -11.79
C GLU A 115 -4.66 6.14 -13.09
N SER A 116 -5.23 4.94 -13.00
CA SER A 116 -5.81 4.28 -14.16
C SER A 116 -6.60 5.28 -15.01
N GLY A 117 -6.48 5.16 -16.33
CA GLY A 117 -7.19 6.05 -17.22
C GLY A 117 -6.39 6.35 -18.47
N PRO A 118 -6.74 7.46 -19.15
CA PRO A 118 -6.07 7.89 -20.38
C PRO A 118 -4.64 8.37 -20.13
N SER A 119 -3.69 7.46 -20.30
CA SER A 119 -2.28 7.78 -20.09
C SER A 119 -1.91 9.06 -20.82
N SER A 120 -0.70 9.57 -20.55
CA SER A 120 -0.22 10.80 -21.17
C SER A 120 0.69 10.49 -22.35
N GLY A 121 0.25 10.87 -23.54
CA GLY A 121 1.03 10.63 -24.75
C GLY A 121 2.51 10.92 -24.54
N GLY A 1 -21.88 19.23 9.52
CA GLY A 1 -22.16 17.91 8.97
C GLY A 1 -21.41 17.65 7.69
N SER A 2 -20.13 17.98 7.67
CA SER A 2 -19.29 17.78 6.49
C SER A 2 -18.36 16.58 6.67
N SER A 3 -18.40 15.67 5.70
CA SER A 3 -17.55 14.48 5.75
C SER A 3 -16.08 14.85 5.88
N GLY A 4 -15.59 15.61 4.90
CA GLY A 4 -14.19 16.02 4.92
C GLY A 4 -13.29 15.06 4.17
N SER A 5 -12.79 15.51 3.01
CA SER A 5 -11.92 14.68 2.20
C SER A 5 -10.94 13.88 3.06
N SER A 6 -10.56 12.71 2.60
CA SER A 6 -9.64 11.85 3.33
C SER A 6 -8.87 10.94 2.39
N GLY A 7 -7.82 10.30 2.90
CA GLY A 7 -7.01 9.41 2.09
C GLY A 7 -7.19 7.95 2.48
N GLU A 8 -7.25 7.70 3.79
CA GLU A 8 -7.42 6.36 4.30
C GLU A 8 -8.34 5.54 3.40
N GLU A 9 -9.57 6.02 3.23
CA GLU A 9 -10.54 5.33 2.39
C GLU A 9 -10.03 5.18 0.96
N GLN A 10 -9.60 6.29 0.37
CA GLN A 10 -9.08 6.28 -0.99
C GLN A 10 -8.17 5.07 -1.22
N ILE A 11 -7.26 4.84 -0.27
CA ILE A 11 -6.33 3.72 -0.37
C ILE A 11 -7.06 2.39 -0.23
N VAL A 12 -7.80 2.23 0.87
CA VAL A 12 -8.56 1.01 1.12
C VAL A 12 -9.23 0.50 -0.16
N THR A 13 -9.92 1.41 -0.84
CA THR A 13 -10.61 1.05 -2.08
C THR A 13 -9.63 0.94 -3.24
N TRP A 14 -8.65 1.82 -3.27
CA TRP A 14 -7.64 1.82 -4.33
C TRP A 14 -7.07 0.41 -4.54
N LEU A 15 -6.55 -0.17 -3.47
CA LEU A 15 -5.98 -1.50 -3.54
C LEU A 15 -6.98 -2.51 -4.11
N ILE A 16 -8.13 -2.61 -3.44
CA ILE A 16 -9.18 -3.53 -3.88
C ILE A 16 -9.50 -3.33 -5.36
N SER A 17 -9.97 -2.13 -5.70
CA SER A 17 -10.31 -1.81 -7.09
C SER A 17 -9.31 -2.44 -8.06
N LEU A 18 -8.02 -2.32 -7.73
CA LEU A 18 -6.97 -2.86 -8.56
C LEU A 18 -7.06 -4.38 -8.64
N GLY A 19 -7.23 -5.03 -7.48
CA GLY A 19 -7.33 -6.47 -7.43
C GLY A 19 -6.22 -7.11 -6.63
N VAL A 20 -5.80 -6.44 -5.56
CA VAL A 20 -4.74 -6.94 -4.71
C VAL A 20 -5.21 -7.12 -3.27
N LEU A 21 -6.28 -6.41 -2.93
CA LEU A 21 -6.85 -6.48 -1.59
C LEU A 21 -8.24 -7.09 -1.61
N GLU A 22 -8.68 -7.61 -0.47
CA GLU A 22 -10.00 -8.23 -0.35
C GLU A 22 -11.09 -7.17 -0.30
N SER A 23 -12.28 -7.53 -0.75
CA SER A 23 -13.41 -6.61 -0.76
C SER A 23 -14.45 -7.01 0.28
N PRO A 24 -14.19 -6.64 1.55
CA PRO A 24 -15.08 -6.96 2.66
C PRO A 24 -16.39 -6.18 2.60
N LYS A 25 -17.51 -6.89 2.68
CA LYS A 25 -18.83 -6.26 2.62
C LYS A 25 -19.03 -5.35 3.83
N LYS A 26 -18.59 -5.80 5.00
CA LYS A 26 -18.73 -5.03 6.22
C LYS A 26 -18.10 -3.65 6.07
N THR A 27 -18.69 -2.65 6.71
CA THR A 27 -18.19 -1.28 6.65
C THR A 27 -17.10 -1.06 7.69
N ILE A 28 -15.88 -0.81 7.22
CA ILE A 28 -14.76 -0.56 8.11
C ILE A 28 -14.86 0.81 8.77
N CYS A 29 -15.27 0.83 10.02
CA CYS A 29 -15.40 2.07 10.78
C CYS A 29 -14.05 2.74 10.97
N ASP A 30 -13.04 1.94 11.32
CA ASP A 30 -11.70 2.45 11.53
C ASP A 30 -10.74 1.93 10.48
N PRO A 31 -10.67 2.62 9.33
CA PRO A 31 -9.80 2.25 8.22
C PRO A 31 -8.32 2.46 8.54
N GLU A 32 -8.05 3.35 9.50
CA GLU A 32 -6.68 3.65 9.90
C GLU A 32 -5.98 2.39 10.40
N GLU A 33 -6.58 1.74 11.40
CA GLU A 33 -6.01 0.52 11.96
C GLU A 33 -6.04 -0.62 10.95
N PHE A 34 -7.13 -0.70 10.19
CA PHE A 34 -7.27 -1.74 9.18
C PHE A 34 -6.16 -1.65 8.13
N LEU A 35 -5.78 -0.42 7.79
CA LEU A 35 -4.73 -0.19 6.80
C LEU A 35 -3.36 -0.52 7.38
N LYS A 36 -3.02 0.14 8.49
CA LYS A 36 -1.75 -0.07 9.15
C LYS A 36 -1.47 -1.55 9.35
N SER A 37 -2.54 -2.34 9.42
CA SER A 37 -2.42 -3.78 9.61
C SER A 37 -2.36 -4.51 8.27
N SER A 38 -3.12 -4.01 7.29
CA SER A 38 -3.16 -4.61 5.97
C SER A 38 -1.81 -4.47 5.27
N LEU A 39 -1.15 -3.33 5.50
CA LEU A 39 0.15 -3.06 4.90
C LEU A 39 1.28 -3.62 5.75
N LYS A 40 1.11 -3.57 7.07
CA LYS A 40 2.11 -4.07 7.98
C LYS A 40 2.80 -5.31 7.41
N ASN A 41 2.01 -6.33 7.11
CA ASN A 41 2.55 -7.57 6.54
C ASN A 41 3.54 -7.28 5.43
N GLY A 42 3.14 -6.43 4.48
CA GLY A 42 4.00 -6.09 3.37
C GLY A 42 3.66 -6.83 2.10
N VAL A 43 3.11 -8.04 2.26
CA VAL A 43 2.73 -8.86 1.12
C VAL A 43 1.66 -8.17 0.27
N VAL A 44 0.81 -7.39 0.93
CA VAL A 44 -0.26 -6.67 0.24
C VAL A 44 0.31 -5.60 -0.68
N LEU A 45 1.37 -4.95 -0.23
CA LEU A 45 2.01 -3.89 -1.02
C LEU A 45 2.79 -4.49 -2.19
N CYS A 46 3.46 -5.61 -1.93
CA CYS A 46 4.25 -6.28 -2.96
C CYS A 46 3.38 -6.67 -4.14
N LYS A 47 2.12 -7.01 -3.85
CA LYS A 47 1.18 -7.42 -4.90
C LYS A 47 0.65 -6.20 -5.64
N LEU A 48 0.61 -5.07 -4.96
CA LEU A 48 0.11 -3.83 -5.56
C LEU A 48 1.06 -3.33 -6.65
N ILE A 49 2.23 -2.87 -6.22
CA ILE A 49 3.24 -2.37 -7.15
C ILE A 49 3.36 -3.28 -8.37
N ASN A 50 3.18 -4.57 -8.15
CA ASN A 50 3.26 -5.55 -9.23
C ASN A 50 2.19 -5.31 -10.28
N ARG A 51 0.97 -5.02 -9.81
CA ARG A 51 -0.15 -4.77 -10.71
C ARG A 51 0.04 -3.45 -11.45
N LEU A 52 0.65 -2.48 -10.77
CA LEU A 52 0.89 -1.17 -11.38
C LEU A 52 1.96 -1.25 -12.45
N MET A 53 3.06 -1.93 -12.14
CA MET A 53 4.16 -2.08 -13.09
C MET A 53 4.54 -3.55 -13.24
N PRO A 54 4.69 -4.00 -14.49
CA PRO A 54 5.05 -5.38 -14.81
C PRO A 54 6.49 -5.69 -14.42
N GLY A 55 6.67 -6.44 -13.34
CA GLY A 55 8.00 -6.81 -12.88
C GLY A 55 8.54 -5.84 -11.86
N SER A 56 7.79 -5.64 -10.77
CA SER A 56 8.20 -4.72 -9.71
C SER A 56 8.98 -5.46 -8.64
N VAL A 57 8.38 -6.50 -8.08
CA VAL A 57 9.00 -7.29 -7.03
C VAL A 57 9.60 -8.58 -7.59
N GLU A 58 10.70 -9.02 -7.01
CA GLU A 58 11.37 -10.25 -7.46
C GLU A 58 10.71 -11.48 -6.83
N LYS A 59 10.61 -11.47 -5.50
CA LYS A 59 10.02 -12.58 -4.78
C LYS A 59 9.66 -12.17 -3.35
N PHE A 60 8.37 -12.22 -3.03
CA PHE A 60 7.90 -11.86 -1.71
C PHE A 60 7.18 -13.03 -1.04
N CYS A 61 6.86 -12.87 0.24
CA CYS A 61 6.18 -13.92 0.99
C CYS A 61 4.67 -13.71 0.99
N LEU A 62 3.96 -14.61 0.32
CA LEU A 62 2.51 -14.52 0.24
C LEU A 62 1.87 -14.57 1.63
N ASP A 63 2.36 -15.48 2.46
CA ASP A 63 1.84 -15.63 3.81
C ASP A 63 2.97 -15.73 4.82
N PRO A 64 3.37 -14.58 5.39
CA PRO A 64 4.46 -14.51 6.37
C PRO A 64 4.07 -15.15 7.70
N GLN A 65 4.50 -16.39 7.92
CA GLN A 65 4.19 -17.10 9.15
C GLN A 65 4.72 -16.34 10.36
N THR A 66 5.89 -15.72 10.20
CA THR A 66 6.50 -14.97 11.28
C THR A 66 6.76 -13.52 10.87
N GLU A 67 7.12 -12.69 11.83
CA GLU A 67 7.40 -11.28 11.56
C GLU A 67 8.53 -11.15 10.53
N ALA A 68 9.68 -11.73 10.83
CA ALA A 68 10.83 -11.68 9.93
C ALA A 68 10.38 -11.80 8.48
N ASP A 69 9.42 -12.69 8.22
CA ASP A 69 8.92 -12.89 6.87
C ASP A 69 8.15 -11.66 6.38
N CYS A 70 7.41 -11.04 7.28
CA CYS A 70 6.64 -9.85 6.95
C CYS A 70 7.54 -8.71 6.51
N ILE A 71 8.43 -8.29 7.42
CA ILE A 71 9.36 -7.20 7.14
C ILE A 71 9.95 -7.34 5.74
N ASN A 72 10.48 -8.52 5.44
CA ASN A 72 11.08 -8.77 4.13
C ASN A 72 10.16 -8.33 3.01
N ASN A 73 8.86 -8.55 3.19
CA ASN A 73 7.87 -8.16 2.20
C ASN A 73 7.86 -6.65 2.00
N ILE A 74 7.77 -5.91 3.10
CA ILE A 74 7.76 -4.46 3.04
C ILE A 74 8.90 -3.92 2.18
N ASN A 75 10.12 -4.33 2.51
CA ASN A 75 11.29 -3.89 1.76
C ASN A 75 11.13 -4.18 0.27
N ASP A 76 10.71 -5.41 -0.04
CA ASP A 76 10.51 -5.82 -1.43
C ASP A 76 9.64 -4.81 -2.17
N PHE A 77 8.52 -4.43 -1.56
CA PHE A 77 7.61 -3.47 -2.17
C PHE A 77 8.32 -2.16 -2.48
N LEU A 78 9.04 -1.64 -1.50
CA LEU A 78 9.77 -0.38 -1.67
C LEU A 78 10.66 -0.44 -2.90
N LYS A 79 11.39 -1.54 -3.06
CA LYS A 79 12.27 -1.72 -4.20
C LYS A 79 11.67 -1.10 -5.46
N GLY A 80 10.35 -1.18 -5.58
CA GLY A 80 9.69 -0.62 -6.74
C GLY A 80 9.31 0.83 -6.55
N CYS A 81 8.89 1.18 -5.33
CA CYS A 81 8.49 2.54 -5.02
C CYS A 81 9.56 3.53 -5.48
N ALA A 82 10.81 3.12 -5.40
CA ALA A 82 11.93 3.97 -5.80
C ALA A 82 11.74 4.46 -7.24
N THR A 83 11.35 3.54 -8.12
CA THR A 83 11.14 3.88 -9.53
C THR A 83 10.27 5.12 -9.68
N LEU A 84 9.25 5.23 -8.84
CA LEU A 84 8.35 6.37 -8.88
C LEU A 84 9.03 7.62 -8.35
N GLN A 85 10.00 7.43 -7.47
CA GLN A 85 10.73 8.55 -6.87
C GLN A 85 9.79 9.45 -6.08
N VAL A 86 8.98 8.85 -5.22
CA VAL A 86 8.04 9.60 -4.40
C VAL A 86 8.34 9.40 -2.91
N GLU A 87 7.53 10.03 -2.07
CA GLU A 87 7.70 9.93 -0.62
C GLU A 87 7.68 8.47 -0.18
N ILE A 88 8.69 8.09 0.59
CA ILE A 88 8.79 6.71 1.09
C ILE A 88 8.87 6.68 2.61
N PHE A 89 9.02 5.49 3.16
CA PHE A 89 9.12 5.32 4.61
C PHE A 89 9.96 4.09 4.96
N ASP A 90 10.08 3.81 6.25
CA ASP A 90 10.85 2.68 6.73
C ASP A 90 9.93 1.51 7.09
N PRO A 91 10.50 0.29 7.14
CA PRO A 91 9.75 -0.92 7.47
C PRO A 91 9.32 -0.95 8.92
N ASP A 92 9.74 0.05 9.69
CA ASP A 92 9.40 0.13 11.10
C ASP A 92 8.16 1.01 11.31
N ASP A 93 8.15 2.17 10.66
CA ASP A 93 7.02 3.09 10.77
C ASP A 93 5.71 2.41 10.39
N LEU A 94 5.78 1.57 9.35
CA LEU A 94 4.60 0.86 8.88
C LEU A 94 4.19 -0.24 9.86
N TYR A 95 5.13 -1.12 10.17
CA TYR A 95 4.88 -2.22 11.10
C TYR A 95 4.50 -1.69 12.48
N SER A 96 5.44 -1.00 13.11
CA SER A 96 5.22 -0.44 14.45
C SER A 96 4.02 0.51 14.43
N GLY A 97 4.02 1.45 13.48
CA GLY A 97 2.94 2.40 13.37
C GLY A 97 3.27 3.72 14.04
N VAL A 98 4.54 4.11 13.98
CA VAL A 98 4.99 5.36 14.60
C VAL A 98 4.63 6.55 13.71
N ASN A 99 4.98 6.46 12.43
CA ASN A 99 4.70 7.54 11.49
C ASN A 99 3.87 7.03 10.31
N PHE A 100 2.56 6.92 10.52
CA PHE A 100 1.66 6.44 9.48
C PHE A 100 1.44 7.51 8.41
N SER A 101 1.33 8.76 8.84
CA SER A 101 1.12 9.88 7.93
C SER A 101 1.98 9.73 6.68
N LYS A 102 3.19 9.21 6.86
CA LYS A 102 4.11 9.01 5.75
C LYS A 102 3.66 7.85 4.87
N VAL A 103 3.30 6.74 5.50
CA VAL A 103 2.84 5.56 4.78
C VAL A 103 1.59 5.87 3.96
N LEU A 104 0.76 6.76 4.48
CA LEU A 104 -0.47 7.15 3.79
C LEU A 104 -0.17 8.10 2.63
N SER A 105 0.65 9.10 2.89
CA SER A 105 1.01 10.09 1.88
C SER A 105 1.82 9.43 0.76
N THR A 106 2.55 8.37 1.10
CA THR A 106 3.36 7.66 0.13
C THR A 106 2.50 6.98 -0.93
N LEU A 107 1.54 6.17 -0.47
CA LEU A 107 0.64 5.46 -1.37
C LEU A 107 -0.23 6.44 -2.15
N LEU A 108 -0.44 7.63 -1.58
CA LEU A 108 -1.25 8.65 -2.23
C LEU A 108 -0.60 9.12 -3.53
N ALA A 109 0.70 9.39 -3.47
CA ALA A 109 1.43 9.84 -4.65
C ALA A 109 1.44 8.77 -5.73
N VAL A 110 1.84 7.56 -5.36
CA VAL A 110 1.90 6.45 -6.30
C VAL A 110 0.60 6.34 -7.11
N ASN A 111 -0.53 6.35 -6.41
CA ASN A 111 -1.83 6.25 -7.06
C ASN A 111 -1.98 7.33 -8.12
N LYS A 112 -1.55 8.55 -7.80
CA LYS A 112 -1.64 9.66 -8.72
C LYS A 112 -0.75 9.43 -9.94
N ALA A 113 0.50 9.10 -9.71
CA ALA A 113 1.46 8.85 -10.78
C ALA A 113 0.94 7.75 -11.71
N THR A 114 0.44 6.66 -11.12
CA THR A 114 -0.07 5.54 -11.89
C THR A 114 -1.39 5.91 -12.58
N GLU A 115 -2.24 6.63 -11.86
CA GLU A 115 -3.53 7.05 -12.41
C GLU A 115 -3.37 8.25 -13.34
N SER A 116 -3.94 8.14 -14.54
CA SER A 116 -3.86 9.21 -15.52
C SER A 116 -5.25 9.80 -15.80
N GLY A 117 -5.26 11.01 -16.35
CA GLY A 117 -6.51 11.66 -16.66
C GLY A 117 -7.45 10.78 -17.47
N PRO A 118 -7.08 10.55 -18.74
CA PRO A 118 -7.89 9.71 -19.65
C PRO A 118 -7.86 8.24 -19.27
N SER A 119 -9.00 7.58 -19.38
CA SER A 119 -9.10 6.17 -19.04
C SER A 119 -7.96 5.37 -19.67
N SER A 120 -7.80 5.52 -20.98
CA SER A 120 -6.76 4.82 -21.71
C SER A 120 -5.54 5.72 -21.93
N GLY A 121 -5.16 6.45 -20.89
CA GLY A 121 -4.02 7.35 -20.99
C GLY A 121 -2.72 6.60 -21.19
N GLY A 1 -23.76 19.11 -1.41
CA GLY A 1 -22.39 19.12 -1.87
C GLY A 1 -21.74 17.75 -1.80
N SER A 2 -20.42 17.72 -1.92
CA SER A 2 -19.67 16.46 -1.86
C SER A 2 -18.65 16.48 -0.72
N SER A 3 -18.75 15.50 0.17
CA SER A 3 -17.83 15.40 1.30
C SER A 3 -16.40 15.23 0.82
N GLY A 4 -15.44 15.62 1.67
CA GLY A 4 -14.04 15.50 1.32
C GLY A 4 -13.27 14.63 2.29
N SER A 5 -13.16 13.35 1.98
CA SER A 5 -12.45 12.41 2.85
C SER A 5 -11.01 12.86 3.06
N SER A 6 -10.29 12.14 3.91
CA SER A 6 -8.90 12.46 4.22
C SER A 6 -7.95 11.73 3.26
N GLY A 7 -8.21 10.44 3.06
CA GLY A 7 -7.37 9.65 2.17
C GLY A 7 -7.44 8.17 2.49
N GLU A 8 -7.73 7.84 3.74
CA GLU A 8 -7.82 6.44 4.16
C GLU A 8 -8.73 5.65 3.21
N GLU A 9 -9.98 6.09 3.11
CA GLU A 9 -10.95 5.42 2.24
C GLU A 9 -10.43 5.32 0.81
N GLN A 10 -9.84 6.42 0.33
CA GLN A 10 -9.31 6.46 -1.03
C GLN A 10 -8.38 5.27 -1.28
N ILE A 11 -7.41 5.09 -0.39
CA ILE A 11 -6.46 4.00 -0.52
C ILE A 11 -7.17 2.64 -0.48
N VAL A 12 -7.99 2.44 0.55
CA VAL A 12 -8.73 1.20 0.70
C VAL A 12 -9.42 0.80 -0.60
N THR A 13 -10.33 1.65 -1.06
CA THR A 13 -11.06 1.39 -2.29
C THR A 13 -10.11 1.19 -3.47
N TRP A 14 -9.03 1.96 -3.47
CA TRP A 14 -8.03 1.87 -4.54
C TRP A 14 -7.47 0.46 -4.64
N LEU A 15 -6.83 0.00 -3.57
CA LEU A 15 -6.24 -1.33 -3.54
C LEU A 15 -7.21 -2.37 -4.09
N ILE A 16 -8.35 -2.52 -3.43
CA ILE A 16 -9.37 -3.47 -3.86
C ILE A 16 -9.65 -3.34 -5.35
N SER A 17 -9.93 -2.12 -5.79
CA SER A 17 -10.22 -1.85 -7.19
C SER A 17 -9.17 -2.50 -8.10
N LEU A 18 -7.91 -2.43 -7.67
CA LEU A 18 -6.82 -3.00 -8.43
C LEU A 18 -6.83 -4.53 -8.35
N GLY A 19 -7.27 -5.05 -7.22
CA GLY A 19 -7.32 -6.49 -7.03
C GLY A 19 -6.17 -7.02 -6.20
N VAL A 20 -5.81 -6.29 -5.15
CA VAL A 20 -4.72 -6.68 -4.28
C VAL A 20 -5.14 -6.66 -2.82
N LEU A 21 -6.39 -6.27 -2.57
CA LEU A 21 -6.92 -6.21 -1.22
C LEU A 21 -8.32 -6.84 -1.16
N GLU A 22 -8.69 -7.29 0.04
CA GLU A 22 -10.00 -7.91 0.24
C GLU A 22 -11.08 -6.85 0.50
N SER A 23 -12.31 -7.16 0.09
CA SER A 23 -13.42 -6.22 0.28
C SER A 23 -14.34 -6.71 1.39
N PRO A 24 -14.13 -6.17 2.60
CA PRO A 24 -14.94 -6.53 3.77
C PRO A 24 -16.36 -6.00 3.68
N LYS A 25 -17.33 -6.92 3.60
CA LYS A 25 -18.73 -6.54 3.51
C LYS A 25 -19.07 -5.45 4.52
N LYS A 26 -19.10 -5.83 5.80
CA LYS A 26 -19.41 -4.89 6.87
C LYS A 26 -18.71 -3.55 6.64
N THR A 27 -19.14 -2.53 7.37
CA THR A 27 -18.57 -1.20 7.25
C THR A 27 -17.27 -1.09 8.03
N ILE A 28 -16.37 -0.23 7.56
CA ILE A 28 -15.08 -0.02 8.22
C ILE A 28 -15.10 1.23 9.08
N CYS A 29 -15.44 1.07 10.35
CA CYS A 29 -15.48 2.19 11.28
C CYS A 29 -14.11 2.82 11.44
N ASP A 30 -13.09 1.99 11.60
CA ASP A 30 -11.73 2.46 11.77
C ASP A 30 -10.86 2.08 10.57
N PRO A 31 -10.97 2.85 9.49
CA PRO A 31 -10.22 2.61 8.26
C PRO A 31 -8.72 2.90 8.43
N GLU A 32 -8.40 3.80 9.34
CA GLU A 32 -7.01 4.16 9.61
C GLU A 32 -6.22 2.94 10.08
N GLU A 33 -6.77 2.22 11.04
CA GLU A 33 -6.11 1.03 11.57
C GLU A 33 -6.09 -0.09 10.55
N PHE A 34 -7.27 -0.46 10.06
CA PHE A 34 -7.37 -1.52 9.07
C PHE A 34 -6.24 -1.45 8.06
N LEU A 35 -6.06 -0.29 7.46
CA LEU A 35 -5.01 -0.08 6.46
C LEU A 35 -3.64 -0.46 7.04
N LYS A 36 -3.28 0.19 8.15
CA LYS A 36 -2.00 -0.08 8.80
C LYS A 36 -1.81 -1.58 9.05
N SER A 37 -2.87 -2.23 9.50
CA SER A 37 -2.83 -3.66 9.77
C SER A 37 -2.75 -4.46 8.47
N SER A 38 -3.27 -3.87 7.40
CA SER A 38 -3.26 -4.53 6.09
C SER A 38 -1.88 -4.43 5.44
N LEU A 39 -1.27 -3.27 5.55
CA LEU A 39 0.05 -3.03 4.97
C LEU A 39 1.15 -3.58 5.88
N LYS A 40 0.88 -3.59 7.19
CA LYS A 40 1.84 -4.09 8.16
C LYS A 40 2.63 -5.27 7.59
N ASN A 41 1.96 -6.41 7.46
CA ASN A 41 2.60 -7.61 6.92
C ASN A 41 3.63 -7.25 5.86
N GLY A 42 3.15 -6.67 4.76
CA GLY A 42 4.04 -6.29 3.67
C GLY A 42 3.71 -7.00 2.37
N VAL A 43 3.00 -8.12 2.47
CA VAL A 43 2.62 -8.89 1.29
C VAL A 43 1.58 -8.14 0.46
N VAL A 44 0.75 -7.35 1.13
CA VAL A 44 -0.28 -6.57 0.45
C VAL A 44 0.33 -5.49 -0.43
N LEU A 45 1.48 -4.96 0.00
CA LEU A 45 2.17 -3.92 -0.75
C LEU A 45 2.86 -4.50 -1.98
N CYS A 46 3.62 -5.58 -1.77
CA CYS A 46 4.33 -6.22 -2.86
C CYS A 46 3.40 -6.51 -4.04
N LYS A 47 2.24 -7.08 -3.74
CA LYS A 47 1.26 -7.40 -4.77
C LYS A 47 0.77 -6.14 -5.47
N LEU A 48 0.55 -5.08 -4.69
CA LEU A 48 0.09 -3.81 -5.24
C LEU A 48 1.01 -3.33 -6.35
N ILE A 49 2.19 -2.84 -5.98
CA ILE A 49 3.16 -2.35 -6.95
C ILE A 49 3.29 -3.32 -8.13
N ASN A 50 3.25 -4.61 -7.83
CA ASN A 50 3.37 -5.64 -8.86
C ASN A 50 2.33 -5.43 -9.95
N ARG A 51 1.13 -5.01 -9.55
CA ARG A 51 0.05 -4.77 -10.49
C ARG A 51 0.21 -3.43 -11.19
N LEU A 52 0.68 -2.43 -10.45
CA LEU A 52 0.89 -1.09 -11.00
C LEU A 52 1.93 -1.13 -12.12
N MET A 53 3.07 -1.75 -11.85
CA MET A 53 4.13 -1.86 -12.84
C MET A 53 4.56 -3.30 -13.03
N PRO A 54 4.70 -3.72 -14.29
CA PRO A 54 5.11 -5.08 -14.64
C PRO A 54 6.56 -5.37 -14.28
N GLY A 55 6.76 -6.17 -13.24
CA GLY A 55 8.11 -6.51 -12.81
C GLY A 55 8.64 -5.55 -11.76
N SER A 56 7.91 -5.43 -10.65
CA SER A 56 8.30 -4.54 -9.56
C SER A 56 8.98 -5.32 -8.44
N VAL A 57 8.32 -6.39 -8.00
CA VAL A 57 8.85 -7.23 -6.93
C VAL A 57 9.42 -8.53 -7.49
N GLU A 58 10.64 -8.86 -7.08
CA GLU A 58 11.29 -10.08 -7.53
C GLU A 58 10.66 -11.31 -6.88
N LYS A 59 10.42 -11.23 -5.58
CA LYS A 59 9.81 -12.33 -4.84
C LYS A 59 9.46 -11.91 -3.41
N PHE A 60 8.21 -12.12 -3.03
CA PHE A 60 7.75 -11.75 -1.69
C PHE A 60 7.06 -12.93 -1.02
N CYS A 61 6.80 -12.80 0.28
CA CYS A 61 6.14 -13.86 1.04
C CYS A 61 4.63 -13.65 1.06
N LEU A 62 3.90 -14.61 0.51
CA LEU A 62 2.44 -14.53 0.46
C LEU A 62 1.85 -14.55 1.88
N ASP A 63 2.27 -15.51 2.67
CA ASP A 63 1.79 -15.63 4.04
C ASP A 63 2.95 -15.74 5.02
N PRO A 64 3.42 -14.58 5.51
CA PRO A 64 4.54 -14.51 6.45
C PRO A 64 4.16 -15.04 7.83
N GLN A 65 4.76 -16.15 8.22
CA GLN A 65 4.49 -16.77 9.52
C GLN A 65 5.25 -16.05 10.63
N THR A 66 6.41 -15.49 10.28
CA THR A 66 7.23 -14.78 11.25
C THR A 66 7.45 -13.33 10.83
N GLU A 67 7.99 -12.54 11.74
CA GLU A 67 8.25 -11.12 11.46
C GLU A 67 9.27 -10.97 10.35
N ALA A 68 10.29 -11.84 10.36
CA ALA A 68 11.34 -11.79 9.35
C ALA A 68 10.76 -11.92 7.95
N ASP A 69 9.65 -12.64 7.83
CA ASP A 69 8.99 -12.84 6.54
C ASP A 69 8.22 -11.59 6.14
N CYS A 70 7.77 -10.82 7.12
CA CYS A 70 7.02 -9.60 6.86
C CYS A 70 7.93 -8.50 6.34
N ILE A 71 8.96 -8.17 7.13
CA ILE A 71 9.90 -7.13 6.74
C ILE A 71 10.40 -7.33 5.31
N ASN A 72 10.65 -8.58 4.96
CA ASN A 72 11.14 -8.90 3.63
C ASN A 72 10.14 -8.43 2.55
N ASN A 73 8.86 -8.48 2.90
CA ASN A 73 7.81 -8.05 1.97
C ASN A 73 7.82 -6.53 1.81
N ILE A 74 7.75 -5.83 2.92
CA ILE A 74 7.74 -4.37 2.90
C ILE A 74 8.92 -3.82 2.09
N ASN A 75 10.12 -4.32 2.41
CA ASN A 75 11.33 -3.89 1.72
C ASN A 75 11.20 -4.11 0.22
N ASP A 76 10.75 -5.30 -0.16
CA ASP A 76 10.59 -5.63 -1.58
C ASP A 76 9.74 -4.58 -2.29
N PHE A 77 8.58 -4.29 -1.72
CA PHE A 77 7.67 -3.31 -2.30
C PHE A 77 8.40 -2.00 -2.59
N LEU A 78 9.23 -1.58 -1.65
CA LEU A 78 9.99 -0.34 -1.80
C LEU A 78 10.86 -0.38 -3.05
N LYS A 79 11.61 -1.46 -3.22
CA LYS A 79 12.47 -1.63 -4.38
C LYS A 79 11.83 -1.04 -5.63
N GLY A 80 10.51 -1.21 -5.74
CA GLY A 80 9.80 -0.70 -6.89
C GLY A 80 9.40 0.76 -6.72
N CYS A 81 9.08 1.14 -5.50
CA CYS A 81 8.67 2.51 -5.20
C CYS A 81 9.74 3.50 -5.66
N ALA A 82 11.00 3.18 -5.38
CA ALA A 82 12.10 4.04 -5.76
C ALA A 82 11.96 4.52 -7.20
N THR A 83 11.49 3.63 -8.07
CA THR A 83 11.31 3.97 -9.47
C THR A 83 10.43 5.21 -9.64
N LEU A 84 9.40 5.30 -8.80
CA LEU A 84 8.48 6.44 -8.85
C LEU A 84 9.10 7.66 -8.19
N GLN A 85 10.16 7.44 -7.43
CA GLN A 85 10.85 8.53 -6.73
C GLN A 85 9.85 9.38 -5.95
N VAL A 86 9.03 8.73 -5.14
CA VAL A 86 8.03 9.42 -4.34
C VAL A 86 8.33 9.25 -2.85
N GLU A 87 7.47 9.82 -2.01
CA GLU A 87 7.63 9.74 -0.57
C GLU A 87 7.63 8.29 -0.11
N ILE A 88 8.70 7.89 0.58
CA ILE A 88 8.83 6.53 1.07
C ILE A 88 8.82 6.49 2.60
N PHE A 89 9.00 5.30 3.15
CA PHE A 89 9.02 5.13 4.60
C PHE A 89 9.90 3.95 5.00
N ASP A 90 9.96 3.68 6.30
CA ASP A 90 10.77 2.58 6.81
C ASP A 90 9.91 1.35 7.09
N PRO A 91 10.54 0.18 7.11
CA PRO A 91 9.85 -1.09 7.35
C PRO A 91 9.38 -1.22 8.79
N ASP A 92 9.85 -0.32 9.65
CA ASP A 92 9.48 -0.33 11.06
C ASP A 92 8.27 0.58 11.30
N ASP A 93 8.23 1.70 10.60
CA ASP A 93 7.14 2.66 10.74
C ASP A 93 5.81 2.01 10.38
N LEU A 94 5.81 1.21 9.32
CA LEU A 94 4.60 0.53 8.88
C LEU A 94 4.23 -0.60 9.81
N TYR A 95 5.15 -1.56 9.97
CA TYR A 95 4.93 -2.70 10.84
C TYR A 95 4.39 -2.27 12.19
N SER A 96 5.21 -1.51 12.93
CA SER A 96 4.81 -1.03 14.25
C SER A 96 3.70 0.01 14.14
N GLY A 97 3.88 0.97 13.25
CA GLY A 97 2.88 2.01 13.06
C GLY A 97 3.22 3.29 13.81
N VAL A 98 4.48 3.67 13.76
CA VAL A 98 4.95 4.89 14.43
C VAL A 98 4.53 6.13 13.65
N ASN A 99 4.82 6.13 12.36
CA ASN A 99 4.48 7.26 11.50
C ASN A 99 3.67 6.82 10.29
N PHE A 100 2.35 6.75 10.47
CA PHE A 100 1.46 6.34 9.39
C PHE A 100 1.32 7.43 8.34
N SER A 101 1.24 8.68 8.80
CA SER A 101 1.10 9.82 7.90
C SER A 101 1.96 9.63 6.66
N LYS A 102 3.16 9.11 6.85
CA LYS A 102 4.08 8.88 5.74
C LYS A 102 3.63 7.69 4.90
N VAL A 103 3.26 6.61 5.57
CA VAL A 103 2.82 5.40 4.88
C VAL A 103 1.58 5.68 4.04
N LEU A 104 0.74 6.59 4.50
CA LEU A 104 -0.48 6.95 3.80
C LEU A 104 -0.17 7.84 2.60
N SER A 105 0.69 8.84 2.81
CA SER A 105 1.06 9.76 1.75
C SER A 105 1.85 9.04 0.65
N THR A 106 2.75 8.14 1.08
CA THR A 106 3.57 7.38 0.14
C THR A 106 2.72 6.74 -0.94
N LEU A 107 1.69 6.01 -0.52
CA LEU A 107 0.79 5.34 -1.46
C LEU A 107 -0.01 6.35 -2.27
N LEU A 108 -0.46 7.41 -1.60
CA LEU A 108 -1.23 8.45 -2.26
C LEU A 108 -0.53 8.93 -3.54
N ALA A 109 0.78 9.13 -3.44
CA ALA A 109 1.57 9.59 -4.58
C ALA A 109 1.54 8.56 -5.71
N VAL A 110 1.84 7.31 -5.37
CA VAL A 110 1.86 6.23 -6.36
C VAL A 110 0.52 6.15 -7.10
N ASN A 111 -0.56 6.08 -6.34
CA ASN A 111 -1.90 5.99 -6.92
C ASN A 111 -2.11 7.10 -7.95
N LYS A 112 -1.54 8.27 -7.68
CA LYS A 112 -1.66 9.40 -8.59
C LYS A 112 -0.77 9.22 -9.81
N ALA A 113 0.51 8.97 -9.57
CA ALA A 113 1.47 8.77 -10.66
C ALA A 113 0.98 7.71 -11.63
N THR A 114 0.33 6.68 -11.09
CA THR A 114 -0.18 5.59 -11.92
C THR A 114 -1.30 6.07 -12.84
N GLU A 115 -1.97 7.15 -12.44
CA GLU A 115 -3.05 7.72 -13.23
C GLU A 115 -2.63 9.04 -13.86
N SER A 116 -3.55 9.64 -14.63
CA SER A 116 -3.27 10.91 -15.29
C SER A 116 -4.57 11.61 -15.67
N GLY A 117 -4.44 12.82 -16.21
CA GLY A 117 -5.61 13.58 -16.60
C GLY A 117 -5.28 15.00 -17.03
N PRO A 118 -5.10 15.90 -16.06
CA PRO A 118 -4.77 17.30 -16.31
C PRO A 118 -3.35 17.47 -16.84
N SER A 119 -2.41 16.80 -16.20
CA SER A 119 -1.00 16.87 -16.59
C SER A 119 -0.85 16.55 -18.08
N SER A 120 0.35 16.79 -18.61
CA SER A 120 0.63 16.54 -20.02
C SER A 120 1.14 15.10 -20.21
N GLY A 121 2.25 14.79 -19.58
CA GLY A 121 2.82 13.46 -19.69
C GLY A 121 3.50 13.00 -18.41
N GLY A 1 -7.52 18.70 -7.62
CA GLY A 1 -8.45 18.13 -8.59
C GLY A 1 -9.64 17.48 -7.93
N SER A 2 -10.71 18.26 -7.73
CA SER A 2 -11.92 17.75 -7.09
C SER A 2 -11.57 16.78 -5.97
N SER A 3 -10.56 17.13 -5.18
CA SER A 3 -10.13 16.29 -4.07
C SER A 3 -10.68 16.82 -2.74
N GLY A 4 -11.17 15.90 -1.91
CA GLY A 4 -11.72 16.29 -0.63
C GLY A 4 -11.62 15.19 0.41
N SER A 5 -11.85 13.95 -0.03
CA SER A 5 -11.79 12.81 0.87
C SER A 5 -10.43 12.72 1.54
N SER A 6 -10.43 12.54 2.86
CA SER A 6 -9.20 12.45 3.63
C SER A 6 -8.13 11.70 2.83
N GLY A 7 -8.42 10.44 2.49
CA GLY A 7 -7.47 9.64 1.74
C GLY A 7 -7.46 8.20 2.18
N GLU A 8 -7.58 7.97 3.49
CA GLU A 8 -7.59 6.62 4.04
C GLU A 8 -8.48 5.70 3.21
N GLU A 9 -9.76 6.07 3.09
CA GLU A 9 -10.71 5.26 2.35
C GLU A 9 -10.26 5.10 0.89
N GLN A 10 -9.82 6.20 0.29
CA GLN A 10 -9.35 6.17 -1.09
C GLN A 10 -8.35 5.04 -1.31
N ILE A 11 -7.38 4.94 -0.42
CA ILE A 11 -6.36 3.89 -0.52
C ILE A 11 -6.98 2.51 -0.37
N VAL A 12 -7.93 2.39 0.55
CA VAL A 12 -8.60 1.12 0.80
C VAL A 12 -9.25 0.60 -0.48
N THR A 13 -10.11 1.41 -1.08
CA THR A 13 -10.79 1.02 -2.32
C THR A 13 -9.82 0.88 -3.47
N TRP A 14 -8.79 1.71 -3.48
CA TRP A 14 -7.78 1.68 -4.53
C TRP A 14 -7.19 0.29 -4.66
N LEU A 15 -6.71 -0.26 -3.55
CA LEU A 15 -6.12 -1.59 -3.54
C LEU A 15 -7.11 -2.63 -4.05
N ILE A 16 -8.23 -2.76 -3.36
CA ILE A 16 -9.26 -3.72 -3.74
C ILE A 16 -9.53 -3.66 -5.24
N SER A 17 -10.05 -2.52 -5.69
CA SER A 17 -10.36 -2.35 -7.10
C SER A 17 -9.28 -2.97 -7.98
N LEU A 18 -8.03 -2.63 -7.70
CA LEU A 18 -6.91 -3.16 -8.47
C LEU A 18 -6.85 -4.69 -8.38
N GLY A 19 -7.04 -5.22 -7.18
CA GLY A 19 -7.02 -6.65 -6.98
C GLY A 19 -5.90 -7.09 -6.05
N VAL A 20 -5.65 -6.31 -5.02
CA VAL A 20 -4.60 -6.61 -4.05
C VAL A 20 -5.16 -6.67 -2.63
N LEU A 21 -6.39 -6.19 -2.47
CA LEU A 21 -7.03 -6.17 -1.16
C LEU A 21 -8.38 -6.89 -1.21
N GLU A 22 -8.80 -7.42 -0.07
CA GLU A 22 -10.07 -8.13 0.01
C GLU A 22 -11.24 -7.15 0.07
N SER A 23 -12.40 -7.59 -0.38
CA SER A 23 -13.60 -6.76 -0.38
C SER A 23 -14.61 -7.25 0.64
N PRO A 24 -14.45 -6.79 1.89
CA PRO A 24 -15.35 -7.17 2.99
C PRO A 24 -16.75 -6.57 2.83
N LYS A 25 -17.76 -7.36 3.18
CA LYS A 25 -19.15 -6.91 3.08
C LYS A 25 -19.55 -6.10 4.32
N LYS A 26 -18.68 -5.18 4.72
CA LYS A 26 -18.94 -4.33 5.88
C LYS A 26 -18.40 -2.93 5.67
N THR A 27 -18.77 -2.01 6.55
CA THR A 27 -18.31 -0.63 6.47
C THR A 27 -17.23 -0.34 7.51
N ILE A 28 -16.00 -0.17 7.04
CA ILE A 28 -14.88 0.11 7.93
C ILE A 28 -14.92 1.56 8.41
N CYS A 29 -15.43 1.76 9.62
CA CYS A 29 -15.53 3.09 10.20
C CYS A 29 -14.14 3.69 10.42
N ASP A 30 -13.25 2.89 11.00
CA ASP A 30 -11.89 3.34 11.27
C ASP A 30 -10.90 2.67 10.32
N PRO A 31 -10.74 3.27 9.12
CA PRO A 31 -9.83 2.76 8.10
C PRO A 31 -8.36 2.92 8.49
N GLU A 32 -8.11 3.79 9.46
CA GLU A 32 -6.75 4.04 9.93
C GLU A 32 -6.12 2.76 10.48
N GLU A 33 -6.87 2.07 11.33
CA GLU A 33 -6.38 0.84 11.93
C GLU A 33 -6.42 -0.31 10.93
N PHE A 34 -7.50 -0.39 10.16
CA PHE A 34 -7.67 -1.44 9.16
C PHE A 34 -6.53 -1.39 8.15
N LEU A 35 -6.35 -0.25 7.51
CA LEU A 35 -5.29 -0.08 6.52
C LEU A 35 -3.94 -0.53 7.08
N LYS A 36 -3.52 0.09 8.18
CA LYS A 36 -2.25 -0.25 8.80
C LYS A 36 -2.15 -1.75 9.04
N SER A 37 -3.26 -2.36 9.44
CA SER A 37 -3.28 -3.79 9.70
C SER A 37 -3.00 -4.59 8.43
N SER A 38 -3.43 -4.05 7.30
CA SER A 38 -3.22 -4.70 6.01
C SER A 38 -1.81 -4.46 5.50
N LEU A 39 -1.44 -3.19 5.39
CA LEU A 39 -0.11 -2.82 4.91
C LEU A 39 0.97 -3.39 5.81
N LYS A 40 0.69 -3.45 7.11
CA LYS A 40 1.64 -3.98 8.08
C LYS A 40 2.36 -5.20 7.52
N ASN A 41 1.59 -6.22 7.18
CA ASN A 41 2.15 -7.45 6.64
C ASN A 41 3.24 -7.15 5.62
N GLY A 42 2.96 -6.24 4.70
CA GLY A 42 3.93 -5.87 3.69
C GLY A 42 3.67 -6.56 2.36
N VAL A 43 3.08 -7.74 2.42
CA VAL A 43 2.77 -8.50 1.21
C VAL A 43 1.75 -7.78 0.35
N VAL A 44 0.85 -7.06 0.99
CA VAL A 44 -0.20 -6.31 0.29
C VAL A 44 0.41 -5.20 -0.55
N LEU A 45 1.44 -4.54 -0.02
CA LEU A 45 2.11 -3.46 -0.73
C LEU A 45 2.87 -3.98 -1.93
N CYS A 46 3.49 -5.15 -1.78
CA CYS A 46 4.25 -5.75 -2.86
C CYS A 46 3.35 -6.11 -4.04
N LYS A 47 2.16 -6.63 -3.74
CA LYS A 47 1.20 -7.01 -4.77
C LYS A 47 0.72 -5.78 -5.53
N LEU A 48 0.56 -4.67 -4.82
CA LEU A 48 0.10 -3.43 -5.43
C LEU A 48 1.10 -2.94 -6.48
N ILE A 49 2.31 -2.62 -6.04
CA ILE A 49 3.35 -2.15 -6.95
C ILE A 49 3.52 -3.09 -8.13
N ASN A 50 3.26 -4.38 -7.90
CA ASN A 50 3.38 -5.39 -8.95
C ASN A 50 2.36 -5.15 -10.06
N ARG A 51 1.13 -4.83 -9.66
CA ARG A 51 0.07 -4.58 -10.62
C ARG A 51 0.30 -3.27 -11.36
N LEU A 52 0.83 -2.28 -10.65
CA LEU A 52 1.10 -0.97 -11.24
C LEU A 52 2.20 -1.07 -12.29
N MET A 53 3.33 -1.66 -11.92
CA MET A 53 4.45 -1.82 -12.83
C MET A 53 4.76 -3.30 -13.06
N PRO A 54 4.91 -3.67 -14.34
CA PRO A 54 5.22 -5.06 -14.72
C PRO A 54 6.62 -5.48 -14.32
N GLY A 55 6.73 -6.17 -13.19
CA GLY A 55 8.03 -6.63 -12.72
C GLY A 55 8.59 -5.73 -11.63
N SER A 56 7.80 -5.48 -10.60
CA SER A 56 8.21 -4.63 -9.49
C SER A 56 9.00 -5.43 -8.46
N VAL A 57 8.35 -6.45 -7.90
CA VAL A 57 9.00 -7.30 -6.89
C VAL A 57 9.43 -8.63 -7.50
N GLU A 58 10.66 -9.03 -7.21
CA GLU A 58 11.20 -10.29 -7.72
C GLU A 58 10.57 -11.48 -6.99
N LYS A 59 10.77 -11.53 -5.68
CA LYS A 59 10.22 -12.62 -4.88
C LYS A 59 9.81 -12.12 -3.49
N PHE A 60 8.51 -12.04 -3.26
CA PHE A 60 7.98 -11.58 -1.98
C PHE A 60 7.23 -12.70 -1.26
N CYS A 61 6.91 -12.46 0.00
CA CYS A 61 6.18 -13.45 0.80
C CYS A 61 4.68 -13.22 0.72
N LEU A 62 3.95 -14.24 0.28
CA LEU A 62 2.51 -14.16 0.16
C LEU A 62 1.84 -14.19 1.52
N ASP A 63 2.28 -15.12 2.36
CA ASP A 63 1.73 -15.26 3.71
C ASP A 63 2.83 -15.35 4.75
N PRO A 64 3.23 -14.20 5.29
CA PRO A 64 4.30 -14.12 6.31
C PRO A 64 3.86 -14.71 7.64
N GLN A 65 4.28 -15.95 7.89
CA GLN A 65 3.93 -16.63 9.14
C GLN A 65 4.66 -15.99 10.32
N THR A 66 5.85 -15.45 10.06
CA THR A 66 6.64 -14.82 11.10
C THR A 66 6.99 -13.38 10.74
N GLU A 67 7.55 -12.65 11.70
CA GLU A 67 7.93 -11.26 11.47
C GLU A 67 8.95 -11.15 10.33
N ALA A 68 10.06 -11.87 10.46
CA ALA A 68 11.10 -11.86 9.45
C ALA A 68 10.51 -11.83 8.05
N ASP A 69 9.40 -12.54 7.86
CA ASP A 69 8.72 -12.60 6.57
C ASP A 69 8.06 -11.26 6.25
N CYS A 70 7.47 -10.63 7.26
CA CYS A 70 6.80 -9.36 7.08
C CYS A 70 7.78 -8.28 6.65
N ILE A 71 8.82 -8.07 7.46
CA ILE A 71 9.83 -7.07 7.15
C ILE A 71 10.29 -7.17 5.70
N ASN A 72 10.51 -8.39 5.25
CA ASN A 72 10.96 -8.62 3.87
C ASN A 72 9.96 -8.03 2.88
N ASN A 73 8.68 -8.32 3.09
CA ASN A 73 7.63 -7.81 2.22
C ASN A 73 7.66 -6.29 2.13
N ILE A 74 7.65 -5.64 3.28
CA ILE A 74 7.68 -4.18 3.33
C ILE A 74 8.84 -3.64 2.52
N ASN A 75 10.05 -4.12 2.82
CA ASN A 75 11.25 -3.67 2.10
C ASN A 75 11.10 -3.89 0.61
N ASP A 76 10.73 -5.11 0.21
CA ASP A 76 10.54 -5.44 -1.20
C ASP A 76 9.76 -4.34 -1.91
N PHE A 77 8.65 -3.93 -1.33
CA PHE A 77 7.81 -2.89 -1.91
C PHE A 77 8.63 -1.65 -2.22
N LEU A 78 9.48 -1.25 -1.28
CA LEU A 78 10.33 -0.07 -1.45
C LEU A 78 11.15 -0.17 -2.72
N LYS A 79 11.90 -1.27 -2.86
CA LYS A 79 12.74 -1.49 -4.03
C LYS A 79 12.07 -0.93 -5.29
N GLY A 80 10.81 -1.30 -5.49
CA GLY A 80 10.09 -0.83 -6.65
C GLY A 80 9.62 0.61 -6.51
N CYS A 81 9.38 1.03 -5.26
CA CYS A 81 8.93 2.39 -4.99
C CYS A 81 9.90 3.41 -5.59
N ALA A 82 11.19 3.12 -5.50
CA ALA A 82 12.21 4.01 -6.02
C ALA A 82 11.89 4.42 -7.46
N THR A 83 11.52 3.45 -8.28
CA THR A 83 11.20 3.70 -9.67
C THR A 83 10.20 4.86 -9.80
N LEU A 84 9.18 4.86 -8.94
CA LEU A 84 8.17 5.90 -8.95
C LEU A 84 8.75 7.23 -8.50
N GLN A 85 9.86 7.18 -7.76
CA GLN A 85 10.51 8.38 -7.27
C GLN A 85 9.56 9.19 -6.39
N VAL A 86 8.86 8.51 -5.50
CA VAL A 86 7.91 9.18 -4.59
C VAL A 86 8.30 8.95 -3.14
N GLU A 87 7.57 9.62 -2.24
CA GLU A 87 7.83 9.48 -0.81
C GLU A 87 7.99 8.02 -0.42
N ILE A 88 8.70 7.77 0.67
CA ILE A 88 8.93 6.42 1.16
C ILE A 88 8.91 6.36 2.69
N PHE A 89 9.10 5.17 3.23
CA PHE A 89 9.10 4.98 4.68
C PHE A 89 10.01 3.83 5.08
N ASP A 90 10.03 3.51 6.36
CA ASP A 90 10.87 2.43 6.87
C ASP A 90 10.03 1.20 7.19
N PRO A 91 10.68 0.03 7.27
CA PRO A 91 10.02 -1.24 7.56
C PRO A 91 9.53 -1.31 9.01
N ASP A 92 9.93 -0.34 9.82
CA ASP A 92 9.52 -0.29 11.22
C ASP A 92 8.27 0.55 11.40
N ASP A 93 8.23 1.70 10.71
CA ASP A 93 7.08 2.59 10.79
C ASP A 93 5.80 1.87 10.42
N LEU A 94 5.81 1.18 9.28
CA LEU A 94 4.64 0.45 8.81
C LEU A 94 4.41 -0.80 9.66
N TYR A 95 5.42 -1.65 9.74
CA TYR A 95 5.33 -2.88 10.52
C TYR A 95 4.88 -2.59 11.95
N SER A 96 5.67 -1.77 12.65
CA SER A 96 5.36 -1.42 14.03
C SER A 96 4.17 -0.48 14.10
N GLY A 97 4.30 0.68 13.45
CA GLY A 97 3.23 1.65 13.44
C GLY A 97 3.61 2.95 14.13
N VAL A 98 4.83 3.41 13.88
CA VAL A 98 5.32 4.64 14.48
C VAL A 98 4.85 5.86 13.71
N ASN A 99 5.00 5.80 12.39
CA ASN A 99 4.58 6.91 11.53
C ASN A 99 3.77 6.40 10.33
N PHE A 100 2.47 6.68 10.34
CA PHE A 100 1.60 6.24 9.26
C PHE A 100 1.45 7.34 8.21
N SER A 101 1.24 8.56 8.66
CA SER A 101 1.07 9.70 7.75
C SER A 101 1.97 9.54 6.53
N LYS A 102 3.16 8.97 6.73
CA LYS A 102 4.11 8.77 5.66
C LYS A 102 3.66 7.63 4.74
N VAL A 103 3.34 6.49 5.34
CA VAL A 103 2.89 5.32 4.59
C VAL A 103 1.68 5.65 3.74
N LEU A 104 0.80 6.51 4.27
CA LEU A 104 -0.40 6.90 3.55
C LEU A 104 -0.06 7.78 2.35
N SER A 105 0.78 8.79 2.59
CA SER A 105 1.19 9.69 1.52
C SER A 105 1.96 8.96 0.44
N THR A 106 2.93 8.15 0.85
CA THR A 106 3.74 7.38 -0.09
C THR A 106 2.87 6.68 -1.12
N LEU A 107 1.79 6.07 -0.66
CA LEU A 107 0.87 5.35 -1.55
C LEU A 107 0.01 6.34 -2.33
N LEU A 108 -0.48 7.36 -1.65
CA LEU A 108 -1.32 8.37 -2.29
C LEU A 108 -0.64 8.93 -3.54
N ALA A 109 0.63 9.26 -3.41
CA ALA A 109 1.39 9.80 -4.53
C ALA A 109 1.45 8.81 -5.69
N VAL A 110 1.62 7.54 -5.37
CA VAL A 110 1.68 6.49 -6.38
C VAL A 110 0.39 6.43 -7.18
N ASN A 111 -0.73 6.21 -6.50
CA ASN A 111 -2.03 6.13 -7.14
C ASN A 111 -2.19 7.24 -8.17
N LYS A 112 -1.75 8.43 -7.82
CA LYS A 112 -1.84 9.59 -8.71
C LYS A 112 -1.12 9.31 -10.03
N ALA A 113 0.19 9.10 -9.96
CA ALA A 113 0.98 8.83 -11.14
C ALA A 113 0.43 7.62 -11.90
N THR A 114 0.17 6.54 -11.17
CA THR A 114 -0.36 5.32 -11.77
C THR A 114 -1.87 5.37 -11.88
N GLU A 115 -2.41 6.56 -12.12
CA GLU A 115 -3.85 6.73 -12.24
C GLU A 115 -4.35 6.23 -13.60
N SER A 116 -5.53 5.62 -13.59
CA SER A 116 -6.12 5.09 -14.81
C SER A 116 -6.62 6.21 -15.70
N GLY A 117 -6.05 6.31 -16.90
CA GLY A 117 -6.46 7.34 -17.84
C GLY A 117 -6.05 7.04 -19.26
N PRO A 118 -4.82 7.43 -19.63
CA PRO A 118 -4.29 7.20 -20.97
C PRO A 118 -4.00 5.73 -21.24
N SER A 119 -3.50 5.44 -22.44
CA SER A 119 -3.19 4.07 -22.82
C SER A 119 -2.18 3.45 -21.85
N SER A 120 -2.32 2.16 -21.61
CA SER A 120 -1.42 1.45 -20.69
C SER A 120 -0.65 0.37 -21.44
N GLY A 121 0.31 -0.25 -20.73
CA GLY A 121 1.11 -1.29 -21.34
C GLY A 121 0.28 -2.48 -21.81
N GLY A 1 -19.53 10.92 1.13
CA GLY A 1 -18.33 10.77 1.93
C GLY A 1 -18.09 11.92 2.88
N SER A 2 -18.31 11.67 4.18
CA SER A 2 -18.13 12.70 5.19
C SER A 2 -16.67 13.15 5.25
N SER A 3 -15.76 12.18 5.26
CA SER A 3 -14.34 12.49 5.32
C SER A 3 -13.96 13.54 4.29
N GLY A 4 -13.11 14.49 4.69
CA GLY A 4 -12.68 15.53 3.79
C GLY A 4 -11.33 15.25 3.18
N SER A 5 -11.33 14.71 1.96
CA SER A 5 -10.09 14.39 1.27
C SER A 5 -9.08 13.75 2.23
N SER A 6 -9.57 12.84 3.06
CA SER A 6 -8.71 12.16 4.02
C SER A 6 -7.71 11.25 3.31
N GLY A 7 -8.20 10.49 2.33
CA GLY A 7 -7.33 9.59 1.59
C GLY A 7 -7.47 8.15 2.05
N GLU A 8 -7.50 7.95 3.37
CA GLU A 8 -7.62 6.61 3.93
C GLU A 8 -8.59 5.77 3.11
N GLU A 9 -9.79 6.31 2.86
CA GLU A 9 -10.80 5.61 2.08
C GLU A 9 -10.33 5.38 0.65
N GLN A 10 -9.79 6.43 0.05
CA GLN A 10 -9.29 6.34 -1.33
C GLN A 10 -8.39 5.13 -1.51
N ILE A 11 -7.48 4.93 -0.58
CA ILE A 11 -6.55 3.81 -0.63
C ILE A 11 -7.28 2.48 -0.45
N VAL A 12 -8.11 2.41 0.59
CA VAL A 12 -8.88 1.20 0.88
C VAL A 12 -9.57 0.69 -0.38
N THR A 13 -10.41 1.53 -0.98
CA THR A 13 -11.15 1.16 -2.18
C THR A 13 -10.19 0.92 -3.35
N TRP A 14 -9.21 1.80 -3.49
CA TRP A 14 -8.23 1.68 -4.57
C TRP A 14 -7.63 0.28 -4.61
N LEU A 15 -6.98 -0.12 -3.52
CA LEU A 15 -6.36 -1.43 -3.43
C LEU A 15 -7.32 -2.52 -3.90
N ILE A 16 -8.44 -2.67 -3.20
CA ILE A 16 -9.44 -3.67 -3.56
C ILE A 16 -9.76 -3.62 -5.05
N SER A 17 -10.17 -2.44 -5.53
CA SER A 17 -10.51 -2.27 -6.94
C SER A 17 -9.43 -2.89 -7.83
N LEU A 18 -8.18 -2.62 -7.50
CA LEU A 18 -7.06 -3.14 -8.28
C LEU A 18 -7.04 -4.67 -8.26
N GLY A 19 -7.27 -5.24 -7.07
CA GLY A 19 -7.28 -6.68 -6.94
C GLY A 19 -6.21 -7.19 -5.99
N VAL A 20 -5.97 -6.42 -4.93
CA VAL A 20 -4.96 -6.80 -3.93
C VAL A 20 -5.59 -6.93 -2.55
N LEU A 21 -6.47 -5.99 -2.21
CA LEU A 21 -7.13 -6.01 -0.91
C LEU A 21 -8.51 -6.65 -1.01
N GLU A 22 -8.87 -7.44 0.00
CA GLU A 22 -10.16 -8.12 0.02
C GLU A 22 -11.30 -7.10 0.01
N SER A 23 -12.44 -7.50 -0.56
CA SER A 23 -13.60 -6.63 -0.64
C SER A 23 -14.69 -7.07 0.33
N PRO A 24 -14.56 -6.64 1.60
CA PRO A 24 -15.52 -6.97 2.65
C PRO A 24 -16.87 -6.30 2.45
N LYS A 25 -17.94 -7.03 2.74
CA LYS A 25 -19.29 -6.49 2.59
C LYS A 25 -19.69 -5.66 3.80
N LYS A 26 -18.81 -4.72 4.18
CA LYS A 26 -19.08 -3.86 5.33
C LYS A 26 -18.41 -2.50 5.14
N THR A 27 -18.61 -1.61 6.10
CA THR A 27 -18.02 -0.27 6.05
C THR A 27 -17.08 -0.04 7.21
N ILE A 28 -15.78 0.03 6.91
CA ILE A 28 -14.77 0.26 7.93
C ILE A 28 -14.75 1.71 8.38
N CYS A 29 -15.22 1.97 9.59
CA CYS A 29 -15.26 3.32 10.13
C CYS A 29 -13.85 3.83 10.40
N ASP A 30 -13.02 2.98 10.98
CA ASP A 30 -11.63 3.35 11.29
C ASP A 30 -10.66 2.65 10.34
N PRO A 31 -10.50 3.23 9.14
CA PRO A 31 -9.60 2.68 8.12
C PRO A 31 -8.13 2.83 8.50
N GLU A 32 -7.86 3.70 9.47
CA GLU A 32 -6.50 3.94 9.93
C GLU A 32 -5.86 2.65 10.43
N GLU A 33 -6.57 1.93 11.30
CA GLU A 33 -6.07 0.69 11.85
C GLU A 33 -6.18 -0.44 10.82
N PHE A 34 -7.33 -0.53 10.17
CA PHE A 34 -7.57 -1.56 9.16
C PHE A 34 -6.44 -1.57 8.12
N LEU A 35 -6.12 -0.39 7.61
CA LEU A 35 -5.07 -0.26 6.61
C LEU A 35 -3.71 -0.71 7.17
N LYS A 36 -3.29 -0.07 8.26
CA LYS A 36 -2.02 -0.40 8.90
C LYS A 36 -1.89 -1.91 9.09
N SER A 37 -2.98 -2.54 9.49
CA SER A 37 -2.99 -3.98 9.73
C SER A 37 -2.69 -4.74 8.43
N SER A 38 -3.24 -4.25 7.32
CA SER A 38 -3.03 -4.88 6.03
C SER A 38 -1.64 -4.59 5.50
N LEU A 39 -1.30 -3.30 5.39
CA LEU A 39 0.00 -2.89 4.89
C LEU A 39 1.12 -3.50 5.74
N LYS A 40 0.92 -3.51 7.05
CA LYS A 40 1.91 -4.06 7.97
C LYS A 40 2.57 -5.29 7.38
N ASN A 41 1.77 -6.32 7.10
CA ASN A 41 2.29 -7.56 6.53
C ASN A 41 3.33 -7.27 5.45
N GLY A 42 3.02 -6.34 4.55
CA GLY A 42 3.93 -5.99 3.49
C GLY A 42 3.58 -6.64 2.17
N VAL A 43 2.98 -7.82 2.25
CA VAL A 43 2.59 -8.56 1.05
C VAL A 43 1.56 -7.78 0.24
N VAL A 44 0.68 -7.07 0.94
CA VAL A 44 -0.35 -6.28 0.28
C VAL A 44 0.25 -5.23 -0.63
N LEU A 45 1.28 -4.55 -0.15
CA LEU A 45 1.95 -3.52 -0.92
C LEU A 45 2.73 -4.13 -2.09
N CYS A 46 3.38 -5.26 -1.83
CA CYS A 46 4.15 -5.95 -2.86
C CYS A 46 3.28 -6.30 -4.05
N LYS A 47 2.08 -6.81 -3.78
CA LYS A 47 1.15 -7.20 -4.84
C LYS A 47 0.67 -5.96 -5.61
N LEU A 48 0.52 -4.85 -4.89
CA LEU A 48 0.06 -3.61 -5.51
C LEU A 48 1.11 -3.07 -6.49
N ILE A 49 2.29 -2.76 -5.97
CA ILE A 49 3.37 -2.24 -6.81
C ILE A 49 3.61 -3.14 -8.02
N ASN A 50 3.30 -4.42 -7.88
CA ASN A 50 3.47 -5.38 -8.97
C ASN A 50 2.39 -5.20 -10.03
N ARG A 51 1.16 -4.96 -9.59
CA ARG A 51 0.04 -4.77 -10.50
C ARG A 51 0.20 -3.47 -11.30
N LEU A 52 0.72 -2.44 -10.64
CA LEU A 52 0.93 -1.15 -11.28
C LEU A 52 2.09 -1.22 -12.27
N MET A 53 3.26 -1.65 -11.79
CA MET A 53 4.43 -1.76 -12.64
C MET A 53 4.83 -3.22 -12.82
N PRO A 54 4.93 -3.65 -14.09
CA PRO A 54 5.29 -5.03 -14.43
C PRO A 54 6.76 -5.33 -14.13
N GLY A 55 6.99 -6.02 -13.00
CA GLY A 55 8.35 -6.35 -12.62
C GLY A 55 8.87 -5.47 -11.50
N SER A 56 8.13 -5.41 -10.40
CA SER A 56 8.52 -4.58 -9.26
C SER A 56 9.20 -5.44 -8.18
N VAL A 57 8.46 -6.43 -7.69
CA VAL A 57 8.98 -7.32 -6.66
C VAL A 57 9.33 -8.69 -7.24
N GLU A 58 10.58 -9.10 -7.06
CA GLU A 58 11.03 -10.39 -7.56
C GLU A 58 10.25 -11.53 -6.93
N LYS A 59 10.37 -11.68 -5.61
CA LYS A 59 9.67 -12.72 -4.89
C LYS A 59 9.44 -12.32 -3.43
N PHE A 60 8.18 -12.18 -3.06
CA PHE A 60 7.82 -11.80 -1.69
C PHE A 60 7.11 -12.94 -0.97
N CYS A 61 6.69 -12.69 0.26
CA CYS A 61 6.00 -13.69 1.06
C CYS A 61 4.50 -13.41 1.11
N LEU A 62 3.72 -14.26 0.46
CA LEU A 62 2.27 -14.10 0.43
C LEU A 62 1.69 -14.10 1.84
N ASP A 63 2.17 -15.02 2.67
CA ASP A 63 1.71 -15.13 4.05
C ASP A 63 2.89 -15.24 5.01
N PRO A 64 3.34 -14.09 5.54
CA PRO A 64 4.47 -14.03 6.48
C PRO A 64 4.11 -14.62 7.83
N GLN A 65 4.52 -15.87 8.06
CA GLN A 65 4.24 -16.54 9.32
C GLN A 65 4.97 -15.86 10.47
N THR A 66 6.17 -15.36 10.20
CA THR A 66 6.96 -14.68 11.22
C THR A 66 7.34 -13.28 10.77
N GLU A 67 7.94 -12.51 11.68
CA GLU A 67 8.34 -11.13 11.38
C GLU A 67 9.27 -11.10 10.18
N ALA A 68 10.39 -11.81 10.27
CA ALA A 68 11.36 -11.87 9.19
C ALA A 68 10.67 -11.90 7.83
N ASP A 69 9.57 -12.63 7.75
CA ASP A 69 8.82 -12.76 6.51
C ASP A 69 8.12 -11.44 6.16
N CYS A 70 7.57 -10.78 7.19
CA CYS A 70 6.88 -9.51 7.00
C CYS A 70 7.84 -8.45 6.49
N ILE A 71 8.87 -8.16 7.28
CA ILE A 71 9.86 -7.15 6.91
C ILE A 71 10.31 -7.34 5.46
N ASN A 72 10.61 -8.58 5.08
CA ASN A 72 11.04 -8.88 3.73
C ASN A 72 10.08 -8.32 2.69
N ASN A 73 8.78 -8.51 2.94
CA ASN A 73 7.75 -8.01 2.03
C ASN A 73 7.83 -6.50 1.90
N ILE A 74 7.76 -5.80 3.03
CA ILE A 74 7.81 -4.35 3.04
C ILE A 74 8.99 -3.84 2.23
N ASN A 75 10.17 -4.40 2.49
CA ASN A 75 11.38 -4.00 1.77
C ASN A 75 11.23 -4.27 0.27
N ASP A 76 10.69 -5.43 -0.07
CA ASP A 76 10.50 -5.81 -1.46
C ASP A 76 9.64 -4.77 -2.19
N PHE A 77 8.55 -4.35 -1.56
CA PHE A 77 7.66 -3.36 -2.14
C PHE A 77 8.39 -2.06 -2.44
N LEU A 78 9.19 -1.62 -1.47
CA LEU A 78 9.95 -0.38 -1.61
C LEU A 78 10.82 -0.43 -2.87
N LYS A 79 11.53 -1.53 -3.05
CA LYS A 79 12.39 -1.70 -4.21
C LYS A 79 11.78 -1.07 -5.45
N GLY A 80 10.46 -1.14 -5.55
CA GLY A 80 9.76 -0.58 -6.69
C GLY A 80 9.39 0.88 -6.48
N CYS A 81 8.96 1.21 -5.27
CA CYS A 81 8.58 2.58 -4.94
C CYS A 81 9.64 3.57 -5.40
N ALA A 82 10.90 3.15 -5.34
CA ALA A 82 12.01 4.00 -5.74
C ALA A 82 11.85 4.46 -7.19
N THR A 83 11.54 3.52 -8.08
CA THR A 83 11.35 3.83 -9.49
C THR A 83 10.46 5.04 -9.67
N LEU A 84 9.42 5.14 -8.83
CA LEU A 84 8.49 6.26 -8.90
C LEU A 84 9.12 7.54 -8.37
N GLN A 85 10.12 7.38 -7.49
CA GLN A 85 10.81 8.52 -6.91
C GLN A 85 9.84 9.41 -6.13
N VAL A 86 9.00 8.78 -5.31
CA VAL A 86 8.03 9.50 -4.52
C VAL A 86 8.28 9.31 -3.02
N GLU A 87 7.41 9.88 -2.20
CA GLU A 87 7.54 9.77 -0.74
C GLU A 87 7.59 8.31 -0.32
N ILE A 88 8.53 7.99 0.58
CA ILE A 88 8.68 6.63 1.07
C ILE A 88 8.76 6.60 2.59
N PHE A 89 8.86 5.40 3.16
CA PHE A 89 8.94 5.24 4.60
C PHE A 89 9.84 4.07 4.97
N ASP A 90 9.95 3.79 6.26
CA ASP A 90 10.78 2.70 6.74
C ASP A 90 9.93 1.48 7.07
N PRO A 91 10.57 0.30 7.10
CA PRO A 91 9.89 -0.96 7.40
C PRO A 91 9.46 -1.06 8.86
N ASP A 92 9.91 -0.11 9.67
CA ASP A 92 9.57 -0.07 11.09
C ASP A 92 8.33 0.78 11.33
N ASP A 93 8.30 1.95 10.70
CA ASP A 93 7.17 2.87 10.84
C ASP A 93 5.85 2.16 10.52
N LEU A 94 5.86 1.33 9.48
CA LEU A 94 4.67 0.60 9.08
C LEU A 94 4.47 -0.64 9.95
N TYR A 95 5.47 -1.51 9.97
CA TYR A 95 5.41 -2.72 10.76
C TYR A 95 4.98 -2.43 12.19
N SER A 96 5.73 -1.56 12.87
CA SER A 96 5.42 -1.19 14.24
C SER A 96 4.16 -0.32 14.31
N GLY A 97 4.22 0.82 13.63
CA GLY A 97 3.08 1.73 13.62
C GLY A 97 3.38 3.04 14.31
N VAL A 98 4.54 3.61 13.99
CA VAL A 98 4.95 4.88 14.59
C VAL A 98 4.53 6.05 13.71
N ASN A 99 4.99 6.04 12.45
CA ASN A 99 4.67 7.10 11.51
C ASN A 99 3.86 6.56 10.34
N PHE A 100 2.55 6.45 10.54
CA PHE A 100 1.66 5.95 9.50
C PHE A 100 1.36 7.03 8.46
N SER A 101 1.08 8.23 8.94
CA SER A 101 0.77 9.36 8.05
C SER A 101 1.59 9.27 6.77
N LYS A 102 2.86 8.90 6.91
CA LYS A 102 3.76 8.78 5.76
C LYS A 102 3.31 7.66 4.83
N VAL A 103 3.17 6.46 5.38
CA VAL A 103 2.75 5.30 4.60
C VAL A 103 1.55 5.64 3.74
N LEU A 104 0.57 6.31 4.33
CA LEU A 104 -0.64 6.71 3.62
C LEU A 104 -0.31 7.59 2.41
N SER A 105 0.45 8.65 2.66
CA SER A 105 0.85 9.57 1.59
C SER A 105 1.61 8.83 0.50
N THR A 106 2.63 8.09 0.90
CA THR A 106 3.45 7.34 -0.05
C THR A 106 2.58 6.69 -1.12
N LEU A 107 1.53 6.00 -0.70
CA LEU A 107 0.62 5.34 -1.63
C LEU A 107 -0.15 6.35 -2.46
N LEU A 108 -0.62 7.41 -1.81
CA LEU A 108 -1.37 8.45 -2.49
C LEU A 108 -0.62 8.95 -3.72
N ALA A 109 0.67 9.21 -3.55
CA ALA A 109 1.50 9.69 -4.64
C ALA A 109 1.56 8.67 -5.77
N VAL A 110 1.94 7.44 -5.43
CA VAL A 110 2.04 6.37 -6.43
C VAL A 110 0.78 6.28 -7.26
N ASN A 111 -0.37 6.26 -6.59
CA ASN A 111 -1.66 6.17 -7.27
C ASN A 111 -1.81 7.30 -8.29
N LYS A 112 -1.42 8.50 -7.90
CA LYS A 112 -1.50 9.67 -8.78
C LYS A 112 -0.53 9.54 -9.94
N ALA A 113 0.72 9.18 -9.63
CA ALA A 113 1.74 9.03 -10.66
C ALA A 113 1.33 7.99 -11.70
N THR A 114 0.71 6.90 -11.22
CA THR A 114 0.28 5.83 -12.11
C THR A 114 -0.91 6.27 -12.97
N GLU A 115 -1.84 7.00 -12.35
CA GLU A 115 -3.02 7.48 -13.05
C GLU A 115 -2.76 8.85 -13.68
N SER A 116 -2.96 8.94 -14.99
CA SER A 116 -2.74 10.19 -15.71
C SER A 116 -3.14 11.38 -14.86
N GLY A 117 -2.16 12.24 -14.54
CA GLY A 117 -2.43 13.41 -13.73
C GLY A 117 -1.33 14.45 -13.84
N PRO A 118 -1.19 15.27 -12.79
CA PRO A 118 -0.18 16.33 -12.75
C PRO A 118 1.23 15.77 -12.63
N SER A 119 2.00 15.83 -13.71
CA SER A 119 3.36 15.33 -13.72
C SER A 119 4.35 16.43 -13.32
N SER A 120 4.72 16.45 -12.04
CA SER A 120 5.65 17.45 -11.53
C SER A 120 7.00 16.82 -11.19
N GLY A 121 8.05 17.30 -11.84
CA GLY A 121 9.38 16.77 -11.59
C GLY A 121 10.13 17.56 -10.53
N GLY A 1 -17.89 12.07 7.71
CA GLY A 1 -18.54 12.67 6.56
C GLY A 1 -17.53 13.27 5.58
N SER A 2 -18.01 14.21 4.77
CA SER A 2 -17.15 14.85 3.78
C SER A 2 -16.42 13.82 2.92
N SER A 3 -17.15 12.77 2.53
CA SER A 3 -16.58 11.71 1.71
C SER A 3 -15.74 12.28 0.58
N GLY A 4 -14.69 11.56 0.20
CA GLY A 4 -13.82 12.01 -0.87
C GLY A 4 -12.57 12.70 -0.35
N SER A 5 -12.76 13.79 0.39
CA SER A 5 -11.65 14.54 0.95
C SER A 5 -10.64 13.61 1.61
N SER A 6 -11.13 12.71 2.46
CA SER A 6 -10.28 11.77 3.17
C SER A 6 -9.47 10.93 2.18
N GLY A 7 -8.32 10.43 2.63
CA GLY A 7 -7.47 9.62 1.77
C GLY A 7 -7.54 8.15 2.12
N GLU A 8 -7.59 7.84 3.41
CA GLU A 8 -7.66 6.46 3.87
C GLU A 8 -8.59 5.64 3.00
N GLU A 9 -9.85 6.08 2.89
CA GLU A 9 -10.84 5.39 2.08
C GLU A 9 -10.35 5.23 0.64
N GLN A 10 -9.87 6.32 0.06
CA GLN A 10 -9.38 6.31 -1.31
C GLN A 10 -8.40 5.16 -1.52
N ILE A 11 -7.45 5.02 -0.60
CA ILE A 11 -6.45 3.96 -0.67
C ILE A 11 -7.09 2.59 -0.51
N VAL A 12 -7.89 2.44 0.53
CA VAL A 12 -8.57 1.17 0.79
C VAL A 12 -9.32 0.67 -0.44
N THR A 13 -10.17 1.53 -0.99
CA THR A 13 -10.95 1.19 -2.18
C THR A 13 -10.05 1.02 -3.40
N TRP A 14 -8.98 1.81 -3.45
CA TRP A 14 -8.04 1.74 -4.56
C TRP A 14 -7.36 0.38 -4.62
N LEU A 15 -6.82 -0.05 -3.48
CA LEU A 15 -6.13 -1.34 -3.40
C LEU A 15 -7.05 -2.48 -3.84
N ILE A 16 -8.25 -2.52 -3.26
CA ILE A 16 -9.22 -3.56 -3.59
C ILE A 16 -9.56 -3.53 -5.08
N SER A 17 -9.98 -2.37 -5.57
CA SER A 17 -10.33 -2.22 -6.97
C SER A 17 -9.24 -2.80 -7.88
N LEU A 18 -8.00 -2.71 -7.42
CA LEU A 18 -6.87 -3.23 -8.18
C LEU A 18 -6.83 -4.76 -8.13
N GLY A 19 -7.05 -5.32 -6.95
CA GLY A 19 -7.04 -6.76 -6.79
C GLY A 19 -5.98 -7.23 -5.82
N VAL A 20 -5.70 -6.42 -4.80
CA VAL A 20 -4.70 -6.76 -3.80
C VAL A 20 -5.32 -6.85 -2.41
N LEU A 21 -6.38 -6.07 -2.18
CA LEU A 21 -7.06 -6.07 -0.90
C LEU A 21 -8.46 -6.67 -1.01
N GLU A 22 -8.87 -7.39 0.02
CA GLU A 22 -10.19 -8.02 0.02
C GLU A 22 -11.30 -6.97 0.16
N SER A 23 -12.54 -7.40 -0.01
CA SER A 23 -13.68 -6.50 0.09
C SER A 23 -14.69 -7.01 1.10
N PRO A 24 -14.44 -6.70 2.39
CA PRO A 24 -15.32 -7.12 3.49
C PRO A 24 -16.66 -6.39 3.47
N LYS A 25 -17.74 -7.15 3.38
CA LYS A 25 -19.08 -6.58 3.36
C LYS A 25 -19.25 -5.55 4.47
N LYS A 26 -18.84 -5.92 5.67
CA LYS A 26 -18.94 -5.03 6.82
C LYS A 26 -18.44 -3.62 6.47
N THR A 27 -18.64 -2.68 7.40
CA THR A 27 -18.22 -1.30 7.18
C THR A 27 -17.08 -0.93 8.12
N ILE A 28 -15.89 -0.71 7.55
CA ILE A 28 -14.72 -0.35 8.33
C ILE A 28 -14.83 1.09 8.85
N CYS A 29 -15.36 1.23 10.05
CA CYS A 29 -15.53 2.55 10.66
C CYS A 29 -14.17 3.20 10.92
N ASP A 30 -13.19 2.39 11.31
CA ASP A 30 -11.85 2.88 11.58
C ASP A 30 -10.84 2.29 10.60
N PRO A 31 -10.69 2.95 9.45
CA PRO A 31 -9.75 2.51 8.40
C PRO A 31 -8.29 2.68 8.81
N GLU A 32 -8.03 3.72 9.61
CA GLU A 32 -6.67 3.99 10.07
C GLU A 32 -5.99 2.71 10.56
N GLU A 33 -6.66 2.01 11.47
CA GLU A 33 -6.12 0.77 12.02
C GLU A 33 -6.10 -0.34 10.97
N PHE A 34 -7.26 -0.56 10.34
CA PHE A 34 -7.37 -1.58 9.31
C PHE A 34 -6.19 -1.53 8.35
N LEU A 35 -6.07 -0.43 7.62
CA LEU A 35 -4.99 -0.25 6.67
C LEU A 35 -3.65 -0.66 7.27
N LYS A 36 -3.28 -0.01 8.37
CA LYS A 36 -2.03 -0.31 9.06
C LYS A 36 -1.90 -1.81 9.31
N SER A 37 -3.00 -2.45 9.69
CA SER A 37 -3.01 -3.88 9.96
C SER A 37 -2.75 -4.68 8.69
N SER A 38 -3.29 -4.20 7.57
CA SER A 38 -3.13 -4.87 6.29
C SER A 38 -1.72 -4.65 5.74
N LEU A 39 -1.38 -3.39 5.51
CA LEU A 39 -0.05 -3.04 4.98
C LEU A 39 1.05 -3.66 5.84
N LYS A 40 0.85 -3.65 7.16
CA LYS A 40 1.82 -4.21 8.09
C LYS A 40 2.51 -5.42 7.49
N ASN A 41 1.74 -6.49 7.27
CA ASN A 41 2.28 -7.71 6.70
C ASN A 41 3.30 -7.41 5.62
N GLY A 42 2.97 -6.47 4.74
CA GLY A 42 3.88 -6.10 3.67
C GLY A 42 3.50 -6.73 2.35
N VAL A 43 3.04 -7.97 2.39
CA VAL A 43 2.64 -8.69 1.19
C VAL A 43 1.63 -7.89 0.38
N VAL A 44 0.67 -7.29 1.06
CA VAL A 44 -0.36 -6.49 0.41
C VAL A 44 0.27 -5.42 -0.48
N LEU A 45 1.30 -4.76 0.04
CA LEU A 45 1.99 -3.71 -0.71
C LEU A 45 2.69 -4.29 -1.93
N CYS A 46 3.35 -5.43 -1.73
CA CYS A 46 4.08 -6.09 -2.82
C CYS A 46 3.14 -6.39 -3.98
N LYS A 47 1.91 -6.76 -3.67
CA LYS A 47 0.91 -7.09 -4.68
C LYS A 47 0.51 -5.84 -5.45
N LEU A 48 0.50 -4.70 -4.78
CA LEU A 48 0.12 -3.44 -5.41
C LEU A 48 1.11 -3.07 -6.51
N ILE A 49 2.30 -2.63 -6.11
CA ILE A 49 3.33 -2.24 -7.06
C ILE A 49 3.39 -3.23 -8.24
N ASN A 50 3.19 -4.50 -7.94
CA ASN A 50 3.22 -5.54 -8.96
C ASN A 50 2.13 -5.32 -10.00
N ARG A 51 0.93 -4.99 -9.52
CA ARG A 51 -0.20 -4.74 -10.41
C ARG A 51 0.02 -3.49 -11.24
N LEU A 52 0.62 -2.48 -10.63
CA LEU A 52 0.89 -1.22 -11.30
C LEU A 52 1.94 -1.40 -12.40
N MET A 53 3.09 -1.95 -12.01
CA MET A 53 4.18 -2.19 -12.95
C MET A 53 4.48 -3.68 -13.08
N PRO A 54 4.47 -4.18 -14.32
CA PRO A 54 4.75 -5.59 -14.60
C PRO A 54 6.20 -5.96 -14.35
N GLY A 55 6.45 -6.69 -13.27
CA GLY A 55 7.80 -7.10 -12.93
C GLY A 55 8.46 -6.18 -11.92
N SER A 56 7.73 -5.86 -10.86
CA SER A 56 8.24 -4.97 -9.82
C SER A 56 9.00 -5.76 -8.76
N VAL A 57 8.30 -6.65 -8.07
CA VAL A 57 8.92 -7.47 -7.03
C VAL A 57 9.23 -8.86 -7.55
N GLU A 58 10.52 -9.20 -7.58
CA GLU A 58 10.96 -10.51 -8.06
C GLU A 58 10.15 -11.63 -7.40
N LYS A 59 9.99 -11.53 -6.08
CA LYS A 59 9.23 -12.52 -5.33
C LYS A 59 9.07 -12.09 -3.87
N PHE A 60 7.83 -12.08 -3.40
CA PHE A 60 7.54 -11.68 -2.03
C PHE A 60 6.84 -12.82 -1.28
N CYS A 61 6.66 -12.63 0.02
CA CYS A 61 6.01 -13.64 0.86
C CYS A 61 4.50 -13.40 0.93
N LEU A 62 3.75 -14.25 0.24
CA LEU A 62 2.30 -14.14 0.21
C LEU A 62 1.72 -14.29 1.61
N ASP A 63 2.24 -15.25 2.36
CA ASP A 63 1.78 -15.50 3.73
C ASP A 63 2.96 -15.58 4.69
N PRO A 64 3.38 -14.43 5.23
CA PRO A 64 4.49 -14.35 6.17
C PRO A 64 4.15 -14.97 7.53
N GLN A 65 4.60 -16.20 7.74
CA GLN A 65 4.33 -16.90 9.00
C GLN A 65 5.00 -16.19 10.17
N THR A 66 6.18 -15.62 9.90
CA THR A 66 6.93 -14.91 10.93
C THR A 66 7.21 -13.47 10.51
N GLU A 67 7.73 -12.68 11.46
CA GLU A 67 8.04 -11.28 11.18
C GLU A 67 9.04 -11.17 10.03
N ALA A 68 10.15 -11.90 10.15
CA ALA A 68 11.19 -11.88 9.13
C ALA A 68 10.57 -11.89 7.72
N ASP A 69 9.52 -12.68 7.55
CA ASP A 69 8.85 -12.79 6.27
C ASP A 69 8.10 -11.50 5.94
N CYS A 70 7.54 -10.88 6.96
CA CYS A 70 6.80 -9.63 6.79
C CYS A 70 7.72 -8.49 6.39
N ILE A 71 8.71 -8.22 7.22
CA ILE A 71 9.67 -7.15 6.95
C ILE A 71 10.18 -7.23 5.51
N ASN A 72 10.45 -8.45 5.05
CA ASN A 72 10.95 -8.66 3.70
C ASN A 72 9.97 -8.10 2.66
N ASN A 73 8.68 -8.34 2.89
CA ASN A 73 7.66 -7.86 1.98
C ASN A 73 7.68 -6.33 1.88
N ILE A 74 7.69 -5.68 3.04
CA ILE A 74 7.71 -4.22 3.09
C ILE A 74 8.93 -3.66 2.37
N ASN A 75 10.11 -3.99 2.88
CA ASN A 75 11.36 -3.51 2.28
C ASN A 75 11.36 -3.77 0.78
N ASP A 76 10.85 -4.94 0.37
CA ASP A 76 10.80 -5.30 -1.03
C ASP A 76 9.96 -4.30 -1.83
N PHE A 77 8.68 -4.19 -1.47
CA PHE A 77 7.78 -3.27 -2.15
C PHE A 77 8.47 -1.94 -2.45
N LEU A 78 9.27 -1.47 -1.51
CA LEU A 78 9.99 -0.22 -1.66
C LEU A 78 10.84 -0.23 -2.94
N LYS A 79 11.49 -1.36 -3.20
CA LYS A 79 12.33 -1.50 -4.38
C LYS A 79 11.69 -0.81 -5.58
N GLY A 80 10.39 -1.03 -5.77
CA GLY A 80 9.69 -0.41 -6.88
C GLY A 80 9.30 1.02 -6.60
N CYS A 81 9.00 1.31 -5.34
CA CYS A 81 8.61 2.66 -4.93
C CYS A 81 9.63 3.69 -5.40
N ALA A 82 10.92 3.32 -5.34
CA ALA A 82 11.99 4.20 -5.75
C ALA A 82 11.79 4.66 -7.19
N THR A 83 11.34 3.75 -8.04
CA THR A 83 11.12 4.07 -9.45
C THR A 83 10.24 5.31 -9.60
N LEU A 84 9.24 5.42 -8.75
CA LEU A 84 8.32 6.57 -8.79
C LEU A 84 8.97 7.79 -8.15
N GLN A 85 10.07 7.58 -7.44
CA GLN A 85 10.77 8.67 -6.78
C GLN A 85 9.81 9.53 -5.97
N VAL A 86 9.04 8.89 -5.11
CA VAL A 86 8.07 9.59 -4.27
C VAL A 86 8.35 9.37 -2.79
N GLU A 87 7.57 10.00 -1.93
CA GLU A 87 7.73 9.86 -0.50
C GLU A 87 7.68 8.39 -0.08
N ILE A 88 8.66 7.98 0.72
CA ILE A 88 8.72 6.60 1.20
C ILE A 88 8.76 6.53 2.72
N PHE A 89 8.89 5.33 3.25
CA PHE A 89 8.93 5.13 4.70
C PHE A 89 9.83 3.94 5.05
N ASP A 90 9.91 3.64 6.34
CA ASP A 90 10.73 2.53 6.81
C ASP A 90 9.87 1.32 7.15
N PRO A 91 10.49 0.14 7.18
CA PRO A 91 9.79 -1.11 7.49
C PRO A 91 9.37 -1.20 8.95
N ASP A 92 9.85 -0.25 9.75
CA ASP A 92 9.52 -0.21 11.17
C ASP A 92 8.33 0.71 11.43
N ASP A 93 8.25 1.79 10.66
CA ASP A 93 7.17 2.75 10.81
C ASP A 93 5.83 2.11 10.48
N LEU A 94 5.80 1.31 9.42
CA LEU A 94 4.58 0.64 9.00
C LEU A 94 4.23 -0.51 9.95
N TYR A 95 5.18 -1.44 10.10
CA TYR A 95 4.98 -2.59 10.97
C TYR A 95 4.53 -2.15 12.37
N SER A 96 5.35 -1.30 12.99
CA SER A 96 5.04 -0.80 14.33
C SER A 96 3.90 0.21 14.29
N GLY A 97 3.97 1.14 13.35
CA GLY A 97 2.93 2.14 13.22
C GLY A 97 3.27 3.43 13.92
N VAL A 98 4.51 3.90 13.72
CA VAL A 98 4.97 5.14 14.35
C VAL A 98 4.60 6.34 13.51
N ASN A 99 4.97 6.32 12.23
CA ASN A 99 4.68 7.42 11.33
C ASN A 99 3.84 6.94 10.15
N PHE A 100 2.80 6.18 10.44
CA PHE A 100 1.92 5.65 9.41
C PHE A 100 1.57 6.73 8.39
N SER A 101 1.29 7.93 8.87
CA SER A 101 0.93 9.06 8.01
C SER A 101 1.76 9.02 6.73
N LYS A 102 3.04 8.68 6.86
CA LYS A 102 3.94 8.62 5.71
C LYS A 102 3.48 7.54 4.73
N VAL A 103 3.24 6.34 5.25
CA VAL A 103 2.79 5.23 4.42
C VAL A 103 1.61 5.62 3.55
N LEU A 104 0.63 6.30 4.16
CA LEU A 104 -0.56 6.74 3.45
C LEU A 104 -0.19 7.66 2.29
N SER A 105 0.59 8.69 2.60
CA SER A 105 1.01 9.66 1.58
C SER A 105 1.82 8.97 0.49
N THR A 106 2.62 7.99 0.89
CA THR A 106 3.46 7.26 -0.06
C THR A 106 2.61 6.60 -1.15
N LEU A 107 1.61 5.84 -0.73
CA LEU A 107 0.72 5.17 -1.67
C LEU A 107 -0.07 6.17 -2.49
N LEU A 108 -0.37 7.31 -1.89
CA LEU A 108 -1.12 8.36 -2.58
C LEU A 108 -0.36 8.88 -3.79
N ALA A 109 0.92 9.22 -3.58
CA ALA A 109 1.76 9.73 -4.65
C ALA A 109 1.87 8.72 -5.78
N VAL A 110 2.03 7.44 -5.42
CA VAL A 110 2.17 6.38 -6.41
C VAL A 110 0.98 6.36 -7.36
N ASN A 111 -0.23 6.29 -6.81
CA ASN A 111 -1.44 6.28 -7.60
C ASN A 111 -1.44 7.40 -8.64
N LYS A 112 -1.10 8.61 -8.19
CA LYS A 112 -1.05 9.77 -9.07
C LYS A 112 -0.16 9.50 -10.27
N ALA A 113 0.97 8.84 -10.03
CA ALA A 113 1.92 8.51 -11.09
C ALA A 113 1.34 7.45 -12.03
N THR A 114 0.64 6.48 -11.45
CA THR A 114 0.05 5.40 -12.23
C THR A 114 -1.37 5.76 -12.67
N GLU A 115 -1.68 7.05 -12.64
CA GLU A 115 -3.00 7.53 -13.02
C GLU A 115 -3.26 7.26 -14.51
N SER A 116 -4.51 6.92 -14.83
CA SER A 116 -4.88 6.62 -16.21
C SER A 116 -3.90 5.65 -16.85
N GLY A 117 -3.54 4.61 -16.11
CA GLY A 117 -2.60 3.62 -16.62
C GLY A 117 -3.28 2.29 -16.94
N PRO A 118 -3.79 2.16 -18.16
CA PRO A 118 -4.47 0.94 -18.61
C PRO A 118 -3.51 -0.23 -18.79
N SER A 119 -3.58 -1.18 -17.87
CA SER A 119 -2.70 -2.36 -17.92
C SER A 119 -3.04 -3.23 -19.13
N SER A 120 -4.31 -3.57 -19.27
CA SER A 120 -4.76 -4.39 -20.38
C SER A 120 -4.99 -3.56 -21.64
N GLY A 121 -4.15 -3.76 -22.64
CA GLY A 121 -4.27 -3.02 -23.87
C GLY A 121 -4.06 -3.88 -25.11
N GLY A 1 -18.85 7.46 0.36
CA GLY A 1 -17.72 8.32 0.06
C GLY A 1 -17.94 9.75 0.54
N SER A 2 -17.57 10.01 1.79
CA SER A 2 -17.74 11.34 2.36
C SER A 2 -16.70 12.31 1.81
N SER A 3 -17.18 13.40 1.22
CA SER A 3 -16.29 14.41 0.65
C SER A 3 -15.19 14.81 1.63
N GLY A 4 -14.09 15.33 1.11
CA GLY A 4 -12.99 15.74 1.95
C GLY A 4 -12.32 14.56 2.63
N SER A 5 -12.12 13.48 1.89
CA SER A 5 -11.48 12.29 2.43
C SER A 5 -9.98 12.48 2.58
N SER A 6 -9.47 12.20 3.77
CA SER A 6 -8.04 12.35 4.04
C SER A 6 -7.21 11.53 3.06
N GLY A 7 -7.52 10.24 2.96
CA GLY A 7 -6.79 9.38 2.05
C GLY A 7 -6.99 7.91 2.38
N GLU A 8 -7.07 7.59 3.67
CA GLU A 8 -7.26 6.21 4.10
C GLU A 8 -8.27 5.49 3.21
N GLU A 9 -9.50 5.99 3.21
CA GLU A 9 -10.57 5.40 2.41
C GLU A 9 -10.16 5.32 0.94
N GLN A 10 -9.65 6.44 0.42
CA GLN A 10 -9.24 6.50 -0.98
C GLN A 10 -8.34 5.32 -1.33
N ILE A 11 -7.41 5.00 -0.45
CA ILE A 11 -6.49 3.89 -0.66
C ILE A 11 -7.22 2.55 -0.57
N VAL A 12 -8.03 2.40 0.48
CA VAL A 12 -8.79 1.17 0.69
C VAL A 12 -9.52 0.76 -0.59
N THR A 13 -10.37 1.65 -1.10
CA THR A 13 -11.14 1.37 -2.30
C THR A 13 -10.21 1.19 -3.51
N TRP A 14 -9.13 1.96 -3.54
CA TRP A 14 -8.18 1.88 -4.64
C TRP A 14 -7.60 0.48 -4.74
N LEU A 15 -6.88 0.05 -3.71
CA LEU A 15 -6.27 -1.27 -3.69
C LEU A 15 -7.25 -2.34 -4.15
N ILE A 16 -8.33 -2.52 -3.39
CA ILE A 16 -9.35 -3.49 -3.72
C ILE A 16 -9.76 -3.38 -5.18
N SER A 17 -10.17 -2.18 -5.58
CA SER A 17 -10.60 -1.95 -6.96
C SER A 17 -9.67 -2.64 -7.95
N LEU A 18 -8.37 -2.52 -7.70
CA LEU A 18 -7.37 -3.14 -8.58
C LEU A 18 -7.41 -4.66 -8.46
N GLY A 19 -7.53 -5.14 -7.23
CA GLY A 19 -7.59 -6.58 -7.00
C GLY A 19 -6.39 -7.08 -6.23
N VAL A 20 -5.96 -6.33 -5.23
CA VAL A 20 -4.81 -6.71 -4.41
C VAL A 20 -5.18 -6.77 -2.94
N LEU A 21 -6.21 -6.01 -2.56
CA LEU A 21 -6.66 -5.98 -1.17
C LEU A 21 -8.03 -6.65 -1.03
N GLU A 22 -8.23 -7.36 0.07
CA GLU A 22 -9.49 -8.04 0.33
C GLU A 22 -10.64 -7.05 0.41
N SER A 23 -11.83 -7.49 -0.01
CA SER A 23 -13.01 -6.63 0.01
C SER A 23 -13.98 -7.06 1.11
N PRO A 24 -13.68 -6.63 2.35
CA PRO A 24 -14.52 -6.95 3.51
C PRO A 24 -15.87 -6.25 3.47
N LYS A 25 -16.74 -6.62 4.41
CA LYS A 25 -18.07 -6.03 4.48
C LYS A 25 -18.22 -5.19 5.75
N LYS A 26 -17.98 -5.81 6.90
CA LYS A 26 -18.09 -5.12 8.18
C LYS A 26 -17.65 -3.66 8.05
N THR A 27 -18.55 -2.75 8.41
CA THR A 27 -18.26 -1.32 8.33
C THR A 27 -16.83 -1.03 8.79
N ILE A 28 -16.02 -0.51 7.88
CA ILE A 28 -14.64 -0.19 8.18
C ILE A 28 -14.52 1.19 8.85
N CYS A 29 -15.50 1.49 9.70
CA CYS A 29 -15.51 2.77 10.41
C CYS A 29 -14.10 3.25 10.70
N ASP A 30 -13.25 2.35 11.18
CA ASP A 30 -11.87 2.68 11.49
C ASP A 30 -10.92 2.06 10.47
N PRO A 31 -10.75 2.73 9.32
CA PRO A 31 -9.88 2.26 8.24
C PRO A 31 -8.40 2.37 8.62
N GLU A 32 -8.07 3.36 9.43
CA GLU A 32 -6.69 3.57 9.86
C GLU A 32 -6.08 2.26 10.35
N GLU A 33 -6.84 1.52 11.15
CA GLU A 33 -6.36 0.25 11.69
C GLU A 33 -6.42 -0.84 10.62
N PHE A 34 -7.55 -0.95 9.94
CA PHE A 34 -7.72 -1.95 8.90
C PHE A 34 -6.55 -1.95 7.93
N LEU A 35 -6.21 -0.77 7.43
CA LEU A 35 -5.10 -0.63 6.49
C LEU A 35 -3.78 -0.99 7.16
N LYS A 36 -3.42 -0.26 8.20
CA LYS A 36 -2.18 -0.50 8.93
C LYS A 36 -1.97 -2.01 9.15
N SER A 37 -3.03 -2.69 9.56
CA SER A 37 -2.96 -4.13 9.82
C SER A 37 -2.57 -4.88 8.54
N SER A 38 -3.06 -4.40 7.41
CA SER A 38 -2.77 -5.02 6.12
C SER A 38 -1.37 -4.67 5.66
N LEU A 39 -1.11 -3.38 5.49
CA LEU A 39 0.18 -2.90 5.04
C LEU A 39 1.29 -3.35 5.98
N LYS A 40 0.96 -3.44 7.26
CA LYS A 40 1.92 -3.86 8.28
C LYS A 40 2.86 -4.93 7.72
N ASN A 41 2.31 -6.10 7.40
CA ASN A 41 3.09 -7.19 6.86
C ASN A 41 3.95 -6.73 5.68
N GLY A 42 3.29 -6.13 4.69
CA GLY A 42 4.01 -5.65 3.52
C GLY A 42 3.62 -6.39 2.26
N VAL A 43 3.00 -7.55 2.42
CA VAL A 43 2.58 -8.37 1.29
C VAL A 43 1.58 -7.62 0.43
N VAL A 44 0.75 -6.81 1.06
CA VAL A 44 -0.27 -6.03 0.35
C VAL A 44 0.38 -5.03 -0.61
N LEU A 45 1.42 -4.37 -0.15
CA LEU A 45 2.12 -3.39 -0.96
C LEU A 45 2.86 -4.06 -2.11
N CYS A 46 3.35 -5.27 -1.87
CA CYS A 46 4.07 -6.03 -2.88
C CYS A 46 3.15 -6.40 -4.04
N LYS A 47 1.91 -6.74 -3.71
CA LYS A 47 0.93 -7.12 -4.72
C LYS A 47 0.47 -5.90 -5.51
N LEU A 48 0.59 -4.72 -4.91
CA LEU A 48 0.19 -3.49 -5.56
C LEU A 48 1.21 -3.07 -6.62
N ILE A 49 2.37 -2.62 -6.17
CA ILE A 49 3.43 -2.19 -7.07
C ILE A 49 3.58 -3.17 -8.23
N ASN A 50 3.23 -4.42 -8.00
CA ASN A 50 3.31 -5.46 -9.02
C ASN A 50 2.28 -5.23 -10.12
N ARG A 51 1.08 -4.84 -9.72
CA ARG A 51 0.00 -4.58 -10.67
C ARG A 51 0.27 -3.33 -11.48
N LEU A 52 0.91 -2.34 -10.84
CA LEU A 52 1.22 -1.09 -11.50
C LEU A 52 2.33 -1.29 -12.55
N MET A 53 3.43 -1.90 -12.12
CA MET A 53 4.56 -2.15 -13.01
C MET A 53 4.82 -3.65 -13.14
N PRO A 54 4.94 -4.12 -14.40
CA PRO A 54 5.19 -5.53 -14.69
C PRO A 54 6.60 -5.96 -14.28
N GLY A 55 6.73 -6.51 -13.07
CA GLY A 55 8.02 -6.96 -12.59
C GLY A 55 8.58 -6.04 -11.52
N SER A 56 7.78 -5.76 -10.50
CA SER A 56 8.20 -4.89 -9.40
C SER A 56 8.91 -5.69 -8.31
N VAL A 57 8.23 -6.72 -7.83
CA VAL A 57 8.79 -7.56 -6.77
C VAL A 57 9.04 -8.98 -7.28
N GLU A 58 10.26 -9.46 -7.08
CA GLU A 58 10.63 -10.80 -7.52
C GLU A 58 9.76 -11.86 -6.84
N LYS A 59 9.93 -11.99 -5.52
CA LYS A 59 9.16 -12.97 -4.75
C LYS A 59 9.03 -12.52 -3.30
N PHE A 60 7.80 -12.23 -2.89
CA PHE A 60 7.53 -11.79 -1.52
C PHE A 60 6.82 -12.89 -0.73
N CYS A 61 6.50 -12.59 0.53
CA CYS A 61 5.82 -13.54 1.39
C CYS A 61 4.33 -13.25 1.46
N LEU A 62 3.55 -14.06 0.75
CA LEU A 62 2.10 -13.90 0.73
C LEU A 62 1.52 -13.97 2.15
N ASP A 63 1.93 -14.97 2.91
CA ASP A 63 1.46 -15.14 4.26
C ASP A 63 2.62 -15.34 5.22
N PRO A 64 3.22 -14.23 5.69
CA PRO A 64 4.36 -14.26 6.61
C PRO A 64 3.95 -14.74 8.00
N GLN A 65 4.39 -15.93 8.37
CA GLN A 65 4.08 -16.50 9.67
C GLN A 65 4.90 -15.83 10.77
N THR A 66 6.05 -15.30 10.40
CA THR A 66 6.93 -14.63 11.35
C THR A 66 7.26 -13.21 10.89
N GLU A 67 7.87 -12.42 11.78
CA GLU A 67 8.23 -11.05 11.47
C GLU A 67 9.20 -10.99 10.29
N ALA A 68 10.30 -11.72 10.41
CA ALA A 68 11.31 -11.76 9.35
C ALA A 68 10.66 -11.86 7.97
N ASP A 69 9.56 -12.60 7.89
CA ASP A 69 8.84 -12.77 6.63
C ASP A 69 8.12 -11.47 6.23
N CYS A 70 7.59 -10.77 7.23
CA CYS A 70 6.87 -9.53 6.98
C CYS A 70 7.83 -8.45 6.48
N ILE A 71 8.85 -8.14 7.27
CA ILE A 71 9.83 -7.13 6.90
C ILE A 71 10.25 -7.29 5.44
N ASN A 72 10.45 -8.53 5.02
CA ASN A 72 10.86 -8.81 3.65
C ASN A 72 9.89 -8.17 2.65
N ASN A 73 8.59 -8.38 2.88
CA ASN A 73 7.57 -7.83 2.01
C ASN A 73 7.68 -6.30 1.91
N ILE A 74 7.59 -5.65 3.06
CA ILE A 74 7.70 -4.20 3.10
C ILE A 74 8.87 -3.70 2.27
N ASN A 75 10.06 -4.22 2.58
CA ASN A 75 11.27 -3.83 1.85
C ASN A 75 11.10 -4.05 0.35
N ASP A 76 10.57 -5.21 -0.01
CA ASP A 76 10.36 -5.54 -1.42
C ASP A 76 9.56 -4.45 -2.12
N PHE A 77 8.43 -4.08 -1.52
CA PHE A 77 7.57 -3.05 -2.09
C PHE A 77 8.37 -1.80 -2.44
N LEU A 78 9.23 -1.38 -1.52
CA LEU A 78 10.07 -0.20 -1.73
C LEU A 78 10.88 -0.33 -3.01
N LYS A 79 11.52 -1.49 -3.18
CA LYS A 79 12.34 -1.75 -4.36
C LYS A 79 11.73 -1.11 -5.60
N GLY A 80 10.40 -1.16 -5.69
CA GLY A 80 9.71 -0.59 -6.82
C GLY A 80 9.40 0.89 -6.64
N CYS A 81 9.00 1.25 -5.42
CA CYS A 81 8.68 2.64 -5.12
C CYS A 81 9.76 3.58 -5.62
N ALA A 82 11.02 3.20 -5.40
CA ALA A 82 12.15 4.00 -5.83
C ALA A 82 11.98 4.46 -7.28
N THR A 83 11.64 3.52 -8.16
CA THR A 83 11.45 3.83 -9.57
C THR A 83 10.48 5.00 -9.75
N LEU A 84 9.40 4.99 -8.98
CA LEU A 84 8.40 6.05 -9.07
C LEU A 84 8.98 7.37 -8.58
N GLN A 85 10.01 7.29 -7.74
CA GLN A 85 10.65 8.50 -7.22
C GLN A 85 9.66 9.33 -6.42
N VAL A 86 8.92 8.67 -5.52
CA VAL A 86 7.94 9.36 -4.69
C VAL A 86 8.24 9.17 -3.21
N GLU A 87 7.41 9.76 -2.36
CA GLU A 87 7.60 9.65 -0.91
C GLU A 87 7.74 8.20 -0.50
N ILE A 88 8.50 7.96 0.56
CA ILE A 88 8.72 6.61 1.08
C ILE A 88 8.74 6.59 2.60
N PHE A 89 8.91 5.40 3.17
CA PHE A 89 8.95 5.24 4.61
C PHE A 89 9.89 4.11 5.02
N ASP A 90 9.99 3.86 6.32
CA ASP A 90 10.85 2.80 6.83
C ASP A 90 10.04 1.55 7.15
N PRO A 91 10.73 0.40 7.19
CA PRO A 91 10.09 -0.89 7.48
C PRO A 91 9.63 -0.99 8.93
N ASP A 92 10.02 -0.02 9.74
CA ASP A 92 9.64 0.00 11.15
C ASP A 92 8.38 0.83 11.36
N ASP A 93 8.33 2.00 10.72
CA ASP A 93 7.19 2.88 10.83
C ASP A 93 5.89 2.16 10.49
N LEU A 94 5.92 1.38 9.42
CA LEU A 94 4.75 0.64 8.97
C LEU A 94 4.53 -0.60 9.85
N TYR A 95 5.50 -1.50 9.84
CA TYR A 95 5.42 -2.73 10.62
C TYR A 95 4.97 -2.43 12.05
N SER A 96 5.76 -1.61 12.76
CA SER A 96 5.44 -1.25 14.13
C SER A 96 4.16 -0.41 14.20
N GLY A 97 4.13 0.66 13.40
CA GLY A 97 2.95 1.52 13.38
C GLY A 97 3.18 2.81 14.14
N VAL A 98 4.37 3.38 14.00
CA VAL A 98 4.70 4.63 14.68
C VAL A 98 4.23 5.84 13.88
N ASN A 99 4.73 5.97 12.65
CA ASN A 99 4.35 7.08 11.78
C ASN A 99 3.65 6.57 10.52
N PHE A 100 2.36 6.30 10.64
CA PHE A 100 1.58 5.81 9.51
C PHE A 100 1.32 6.92 8.50
N SER A 101 1.01 8.11 9.01
CA SER A 101 0.73 9.26 8.14
C SER A 101 1.62 9.22 6.90
N LYS A 102 2.89 8.87 7.09
CA LYS A 102 3.83 8.79 5.98
C LYS A 102 3.45 7.69 5.01
N VAL A 103 3.32 6.47 5.52
CA VAL A 103 2.94 5.33 4.70
C VAL A 103 1.80 5.68 3.75
N LEU A 104 0.71 6.19 4.33
CA LEU A 104 -0.46 6.58 3.55
C LEU A 104 -0.07 7.48 2.38
N SER A 105 0.67 8.54 2.69
CA SER A 105 1.12 9.49 1.68
C SER A 105 1.88 8.77 0.56
N THR A 106 2.91 8.02 0.94
CA THR A 106 3.71 7.29 -0.03
C THR A 106 2.84 6.68 -1.12
N LEU A 107 1.79 5.99 -0.70
CA LEU A 107 0.87 5.35 -1.64
C LEU A 107 0.09 6.39 -2.43
N LEU A 108 -0.45 7.38 -1.72
CA LEU A 108 -1.22 8.45 -2.36
C LEU A 108 -0.52 8.95 -3.62
N ALA A 109 0.77 9.22 -3.51
CA ALA A 109 1.55 9.69 -4.64
C ALA A 109 1.57 8.66 -5.77
N VAL A 110 1.86 7.42 -5.42
CA VAL A 110 1.92 6.34 -6.40
C VAL A 110 0.64 6.30 -7.25
N ASN A 111 -0.49 6.18 -6.57
CA ASN A 111 -1.78 6.12 -7.26
C ASN A 111 -1.91 7.25 -8.27
N LYS A 112 -1.58 8.47 -7.84
CA LYS A 112 -1.65 9.63 -8.72
C LYS A 112 -0.70 9.48 -9.91
N ALA A 113 0.55 9.16 -9.63
CA ALA A 113 1.55 8.99 -10.67
C ALA A 113 1.09 7.96 -11.70
N THR A 114 0.64 6.80 -11.22
CA THR A 114 0.17 5.74 -12.09
C THR A 114 -0.99 6.21 -12.96
N GLU A 115 -1.93 6.92 -12.35
CA GLU A 115 -3.09 7.43 -13.06
C GLU A 115 -2.67 8.23 -14.28
N SER A 116 -3.65 8.71 -15.04
CA SER A 116 -3.38 9.49 -16.25
C SER A 116 -2.46 8.71 -17.19
N GLY A 117 -2.70 7.42 -17.33
CA GLY A 117 -1.89 6.60 -18.21
C GLY A 117 -2.68 6.05 -19.39
N PRO A 118 -1.98 5.36 -20.30
CA PRO A 118 -2.59 4.77 -21.49
C PRO A 118 -3.52 3.62 -21.16
N SER A 119 -4.09 3.00 -22.20
CA SER A 119 -5.01 1.88 -22.01
C SER A 119 -4.50 0.94 -20.92
N SER A 120 -5.33 0.69 -19.92
CA SER A 120 -4.96 -0.19 -18.82
C SER A 120 -4.82 -1.63 -19.30
N GLY A 121 -3.64 -2.20 -19.09
CA GLY A 121 -3.40 -3.58 -19.50
C GLY A 121 -1.97 -3.79 -19.96
N GLY A 1 -17.63 2.47 -0.19
CA GLY A 1 -16.99 2.75 -1.46
C GLY A 1 -17.64 3.90 -2.21
N SER A 2 -17.34 5.12 -1.78
CA SER A 2 -17.90 6.31 -2.41
C SER A 2 -16.89 7.43 -2.45
N SER A 3 -17.17 8.46 -3.26
CA SER A 3 -16.27 9.60 -3.39
C SER A 3 -16.37 10.50 -2.16
N GLY A 4 -15.24 10.68 -1.49
CA GLY A 4 -15.21 11.53 -0.31
C GLY A 4 -14.05 12.49 -0.31
N SER A 5 -13.34 12.57 0.81
CA SER A 5 -12.20 13.47 0.94
C SER A 5 -11.00 12.74 1.55
N SER A 6 -11.22 12.12 2.70
CA SER A 6 -10.15 11.39 3.39
C SER A 6 -9.41 10.47 2.42
N GLY A 7 -8.13 10.27 2.67
CA GLY A 7 -7.33 9.41 1.82
C GLY A 7 -7.41 7.95 2.23
N GLU A 8 -7.39 7.70 3.54
CA GLU A 8 -7.46 6.34 4.06
C GLU A 8 -8.40 5.48 3.22
N GLU A 9 -9.63 5.96 3.06
CA GLU A 9 -10.63 5.23 2.28
C GLU A 9 -10.17 5.04 0.84
N GLN A 10 -9.70 6.12 0.22
CA GLN A 10 -9.22 6.07 -1.14
C GLN A 10 -8.27 4.90 -1.36
N ILE A 11 -7.33 4.73 -0.44
CA ILE A 11 -6.37 3.65 -0.52
C ILE A 11 -7.04 2.30 -0.39
N VAL A 12 -7.88 2.15 0.64
CA VAL A 12 -8.59 0.90 0.87
C VAL A 12 -9.32 0.45 -0.39
N THR A 13 -10.22 1.29 -0.89
CA THR A 13 -10.98 0.97 -2.09
C THR A 13 -10.07 0.85 -3.30
N TRP A 14 -8.99 1.62 -3.31
CA TRP A 14 -8.04 1.61 -4.42
C TRP A 14 -7.42 0.23 -4.57
N LEU A 15 -6.76 -0.24 -3.52
CA LEU A 15 -6.12 -1.55 -3.54
C LEU A 15 -7.07 -2.62 -4.05
N ILE A 16 -8.19 -2.80 -3.35
CA ILE A 16 -9.18 -3.79 -3.74
C ILE A 16 -9.52 -3.68 -5.22
N SER A 17 -9.97 -2.50 -5.64
CA SER A 17 -10.33 -2.26 -7.02
C SER A 17 -9.29 -2.86 -7.97
N LEU A 18 -8.02 -2.60 -7.69
CA LEU A 18 -6.92 -3.11 -8.50
C LEU A 18 -6.94 -4.63 -8.54
N GLY A 19 -7.18 -5.25 -7.38
CA GLY A 19 -7.22 -6.70 -7.30
C GLY A 19 -6.11 -7.26 -6.43
N VAL A 20 -5.82 -6.57 -5.33
CA VAL A 20 -4.78 -7.00 -4.41
C VAL A 20 -5.34 -7.24 -3.01
N LEU A 21 -6.20 -6.33 -2.57
CA LEU A 21 -6.81 -6.43 -1.25
C LEU A 21 -8.21 -7.06 -1.34
N GLU A 22 -8.53 -7.91 -0.37
CA GLU A 22 -9.83 -8.57 -0.34
C GLU A 22 -10.95 -7.56 -0.06
N SER A 23 -12.16 -7.90 -0.48
CA SER A 23 -13.31 -7.02 -0.28
C SER A 23 -14.26 -7.62 0.76
N PRO A 24 -14.10 -7.20 2.02
CA PRO A 24 -14.94 -7.67 3.13
C PRO A 24 -16.36 -7.15 3.03
N LYS A 25 -17.32 -7.99 3.42
CA LYS A 25 -18.73 -7.61 3.39
C LYS A 25 -19.11 -6.81 4.63
N LYS A 26 -18.30 -5.81 4.95
CA LYS A 26 -18.55 -4.96 6.11
C LYS A 26 -18.10 -3.53 5.85
N THR A 27 -18.33 -2.66 6.82
CA THR A 27 -17.95 -1.25 6.69
C THR A 27 -16.84 -0.90 7.66
N ILE A 28 -15.65 -0.60 7.12
CA ILE A 28 -14.51 -0.24 7.94
C ILE A 28 -14.60 1.21 8.39
N CYS A 29 -15.22 1.44 9.54
CA CYS A 29 -15.37 2.78 10.09
C CYS A 29 -14.02 3.42 10.34
N ASP A 30 -13.10 2.64 10.90
CA ASP A 30 -11.76 3.14 11.19
C ASP A 30 -10.73 2.47 10.29
N PRO A 31 -10.58 2.99 9.06
CA PRO A 31 -9.64 2.47 8.08
C PRO A 31 -8.18 2.74 8.46
N GLU A 32 -7.99 3.67 9.40
CA GLU A 32 -6.66 4.02 9.86
C GLU A 32 -5.94 2.81 10.44
N GLU A 33 -6.65 2.04 11.25
CA GLU A 33 -6.09 0.85 11.88
C GLU A 33 -6.10 -0.32 10.91
N PHE A 34 -7.24 -0.53 10.25
CA PHE A 34 -7.38 -1.62 9.30
C PHE A 34 -6.24 -1.61 8.28
N LEU A 35 -6.01 -0.46 7.65
CA LEU A 35 -4.95 -0.32 6.67
C LEU A 35 -3.61 -0.76 7.25
N LYS A 36 -3.19 -0.10 8.32
CA LYS A 36 -1.93 -0.43 8.98
C LYS A 36 -1.78 -1.93 9.17
N SER A 37 -2.85 -2.58 9.60
CA SER A 37 -2.85 -4.02 9.83
C SER A 37 -2.56 -4.77 8.53
N SER A 38 -3.06 -4.24 7.43
CA SER A 38 -2.85 -4.86 6.12
C SER A 38 -1.46 -4.56 5.59
N LEU A 39 -1.17 -3.27 5.40
CA LEU A 39 0.13 -2.85 4.89
C LEU A 39 1.25 -3.41 5.76
N LYS A 40 1.01 -3.51 7.06
CA LYS A 40 2.01 -4.03 7.99
C LYS A 40 2.67 -5.29 7.42
N ASN A 41 1.85 -6.28 7.10
CA ASN A 41 2.35 -7.53 6.54
C ASN A 41 3.35 -7.27 5.41
N GLY A 42 3.02 -6.31 4.55
CA GLY A 42 3.90 -5.98 3.45
C GLY A 42 3.53 -6.73 2.17
N VAL A 43 2.95 -7.91 2.34
CA VAL A 43 2.55 -8.73 1.19
C VAL A 43 1.51 -8.00 0.34
N VAL A 44 0.67 -7.21 0.99
CA VAL A 44 -0.37 -6.46 0.29
C VAL A 44 0.23 -5.37 -0.58
N LEU A 45 1.31 -4.75 -0.09
CA LEU A 45 1.98 -3.69 -0.83
C LEU A 45 2.76 -4.25 -2.00
N CYS A 46 3.35 -5.42 -1.82
CA CYS A 46 4.13 -6.06 -2.87
C CYS A 46 3.25 -6.34 -4.09
N LYS A 47 2.06 -6.88 -3.87
CA LYS A 47 1.13 -7.19 -4.94
C LYS A 47 0.65 -5.91 -5.63
N LEU A 48 0.61 -4.82 -4.87
CA LEU A 48 0.18 -3.53 -5.40
C LEU A 48 1.13 -3.03 -6.48
N ILE A 49 2.37 -2.78 -6.09
CA ILE A 49 3.38 -2.30 -7.03
C ILE A 49 3.47 -3.20 -8.26
N ASN A 50 3.15 -4.48 -8.06
CA ASN A 50 3.18 -5.45 -9.15
C ASN A 50 2.09 -5.16 -10.17
N ARG A 51 0.89 -4.86 -9.67
CA ARG A 51 -0.24 -4.57 -10.54
C ARG A 51 -0.03 -3.26 -11.29
N LEU A 52 0.65 -2.32 -10.64
CA LEU A 52 0.92 -1.02 -11.25
C LEU A 52 2.00 -1.13 -12.32
N MET A 53 3.14 -1.72 -11.95
CA MET A 53 4.24 -1.88 -12.89
C MET A 53 4.58 -3.36 -13.07
N PRO A 54 4.75 -3.78 -14.33
CA PRO A 54 5.08 -5.17 -14.68
C PRO A 54 6.49 -5.54 -14.26
N GLY A 55 6.59 -6.40 -13.24
CA GLY A 55 7.89 -6.83 -12.76
C GLY A 55 8.47 -5.89 -11.72
N SER A 56 7.73 -5.67 -10.65
CA SER A 56 8.17 -4.77 -9.58
C SER A 56 8.91 -5.55 -8.50
N VAL A 57 8.30 -6.61 -8.01
CA VAL A 57 8.91 -7.43 -6.98
C VAL A 57 9.42 -8.75 -7.54
N GLU A 58 10.57 -9.20 -7.07
CA GLU A 58 11.16 -10.45 -7.53
C GLU A 58 10.51 -11.65 -6.84
N LYS A 59 10.38 -11.57 -5.53
CA LYS A 59 9.79 -12.65 -4.75
C LYS A 59 9.46 -12.19 -3.33
N PHE A 60 8.19 -12.24 -2.97
CA PHE A 60 7.75 -11.84 -1.65
C PHE A 60 7.07 -12.99 -0.92
N CYS A 61 6.57 -12.70 0.29
CA CYS A 61 5.90 -13.71 1.09
C CYS A 61 4.38 -13.50 1.08
N LEU A 62 3.65 -14.49 0.58
CA LEU A 62 2.20 -14.41 0.52
C LEU A 62 1.58 -14.43 1.92
N ASP A 63 2.05 -15.35 2.75
CA ASP A 63 1.56 -15.48 4.12
C ASP A 63 2.71 -15.53 5.10
N PRO A 64 3.15 -14.34 5.56
CA PRO A 64 4.26 -14.24 6.52
C PRO A 64 3.87 -14.73 7.91
N GLN A 65 4.29 -15.95 8.24
CA GLN A 65 3.99 -16.55 9.53
C GLN A 65 4.72 -15.82 10.65
N THR A 66 5.91 -15.31 10.34
CA THR A 66 6.71 -14.59 11.33
C THR A 66 7.07 -13.20 10.82
N GLU A 67 7.64 -12.39 11.70
CA GLU A 67 8.04 -11.02 11.35
C GLU A 67 9.03 -11.02 10.20
N ALA A 68 10.13 -11.75 10.37
CA ALA A 68 11.16 -11.85 9.35
C ALA A 68 10.55 -11.93 7.96
N ASP A 69 9.42 -12.62 7.85
CA ASP A 69 8.72 -12.76 6.58
C ASP A 69 8.03 -11.47 6.17
N CYS A 70 7.46 -10.77 7.16
CA CYS A 70 6.76 -9.52 6.92
C CYS A 70 7.74 -8.45 6.43
N ILE A 71 8.76 -8.19 7.24
CA ILE A 71 9.76 -7.18 6.89
C ILE A 71 10.22 -7.33 5.45
N ASN A 72 10.44 -8.57 5.03
CA ASN A 72 10.87 -8.84 3.66
C ASN A 72 9.90 -8.25 2.65
N ASN A 73 8.62 -8.56 2.81
CA ASN A 73 7.59 -8.06 1.91
C ASN A 73 7.67 -6.54 1.78
N ILE A 74 7.61 -5.85 2.92
CA ILE A 74 7.68 -4.40 2.94
C ILE A 74 8.86 -3.89 2.12
N ASN A 75 10.07 -4.25 2.55
CA ASN A 75 11.29 -3.84 1.86
C ASN A 75 11.15 -4.04 0.35
N ASP A 76 10.64 -5.21 -0.03
CA ASP A 76 10.47 -5.54 -1.44
C ASP A 76 9.61 -4.47 -2.14
N PHE A 77 8.43 -4.23 -1.60
CA PHE A 77 7.52 -3.23 -2.17
C PHE A 77 8.25 -1.92 -2.45
N LEU A 78 9.13 -1.54 -1.54
CA LEU A 78 9.89 -0.31 -1.69
C LEU A 78 10.77 -0.36 -2.93
N LYS A 79 11.51 -1.45 -3.09
CA LYS A 79 12.39 -1.63 -4.24
C LYS A 79 11.76 -1.05 -5.50
N GLY A 80 10.44 -1.19 -5.62
CA GLY A 80 9.75 -0.66 -6.77
C GLY A 80 9.38 0.81 -6.63
N CYS A 81 8.98 1.19 -5.43
CA CYS A 81 8.60 2.57 -5.15
C CYS A 81 9.66 3.54 -5.68
N ALA A 82 10.93 3.21 -5.44
CA ALA A 82 12.02 4.05 -5.89
C ALA A 82 11.83 4.49 -7.34
N THR A 83 11.39 3.56 -8.18
CA THR A 83 11.16 3.85 -9.59
C THR A 83 10.31 5.09 -9.76
N LEU A 84 9.28 5.22 -8.92
CA LEU A 84 8.38 6.38 -8.99
C LEU A 84 9.07 7.62 -8.46
N GLN A 85 10.10 7.43 -7.66
CA GLN A 85 10.85 8.56 -7.09
C GLN A 85 9.94 9.45 -6.25
N VAL A 86 9.12 8.83 -5.41
CA VAL A 86 8.20 9.56 -4.56
C VAL A 86 8.53 9.36 -3.09
N GLU A 87 7.78 10.04 -2.22
CA GLU A 87 8.00 9.94 -0.79
C GLU A 87 7.94 8.48 -0.32
N ILE A 88 8.88 8.10 0.53
CA ILE A 88 8.94 6.74 1.05
C ILE A 88 9.03 6.74 2.57
N PHE A 89 9.09 5.54 3.16
CA PHE A 89 9.19 5.40 4.60
C PHE A 89 10.03 4.18 4.97
N ASP A 90 10.11 3.89 6.27
CA ASP A 90 10.89 2.76 6.75
C ASP A 90 9.97 1.60 7.14
N PRO A 91 10.53 0.39 7.19
CA PRO A 91 9.78 -0.82 7.55
C PRO A 91 9.38 -0.84 9.01
N ASP A 92 9.85 0.15 9.77
CA ASP A 92 9.53 0.25 11.18
C ASP A 92 8.23 1.01 11.40
N ASP A 93 8.10 2.16 10.74
CA ASP A 93 6.91 2.98 10.85
C ASP A 93 5.66 2.20 10.43
N LEU A 94 5.82 1.34 9.43
CA LEU A 94 4.72 0.52 8.93
C LEU A 94 4.52 -0.71 9.80
N TYR A 95 5.59 -1.45 10.02
CA TYR A 95 5.52 -2.66 10.84
C TYR A 95 4.92 -2.36 12.22
N SER A 96 5.57 -1.46 12.95
CA SER A 96 5.10 -1.09 14.28
C SER A 96 3.88 -0.19 14.19
N GLY A 97 4.05 0.99 13.60
CA GLY A 97 2.95 1.93 13.46
C GLY A 97 3.20 3.23 14.20
N VAL A 98 4.41 3.76 14.06
CA VAL A 98 4.78 5.01 14.72
C VAL A 98 4.36 6.21 13.88
N ASN A 99 4.76 6.21 12.62
CA ASN A 99 4.44 7.31 11.70
C ASN A 99 3.69 6.79 10.48
N PHE A 100 2.38 6.66 10.61
CA PHE A 100 1.54 6.17 9.51
C PHE A 100 1.37 7.26 8.45
N SER A 101 1.13 8.49 8.90
CA SER A 101 0.94 9.61 7.99
C SER A 101 1.81 9.46 6.75
N LYS A 102 3.04 9.01 6.94
CA LYS A 102 3.97 8.82 5.84
C LYS A 102 3.52 7.67 4.94
N VAL A 103 3.29 6.51 5.54
CA VAL A 103 2.85 5.34 4.79
C VAL A 103 1.64 5.66 3.93
N LEU A 104 0.73 6.46 4.46
CA LEU A 104 -0.48 6.85 3.74
C LEU A 104 -0.14 7.77 2.57
N SER A 105 0.60 8.83 2.85
CA SER A 105 1.00 9.79 1.83
C SER A 105 1.75 9.10 0.69
N THR A 106 2.71 8.26 1.06
CA THR A 106 3.51 7.53 0.08
C THR A 106 2.61 6.90 -0.98
N LEU A 107 1.61 6.15 -0.53
CA LEU A 107 0.68 5.49 -1.44
C LEU A 107 -0.09 6.50 -2.27
N LEU A 108 -0.52 7.58 -1.63
CA LEU A 108 -1.28 8.63 -2.32
C LEU A 108 -0.53 9.11 -3.55
N ALA A 109 0.78 9.28 -3.43
CA ALA A 109 1.60 9.73 -4.54
C ALA A 109 1.65 8.69 -5.65
N VAL A 110 2.03 7.47 -5.30
CA VAL A 110 2.11 6.38 -6.27
C VAL A 110 0.82 6.27 -7.08
N ASN A 111 -0.31 6.26 -6.38
CA ASN A 111 -1.60 6.16 -7.04
C ASN A 111 -1.77 7.25 -8.08
N LYS A 112 -1.34 8.46 -7.73
CA LYS A 112 -1.44 9.61 -8.64
C LYS A 112 -0.56 9.41 -9.87
N ALA A 113 0.73 9.21 -9.63
CA ALA A 113 1.68 8.99 -10.73
C ALA A 113 1.19 7.90 -11.68
N THR A 114 0.69 6.81 -11.11
CA THR A 114 0.20 5.70 -11.90
C THR A 114 -1.11 6.05 -12.59
N GLU A 115 -1.98 6.76 -11.88
CA GLU A 115 -3.27 7.18 -12.44
C GLU A 115 -3.13 7.56 -13.91
N SER A 116 -3.76 6.78 -14.77
CA SER A 116 -3.71 7.03 -16.21
C SER A 116 -5.08 7.46 -16.74
N GLY A 117 -6.12 6.74 -16.33
CA GLY A 117 -7.46 7.06 -16.77
C GLY A 117 -8.28 7.76 -15.69
N PRO A 118 -9.14 8.70 -16.11
CA PRO A 118 -9.99 9.45 -15.19
C PRO A 118 -11.08 8.59 -14.57
N SER A 119 -11.34 7.44 -15.18
CA SER A 119 -12.36 6.51 -14.68
C SER A 119 -12.02 6.02 -13.28
N SER A 120 -12.80 6.45 -12.30
CA SER A 120 -12.57 6.05 -10.92
C SER A 120 -13.89 5.89 -10.17
N GLY A 121 -13.83 5.30 -8.99
CA GLY A 121 -15.03 5.10 -8.19
C GLY A 121 -16.12 4.37 -8.95
#